data_6XGK
# 
_entry.id   6XGK 
# 
_audit_conform.dict_name       mmcif_pdbx.dic 
_audit_conform.dict_version    5.380 
_audit_conform.dict_location   http://mmcif.pdb.org/dictionaries/ascii/mmcif_pdbx.dic 
# 
loop_
_database_2.database_id 
_database_2.database_code 
_database_2.pdbx_database_accession 
_database_2.pdbx_DOI 
PDB   6XGK         pdb_00006xgk 10.2210/pdb6xgk/pdb 
WWPDB D_1000249816 ?            ?                   
# 
_pdbx_database_status.status_code                     REL 
_pdbx_database_status.status_code_sf                  REL 
_pdbx_database_status.status_code_mr                  ? 
_pdbx_database_status.entry_id                        6XGK 
_pdbx_database_status.recvd_initial_deposition_date   2020-06-17 
_pdbx_database_status.SG_entry                        N 
_pdbx_database_status.deposit_site                    RCSB 
_pdbx_database_status.process_site                    RCSB 
_pdbx_database_status.status_code_cs                  ? 
_pdbx_database_status.status_code_nmr_data            ? 
_pdbx_database_status.methods_development_category    ? 
_pdbx_database_status.pdb_format_compatible           Y 
# 
loop_
_audit_author.name 
_audit_author.pdbx_ordinal 
_audit_author.identifier_ORCID 
'Simmons, C.R.'      1 0000-0002-2290-6132 
'MacCulloch, T.'     2 0000-0001-5875-3361 
'Stephanopoulos, N.' 3 0000-0001-7859-410X 
'Yan, H.'            4 0000-0001-7397-9852 
# 
_citation.abstract                  ? 
_citation.abstract_id_CAS           ? 
_citation.book_id_ISBN              ? 
_citation.book_publisher            ? 
_citation.book_publisher_city       ? 
_citation.book_title                ? 
_citation.coordinate_linkage        ? 
_citation.country                   UK 
_citation.database_id_Medline       ? 
_citation.details                   ? 
_citation.id                        primary 
_citation.journal_abbrev            'Nat Commun' 
_citation.journal_id_ASTM           ? 
_citation.journal_id_CSD            ? 
_citation.journal_id_ISSN           2041-1723 
_citation.journal_full              ? 
_citation.journal_issue             ? 
_citation.journal_volume            13 
_citation.language                  ? 
_citation.page_first                3112 
_citation.page_last                 3112 
_citation.title                     'The influence of Holliday junction sequence and dynamics on DNA crystal self-assembly.' 
_citation.year                      2022 
_citation.database_id_CSD           ? 
_citation.pdbx_database_id_DOI      10.1038/s41467-022-30779-6 
_citation.pdbx_database_id_PubMed   35662248 
_citation.unpublished_flag          ? 
# 
loop_
_citation_author.citation_id 
_citation_author.name 
_citation_author.ordinal 
_citation_author.identifier_ORCID 
primary 'Simmons, C.R.'      1  ?                   
primary 'MacCulloch, T.'     2  ?                   
primary 'Krepl, M.'          3  0000-0002-9833-4281 
primary 'Matthies, M.'       4  ?                   
primary 'Buchberger, A.'     5  ?                   
primary 'Crawford, I.'       6  ?                   
primary 'Sponer, J.'         7  0000-0001-6558-6186 
primary 'Sulc, P.'           8  0000-0003-1565-6769 
primary 'Stephanopoulos, N.' 9  0000-0001-7859-410X 
primary 'Yan, H.'            10 0000-0001-7397-9852 
# 
_cell.angle_alpha                  90.000 
_cell.angle_alpha_esd              ? 
_cell.angle_beta                   90.000 
_cell.angle_beta_esd               ? 
_cell.angle_gamma                  120.000 
_cell.angle_gamma_esd              ? 
_cell.entry_id                     6XGK 
_cell.details                      ? 
_cell.formula_units_Z              ? 
_cell.length_a                     68.673 
_cell.length_a_esd                 ? 
_cell.length_b                     68.673 
_cell.length_b_esd                 ? 
_cell.length_c                     60.122 
_cell.length_c_esd                 ? 
_cell.volume                       ? 
_cell.volume_esd                   ? 
_cell.Z_PDB                        3 
_cell.reciprocal_angle_alpha       ? 
_cell.reciprocal_angle_beta        ? 
_cell.reciprocal_angle_gamma       ? 
_cell.reciprocal_angle_alpha_esd   ? 
_cell.reciprocal_angle_beta_esd    ? 
_cell.reciprocal_angle_gamma_esd   ? 
_cell.reciprocal_length_a          ? 
_cell.reciprocal_length_b          ? 
_cell.reciprocal_length_c          ? 
_cell.reciprocal_length_a_esd      ? 
_cell.reciprocal_length_b_esd      ? 
_cell.reciprocal_length_c_esd      ? 
_cell.pdbx_unique_axis             ? 
# 
_symmetry.entry_id                         6XGK 
_symmetry.cell_setting                     ? 
_symmetry.Int_Tables_number                145 
_symmetry.space_group_name_Hall            ? 
_symmetry.space_group_name_H-M             'P 32' 
_symmetry.pdbx_full_space_group_name_H-M   ? 
# 
loop_
_entity.id 
_entity.type 
_entity.src_method 
_entity.pdbx_description 
_entity.formula_weight 
_entity.pdbx_number_of_molecules 
_entity.pdbx_ec 
_entity.pdbx_mutation 
_entity.pdbx_fragment 
_entity.details 
1 polymer     syn 
;DNA (5'-D(*GP*AP*GP*CP*AP*GP*AP*CP*AP*TP*G)-3')
;
3407.249 1 ? ? ? ? 
2 polymer     syn 
;DNA (5'-D(P*AP*CP*TP*GP*CP*AP*CP*TP*CP*A)-3')
;
2988.982 1 ? ? ? ? 
3 polymer     syn 
;DNA (5'-D(P*CP*AP*AP*GP*T)-3')
;
1504.037 1 ? ? ? ? 
4 polymer     syn 
;DNA (5'-D(*TP*CP*TP*GP*AP*GP*TP*GP*CP*TP*GP*TP*CP*TP*GP*C)-3')
;
4896.162 1 ? ? ? ? 
5 non-polymer syn 'CACODYLATE ION'                                                 136.989  2 ? ? ? ? 
# 
loop_
_entity_poly.entity_id 
_entity_poly.type 
_entity_poly.nstd_linkage 
_entity_poly.nstd_monomer 
_entity_poly.pdbx_seq_one_letter_code 
_entity_poly.pdbx_seq_one_letter_code_can 
_entity_poly.pdbx_strand_id 
_entity_poly.pdbx_target_identifier 
1 polydeoxyribonucleotide no no '(DG)(DA)(DG)(DC)(DA)(DG)(DA)(DC)(DA)(DT)(DG)'                     GAGCAGACATG      A ? 
2 polydeoxyribonucleotide no no '(DA)(DC)(DT)(DG)(DC)(DA)(DC)(DT)(DC)(DA)'                         ACTGCACTCA       B ? 
3 polydeoxyribonucleotide no no '(DC)(DA)(DA)(DG)(DT)'                                             CAAGT            C ? 
4 polydeoxyribonucleotide no no '(DT)(DC)(DT)(DG)(DA)(DG)(DT)(DG)(DC)(DT)(DG)(DT)(DC)(DT)(DG)(DC)' TCTGAGTGCTGTCTGC D ? 
# 
loop_
_entity_poly_seq.entity_id 
_entity_poly_seq.num 
_entity_poly_seq.mon_id 
_entity_poly_seq.hetero 
1 1  DG n 
1 2  DA n 
1 3  DG n 
1 4  DC n 
1 5  DA n 
1 6  DG n 
1 7  DA n 
1 8  DC n 
1 9  DA n 
1 10 DT n 
1 11 DG n 
2 1  DA n 
2 2  DC n 
2 3  DT n 
2 4  DG n 
2 5  DC n 
2 6  DA n 
2 7  DC n 
2 8  DT n 
2 9  DC n 
2 10 DA n 
3 1  DC n 
3 2  DA n 
3 3  DA n 
3 4  DG n 
3 5  DT n 
4 1  DT n 
4 2  DC n 
4 3  DT n 
4 4  DG n 
4 5  DA n 
4 6  DG n 
4 7  DT n 
4 8  DG n 
4 9  DC n 
4 10 DT n 
4 11 DG n 
4 12 DT n 
4 13 DC n 
4 14 DT n 
4 15 DG n 
4 16 DC n 
# 
loop_
_pdbx_entity_src_syn.entity_id 
_pdbx_entity_src_syn.pdbx_src_id 
_pdbx_entity_src_syn.pdbx_alt_source_flag 
_pdbx_entity_src_syn.pdbx_beg_seq_num 
_pdbx_entity_src_syn.pdbx_end_seq_num 
_pdbx_entity_src_syn.organism_scientific 
_pdbx_entity_src_syn.organism_common_name 
_pdbx_entity_src_syn.ncbi_taxonomy_id 
_pdbx_entity_src_syn.details 
1 1 sample 1 11 'synthetic construct' ? 32630 ? 
2 1 sample 1 10 'synthetic construct' ? 32630 ? 
3 1 sample 1 5  'synthetic construct' ? 32630 ? 
4 1 sample 1 16 'synthetic construct' ? 32630 ? 
# 
loop_
_struct_ref.id 
_struct_ref.db_name 
_struct_ref.db_code 
_struct_ref.pdbx_db_accession 
_struct_ref.pdbx_db_isoform 
_struct_ref.entity_id 
_struct_ref.pdbx_seq_one_letter_code 
_struct_ref.pdbx_align_begin 
1 PDB 6XGK 6XGK ? 1 ? 1 
2 PDB 6XGK 6XGK ? 2 ? 1 
3 PDB 6XGK 6XGK ? 3 ? 1 
4 PDB 6XGK 6XGK ? 4 ? 1 
# 
loop_
_struct_ref_seq.align_id 
_struct_ref_seq.ref_id 
_struct_ref_seq.pdbx_PDB_id_code 
_struct_ref_seq.pdbx_strand_id 
_struct_ref_seq.seq_align_beg 
_struct_ref_seq.pdbx_seq_align_beg_ins_code 
_struct_ref_seq.seq_align_end 
_struct_ref_seq.pdbx_seq_align_end_ins_code 
_struct_ref_seq.pdbx_db_accession 
_struct_ref_seq.db_align_beg 
_struct_ref_seq.pdbx_db_align_beg_ins_code 
_struct_ref_seq.db_align_end 
_struct_ref_seq.pdbx_db_align_end_ins_code 
_struct_ref_seq.pdbx_auth_seq_align_beg 
_struct_ref_seq.pdbx_auth_seq_align_end 
1 1 6XGK A 1 ? 11 ? 6XGK 1  ? 11 ? 1  11 
2 2 6XGK B 1 ? 10 ? 6XGK 12 ? 21 ? 12 21 
3 3 6XGK C 1 ? 5  ? 6XGK 1  ? 5  ? 1  5  
4 4 6XGK D 1 ? 16 ? 6XGK 1  ? 16 ? 1  16 
# 
loop_
_chem_comp.id 
_chem_comp.type 
_chem_comp.mon_nstd_flag 
_chem_comp.name 
_chem_comp.pdbx_synonyms 
_chem_comp.formula 
_chem_comp.formula_weight 
CAC non-polymer   . 'CACODYLATE ION'                     dimethylarsinate 'C2 H6 As O2 -1'  136.989 
DA  'DNA linking' y "2'-DEOXYADENOSINE-5'-MONOPHOSPHATE" ?                'C10 H14 N5 O6 P' 331.222 
DC  'DNA linking' y "2'-DEOXYCYTIDINE-5'-MONOPHOSPHATE"  ?                'C9 H14 N3 O7 P'  307.197 
DG  'DNA linking' y "2'-DEOXYGUANOSINE-5'-MONOPHOSPHATE" ?                'C10 H14 N5 O7 P' 347.221 
DT  'DNA linking' y "THYMIDINE-5'-MONOPHOSPHATE"         ?                'C10 H15 N2 O8 P' 322.208 
# 
_exptl.absorpt_coefficient_mu     ? 
_exptl.absorpt_correction_T_max   ? 
_exptl.absorpt_correction_T_min   ? 
_exptl.absorpt_correction_type    ? 
_exptl.absorpt_process_details    ? 
_exptl.entry_id                   6XGK 
_exptl.crystals_number            1 
_exptl.details                    ? 
_exptl.method                     'X-RAY DIFFRACTION' 
_exptl.method_details             ? 
# 
_exptl_crystal.colour                      ? 
_exptl_crystal.density_diffrn              ? 
_exptl_crystal.density_Matthews            6.40 
_exptl_crystal.density_method              ? 
_exptl_crystal.density_percent_sol         80.77 
_exptl_crystal.description                 ? 
_exptl_crystal.F_000                       ? 
_exptl_crystal.id                          1 
_exptl_crystal.preparation                 ? 
_exptl_crystal.size_max                    ? 
_exptl_crystal.size_mid                    ? 
_exptl_crystal.size_min                    ? 
_exptl_crystal.size_rad                    ? 
_exptl_crystal.colour_lustre               ? 
_exptl_crystal.colour_modifier             ? 
_exptl_crystal.colour_primary              ? 
_exptl_crystal.density_meas                ? 
_exptl_crystal.density_meas_esd            ? 
_exptl_crystal.density_meas_gt             ? 
_exptl_crystal.density_meas_lt             ? 
_exptl_crystal.density_meas_temp           ? 
_exptl_crystal.density_meas_temp_esd       ? 
_exptl_crystal.density_meas_temp_gt        ? 
_exptl_crystal.density_meas_temp_lt        ? 
_exptl_crystal.pdbx_crystal_image_url      ? 
_exptl_crystal.pdbx_crystal_image_format   ? 
_exptl_crystal.pdbx_mosaicity              ? 
_exptl_crystal.pdbx_mosaicity_esd          ? 
# 
_exptl_crystal_grow.apparatus       ? 
_exptl_crystal_grow.atmosphere      ? 
_exptl_crystal_grow.crystal_id      1 
_exptl_crystal_grow.details         ? 
_exptl_crystal_grow.method          'VAPOR DIFFUSION, SITTING DROP' 
_exptl_crystal_grow.method_ref      ? 
_exptl_crystal_grow.pH              ? 
_exptl_crystal_grow.pressure        ? 
_exptl_crystal_grow.pressure_esd    ? 
_exptl_crystal_grow.seeding         ? 
_exptl_crystal_grow.seeding_ref     ? 
_exptl_crystal_grow.temp            298 
_exptl_crystal_grow.temp_details    'temperature gradient generated from 60 to 25 C at 0.3 degrees per hour' 
_exptl_crystal_grow.temp_esd        ? 
_exptl_crystal_grow.time            ? 
_exptl_crystal_grow.pdbx_details    
;0.5 mL of 0.05 M Cacodylate pH 6.5 with 36 mM MgCl2, 2.25 mM spermine, and 5% PEG 400 was added to the reservoir with 2 uL added to the drop containing 4 uL of DNA stock
;
_exptl_crystal_grow.pdbx_pH_range   ? 
# 
_diffrn.ambient_environment              ? 
_diffrn.ambient_temp                     100 
_diffrn.ambient_temp_details             ? 
_diffrn.ambient_temp_esd                 ? 
_diffrn.crystal_id                       1 
_diffrn.crystal_support                  ? 
_diffrn.crystal_treatment                ? 
_diffrn.details                          ? 
_diffrn.id                               1 
_diffrn.ambient_pressure                 ? 
_diffrn.ambient_pressure_esd             ? 
_diffrn.ambient_pressure_gt              ? 
_diffrn.ambient_pressure_lt              ? 
_diffrn.ambient_temp_gt                  ? 
_diffrn.ambient_temp_lt                  ? 
_diffrn.pdbx_serial_crystal_experiment   N 
# 
_diffrn_detector.details                      ? 
_diffrn_detector.detector                     PIXEL 
_diffrn_detector.diffrn_id                    1 
_diffrn_detector.type                         'DECTRIS PILATUS3 6M' 
_diffrn_detector.area_resol_mean              ? 
_diffrn_detector.dtime                        ? 
_diffrn_detector.pdbx_frames_total            ? 
_diffrn_detector.pdbx_collection_time_total   ? 
_diffrn_detector.pdbx_collection_date         2018-05-15 
_diffrn_detector.pdbx_frequency               ? 
# 
_diffrn_radiation.collimation                      ? 
_diffrn_radiation.diffrn_id                        1 
_diffrn_radiation.filter_edge                      ? 
_diffrn_radiation.inhomogeneity                    ? 
_diffrn_radiation.monochromator                    ? 
_diffrn_radiation.polarisn_norm                    ? 
_diffrn_radiation.polarisn_ratio                   ? 
_diffrn_radiation.probe                            ? 
_diffrn_radiation.type                             ? 
_diffrn_radiation.xray_symbol                      ? 
_diffrn_radiation.wavelength_id                    1 
_diffrn_radiation.pdbx_monochromatic_or_laue_m_l   M 
_diffrn_radiation.pdbx_wavelength_list             ? 
_diffrn_radiation.pdbx_wavelength                  ? 
_diffrn_radiation.pdbx_diffrn_protocol             'SINGLE WAVELENGTH' 
_diffrn_radiation.pdbx_analyzer                    ? 
_diffrn_radiation.pdbx_scattering_type             x-ray 
# 
_diffrn_radiation_wavelength.id           1 
_diffrn_radiation_wavelength.wavelength   1 
_diffrn_radiation_wavelength.wt           1.0 
# 
_diffrn_source.current                     ? 
_diffrn_source.details                     ? 
_diffrn_source.diffrn_id                   1 
_diffrn_source.power                       ? 
_diffrn_source.size                        ? 
_diffrn_source.source                      SYNCHROTRON 
_diffrn_source.target                      ? 
_diffrn_source.type                        'ALS BEAMLINE 5.0.2' 
_diffrn_source.voltage                     ? 
_diffrn_source.take-off_angle              ? 
_diffrn_source.pdbx_wavelength_list        1 
_diffrn_source.pdbx_wavelength             ? 
_diffrn_source.pdbx_synchrotron_beamline   5.0.2 
_diffrn_source.pdbx_synchrotron_site       ALS 
# 
_reflns.B_iso_Wilson_estimate            107.930 
_reflns.entry_id                         6XGK 
_reflns.data_reduction_details           ? 
_reflns.data_reduction_method            ? 
_reflns.d_resolution_high                3.050 
_reflns.d_resolution_low                 50.000 
_reflns.details                          ? 
_reflns.limit_h_max                      ? 
_reflns.limit_h_min                      ? 
_reflns.limit_k_max                      ? 
_reflns.limit_k_min                      ? 
_reflns.limit_l_max                      ? 
_reflns.limit_l_min                      ? 
_reflns.number_all                       ? 
_reflns.number_obs                       5471 
_reflns.observed_criterion               ? 
_reflns.observed_criterion_F_max         ? 
_reflns.observed_criterion_F_min         ? 
_reflns.observed_criterion_I_max         ? 
_reflns.observed_criterion_I_min         ? 
_reflns.observed_criterion_sigma_F       ? 
_reflns.observed_criterion_sigma_I       ? 
_reflns.percent_possible_obs             91.900 
_reflns.R_free_details                   ? 
_reflns.Rmerge_F_all                     ? 
_reflns.Rmerge_F_obs                     ? 
_reflns.Friedel_coverage                 ? 
_reflns.number_gt                        ? 
_reflns.threshold_expression             ? 
_reflns.pdbx_redundancy                  9.600 
_reflns.pdbx_Rmerge_I_obs                0.068 
_reflns.pdbx_Rmerge_I_all                ? 
_reflns.pdbx_Rsym_value                  ? 
_reflns.pdbx_netI_over_av_sigmaI         ? 
_reflns.pdbx_netI_over_sigmaI            7.400 
_reflns.pdbx_res_netI_over_av_sigmaI_2   ? 
_reflns.pdbx_res_netI_over_sigmaI_2      ? 
_reflns.pdbx_chi_squared                 0.818 
_reflns.pdbx_scaling_rejects             ? 
_reflns.pdbx_d_res_high_opt              ? 
_reflns.pdbx_d_res_low_opt               ? 
_reflns.pdbx_d_res_opt_method            ? 
_reflns.phase_calculation_details        ? 
_reflns.pdbx_Rrim_I_all                  0.072 
_reflns.pdbx_Rpim_I_all                  0.023 
_reflns.pdbx_d_opt                       ? 
_reflns.pdbx_number_measured_all         ? 
_reflns.pdbx_diffrn_id                   1 
_reflns.pdbx_ordinal                     1 
_reflns.pdbx_CC_half                     0.985 
_reflns.pdbx_CC_star                     ? 
_reflns.pdbx_R_split                     ? 
# 
loop_
_reflns_shell.d_res_high 
_reflns_shell.d_res_low 
_reflns_shell.meanI_over_sigI_all 
_reflns_shell.meanI_over_sigI_obs 
_reflns_shell.number_measured_all 
_reflns_shell.number_measured_obs 
_reflns_shell.number_possible 
_reflns_shell.number_unique_all 
_reflns_shell.number_unique_obs 
_reflns_shell.percent_possible_all 
_reflns_shell.percent_possible_obs 
_reflns_shell.Rmerge_F_all 
_reflns_shell.Rmerge_F_obs 
_reflns_shell.Rmerge_I_all 
_reflns_shell.Rmerge_I_obs 
_reflns_shell.meanI_over_sigI_gt 
_reflns_shell.meanI_over_uI_all 
_reflns_shell.meanI_over_uI_gt 
_reflns_shell.number_measured_gt 
_reflns_shell.number_unique_gt 
_reflns_shell.percent_possible_gt 
_reflns_shell.Rmerge_F_gt 
_reflns_shell.Rmerge_I_gt 
_reflns_shell.pdbx_redundancy 
_reflns_shell.pdbx_Rsym_value 
_reflns_shell.pdbx_chi_squared 
_reflns_shell.pdbx_netI_over_sigmaI_all 
_reflns_shell.pdbx_netI_over_sigmaI_obs 
_reflns_shell.pdbx_Rrim_I_all 
_reflns_shell.pdbx_Rpim_I_all 
_reflns_shell.pdbx_rejects 
_reflns_shell.pdbx_ordinal 
_reflns_shell.pdbx_diffrn_id 
_reflns_shell.pdbx_CC_half 
_reflns_shell.pdbx_CC_star 
_reflns_shell.pdbx_R_split 
3.050 3.100  ? ? ? ? ? ? 190 62.100  ? ? ? ? 0.357 ? ? ? ? ? ? ? ? 8.000  ? 0.505 ? ? 0.381 0.129 ? 1  1 0.970 ? ? 
3.100 3.160  ? ? ? ? ? ? 191 66.600  ? ? ? ? 0.279 ? ? ? ? ? ? ? ? 8.300  ? 0.537 ? ? 0.296 0.098 ? 2  1 0.987 ? ? 
3.160 3.220  ? ? ? ? ? ? 211 70.300  ? ? ? ? 0.139 ? ? ? ? ? ? ? ? 8.100  ? 0.617 ? ? 0.147 0.048 ? 3  1 0.998 ? ? 
3.220 3.290  ? ? ? ? ? ? 233 77.700  ? ? ? ? 0.118 ? ? ? ? ? ? ? ? 8.600  ? 0.804 ? ? 0.125 0.039 ? 4  1 0.999 ? ? 
3.290 3.360  ? ? ? ? ? ? 249 84.100  ? ? ? ? 0.154 ? ? ? ? ? ? ? ? 8.700  ? 0.620 ? ? 0.163 0.052 ? 5  1 0.996 ? ? 
3.360 3.430  ? ? ? ? ? ? 266 89.600  ? ? ? ? 0.121 ? ? ? ? ? ? ? ? 9.100  ? 0.814 ? ? 0.128 0.040 ? 6  1 0.998 ? ? 
3.430 3.520  ? ? ? ? ? ? 275 94.800  ? ? ? ? 0.212 ? ? ? ? ? ? ? ? 8.700  ? 0.528 ? ? 0.225 0.073 ? 7  1 0.994 ? ? 
3.520 3.620  ? ? ? ? ? ? 300 97.400  ? ? ? ? 0.209 ? ? ? ? ? ? ? ? 9.400  ? 0.559 ? ? 0.220 0.070 ? 8  1 0.994 ? ? 
3.620 3.720  ? ? ? ? ? ? 280 98.900  ? ? ? ? 0.292 ? ? ? ? ? ? ? ? 8.900  ? 0.494 ? ? 0.310 0.101 ? 9  1 0.982 ? ? 
3.720 3.840  ? ? ? ? ? ? 300 100.000 ? ? ? ? 0.206 ? ? ? ? ? ? ? ? 9.300  ? 0.533 ? ? 0.218 0.071 ? 10 1 0.991 ? ? 
3.840 3.980  ? ? ? ? ? ? 300 100.000 ? ? ? ? 0.170 ? ? ? ? ? ? ? ? 9.800  ? 0.631 ? ? 0.180 0.057 ? 11 1 0.995 ? ? 
3.980 4.140  ? ? ? ? ? ? 308 100.000 ? ? ? ? 0.127 ? ? ? ? ? ? ? ? 10.600 ? 0.662 ? ? 0.133 0.041 ? 12 1 0.997 ? ? 
4.140 4.330  ? ? ? ? ? ? 295 100.000 ? ? ? ? 0.121 ? ? ? ? ? ? ? ? 10.800 ? 0.646 ? ? 0.127 0.039 ? 13 1 0.996 ? ? 
4.330 4.560  ? ? ? ? ? ? 304 100.000 ? ? ? ? 0.107 ? ? ? ? ? ? ? ? 10.700 ? 0.669 ? ? 0.113 0.034 ? 14 1 0.997 ? ? 
4.560 4.840  ? ? ? ? ? ? 280 100.000 ? ? ? ? 0.095 ? ? ? ? ? ? ? ? 10.400 ? 0.795 ? ? 0.100 0.031 ? 15 1 0.998 ? ? 
4.840 5.210  ? ? ? ? ? ? 299 100.000 ? ? ? ? 0.071 ? ? ? ? ? ? ? ? 10.000 ? 0.924 ? ? 0.075 0.024 ? 16 1 0.997 ? ? 
5.210 5.740  ? ? ? ? ? ? 309 100.000 ? ? ? ? 0.060 ? ? ? ? ? ? ? ? 10.700 ? 1.117 ? ? 0.063 0.019 ? 17 1 0.998 ? ? 
5.740 6.570  ? ? ? ? ? ? 296 100.000 ? ? ? ? 0.058 ? ? ? ? ? ? ? ? 10.900 ? 1.068 ? ? 0.061 0.019 ? 18 1 0.998 ? ? 
6.570 8.270  ? ? ? ? ? ? 302 99.700  ? ? ? ? 0.049 ? ? ? ? ? ? ? ? 10.000 ? 1.357 ? ? 0.052 0.016 ? 19 1 0.999 ? ? 
8.270 50.000 ? ? ? ? ? ? 283 96.900  ? ? ? ? 0.048 ? ? ? ? ? ? ? ? 10.000 ? 1.929 ? ? 0.052 0.017 ? 20 1 0.997 ? ? 
# 
_refine.aniso_B[1][1]                            ? 
_refine.aniso_B[1][2]                            ? 
_refine.aniso_B[1][3]                            ? 
_refine.aniso_B[2][2]                            ? 
_refine.aniso_B[2][3]                            ? 
_refine.aniso_B[3][3]                            ? 
_refine.B_iso_max                                184.690 
_refine.B_iso_mean                               116.0985 
_refine.B_iso_min                                55.310 
_refine.correlation_coeff_Fo_to_Fc               ? 
_refine.correlation_coeff_Fo_to_Fc_free          ? 
_refine.details                                  ? 
_refine.diff_density_max                         ? 
_refine.diff_density_max_esd                     ? 
_refine.diff_density_min                         ? 
_refine.diff_density_min_esd                     ? 
_refine.diff_density_rms                         ? 
_refine.diff_density_rms_esd                     ? 
_refine.entry_id                                 6XGK 
_refine.pdbx_refine_id                           'X-RAY DIFFRACTION' 
_refine.ls_abs_structure_details                 ? 
_refine.ls_abs_structure_Flack                   ? 
_refine.ls_abs_structure_Flack_esd               ? 
_refine.ls_abs_structure_Rogers                  ? 
_refine.ls_abs_structure_Rogers_esd              ? 
_refine.ls_d_res_high                            3.0630 
_refine.ls_d_res_low                             34.3370 
_refine.ls_extinction_coef                       ? 
_refine.ls_extinction_coef_esd                   ? 
_refine.ls_extinction_expression                 ? 
_refine.ls_extinction_method                     ? 
_refine.ls_goodness_of_fit_all                   ? 
_refine.ls_goodness_of_fit_all_esd               ? 
_refine.ls_goodness_of_fit_obs                   ? 
_refine.ls_goodness_of_fit_obs_esd               ? 
_refine.ls_hydrogen_treatment                    ? 
_refine.ls_matrix_type                           ? 
_refine.ls_number_constraints                    ? 
_refine.ls_number_parameters                     ? 
_refine.ls_number_reflns_all                     ? 
_refine.ls_number_reflns_obs                     5364 
_refine.ls_number_reflns_R_free                  258 
_refine.ls_number_reflns_R_work                  5106 
_refine.ls_number_restraints                     ? 
_refine.ls_percent_reflns_obs                    89.8900 
_refine.ls_percent_reflns_R_free                 4.8100 
_refine.ls_R_factor_all                          ? 
_refine.ls_R_factor_obs                          0.1973 
_refine.ls_R_factor_R_free                       0.2108 
_refine.ls_R_factor_R_free_error                 ? 
_refine.ls_R_factor_R_free_error_details         ? 
_refine.ls_R_factor_R_work                       0.1965 
_refine.ls_R_Fsqd_factor_obs                     ? 
_refine.ls_R_I_factor_obs                        ? 
_refine.ls_redundancy_reflns_all                 ? 
_refine.ls_redundancy_reflns_obs                 ? 
_refine.ls_restrained_S_all                      ? 
_refine.ls_restrained_S_obs                      ? 
_refine.ls_shift_over_esd_max                    ? 
_refine.ls_shift_over_esd_mean                   ? 
_refine.ls_structure_factor_coef                 ? 
_refine.ls_weighting_details                     ? 
_refine.ls_weighting_scheme                      ? 
_refine.ls_wR_factor_all                         ? 
_refine.ls_wR_factor_obs                         ? 
_refine.ls_wR_factor_R_free                      ? 
_refine.ls_wR_factor_R_work                      ? 
_refine.occupancy_max                            ? 
_refine.occupancy_min                            ? 
_refine.solvent_model_details                    'FLAT BULK SOLVENT MODEL' 
_refine.solvent_model_param_bsol                 ? 
_refine.solvent_model_param_ksol                 ? 
_refine.pdbx_R_complete                          ? 
_refine.ls_R_factor_gt                           ? 
_refine.ls_goodness_of_fit_gt                    ? 
_refine.ls_goodness_of_fit_ref                   ? 
_refine.ls_shift_over_su_max                     ? 
_refine.ls_shift_over_su_max_lt                  ? 
_refine.ls_shift_over_su_mean                    ? 
_refine.ls_shift_over_su_mean_lt                 ? 
_refine.pdbx_ls_sigma_I                          ? 
_refine.pdbx_ls_sigma_F                          2.000 
_refine.pdbx_ls_sigma_Fsqd                       ? 
_refine.pdbx_data_cutoff_high_absF               ? 
_refine.pdbx_data_cutoff_high_rms_absF           ? 
_refine.pdbx_data_cutoff_low_absF                ? 
_refine.pdbx_isotropic_thermal_model             ? 
_refine.pdbx_ls_cross_valid_method               THROUGHOUT 
_refine.pdbx_method_to_determine_struct          'MOLECULAR REPLACEMENT' 
_refine.pdbx_starting_model                      6x8c 
_refine.pdbx_stereochemistry_target_values       ML 
_refine.pdbx_R_Free_selection_details            ? 
_refine.pdbx_stereochem_target_val_spec_case     ? 
_refine.pdbx_overall_ESU_R                       ? 
_refine.pdbx_overall_ESU_R_Free                  ? 
_refine.pdbx_solvent_vdw_probe_radii             1.1100 
_refine.pdbx_solvent_ion_probe_radii             ? 
_refine.pdbx_solvent_shrinkage_radii             0.9000 
_refine.pdbx_real_space_R                        ? 
_refine.pdbx_density_correlation                 ? 
_refine.pdbx_pd_number_of_powder_patterns        ? 
_refine.pdbx_pd_number_of_points                 ? 
_refine.pdbx_pd_meas_number_of_points            ? 
_refine.pdbx_pd_proc_ls_prof_R_factor            ? 
_refine.pdbx_pd_proc_ls_prof_wR_factor           ? 
_refine.pdbx_pd_Marquardt_correlation_coeff      ? 
_refine.pdbx_pd_Fsqrd_R_factor                   ? 
_refine.pdbx_pd_ls_matrix_band_width             ? 
_refine.pdbx_overall_phase_error                 26.8300 
_refine.pdbx_overall_SU_R_free_Cruickshank_DPI   ? 
_refine.pdbx_overall_SU_R_free_Blow_DPI          ? 
_refine.pdbx_overall_SU_R_Blow_DPI               ? 
_refine.pdbx_TLS_residual_ADP_flag               ? 
_refine.pdbx_diffrn_id                           1 
_refine.overall_SU_B                             ? 
_refine.overall_SU_ML                            0.1300 
_refine.overall_SU_R_Cruickshank_DPI             ? 
_refine.overall_SU_R_free                        ? 
_refine.overall_FOM_free_R_set                   ? 
_refine.overall_FOM_work_R_set                   ? 
_refine.pdbx_average_fsc_overall                 ? 
_refine.pdbx_average_fsc_work                    ? 
_refine.pdbx_average_fsc_free                    ? 
# 
_refine_hist.pdbx_refine_id                   'X-RAY DIFFRACTION' 
_refine_hist.cycle_id                         final 
_refine_hist.details                          ? 
_refine_hist.d_res_high                       3.0630 
_refine_hist.d_res_low                        34.3370 
_refine_hist.number_atoms_solvent             0 
_refine_hist.number_atoms_total               857 
_refine_hist.number_reflns_all                ? 
_refine_hist.number_reflns_obs                ? 
_refine_hist.number_reflns_R_free             ? 
_refine_hist.number_reflns_R_work             ? 
_refine_hist.R_factor_all                     ? 
_refine_hist.R_factor_obs                     ? 
_refine_hist.R_factor_R_free                  ? 
_refine_hist.R_factor_R_work                  ? 
_refine_hist.pdbx_number_residues_total       42 
_refine_hist.pdbx_B_iso_mean_ligand           147.16 
_refine_hist.pdbx_B_iso_mean_solvent          ? 
_refine_hist.pdbx_number_atoms_protein        0 
_refine_hist.pdbx_number_atoms_nucleic_acid   855 
_refine_hist.pdbx_number_atoms_ligand         2 
_refine_hist.pdbx_number_atoms_lipid          ? 
_refine_hist.pdbx_number_atoms_carb           ? 
_refine_hist.pdbx_pseudo_atom_details         ? 
# 
loop_
_refine_ls_restr.pdbx_refine_id 
_refine_ls_restr.criterion 
_refine_ls_restr.dev_ideal 
_refine_ls_restr.dev_ideal_target 
_refine_ls_restr.number 
_refine_ls_restr.rejects 
_refine_ls_restr.type 
_refine_ls_restr.weight 
_refine_ls_restr.pdbx_restraint_function 
'X-RAY DIFFRACTION' ? 0.015  ? 956  ? f_bond_d           ? ? 
'X-RAY DIFFRACTION' ? 1.463  ? 1467 ? f_angle_d          ? ? 
'X-RAY DIFFRACTION' ? 0.085  ? 166  ? f_chiral_restr     ? ? 
'X-RAY DIFFRACTION' ? 0.009  ? 42   ? f_plane_restr      ? ? 
'X-RAY DIFFRACTION' ? 34.398 ? 406  ? f_dihedral_angle_d ? ? 
# 
loop_
_refine_ls_shell.pdbx_refine_id 
_refine_ls_shell.d_res_high 
_refine_ls_shell.d_res_low 
_refine_ls_shell.number_reflns_all 
_refine_ls_shell.number_reflns_obs 
_refine_ls_shell.number_reflns_R_free 
_refine_ls_shell.number_reflns_R_work 
_refine_ls_shell.percent_reflns_obs 
_refine_ls_shell.percent_reflns_R_free 
_refine_ls_shell.R_factor_all 
_refine_ls_shell.R_factor_obs 
_refine_ls_shell.R_factor_R_free 
_refine_ls_shell.R_factor_R_free_error 
_refine_ls_shell.R_factor_R_work 
_refine_ls_shell.redundancy_reflns_all 
_refine_ls_shell.redundancy_reflns_obs 
_refine_ls_shell.wR_factor_all 
_refine_ls_shell.wR_factor_obs 
_refine_ls_shell.wR_factor_R_free 
_refine_ls_shell.wR_factor_R_work 
_refine_ls_shell.pdbx_R_complete 
_refine_ls_shell.pdbx_total_number_of_bins_used 
_refine_ls_shell.pdbx_phase_error 
_refine_ls_shell.pdbx_fsc_work 
_refine_ls_shell.pdbx_fsc_free 
'X-RAY DIFFRACTION' 3.0633 3.8587 . . 107 2285 80.0000  . . . 0.3274 0.0000 0.3239 . . . . . . . . . . . 
'X-RAY DIFFRACTION' 3.8587 34.337 . . 151 2821 100.0000 . . . 0.1890 0.0000 0.1681 . . . . . . . . . . . 
# 
_struct.entry_id                     6XGK 
_struct.title                        
'Self-assembly of a 3D DNA crystal lattice (4x5 junction version) containing the J35 immobile Holliday junction' 
_struct.pdbx_model_details           ? 
_struct.pdbx_formula_weight          ? 
_struct.pdbx_formula_weight_method   ? 
_struct.pdbx_model_type_details      ? 
_struct.pdbx_CASP_flag               N 
# 
_struct_keywords.entry_id        6XGK 
_struct_keywords.text            
'Structural DNA nanotechnology, immobile Holliday junctions, 3D DNA self-assembly, designer DNA crystals, DNA' 
_struct_keywords.pdbx_keywords   DNA 
# 
loop_
_struct_asym.id 
_struct_asym.pdbx_blank_PDB_chainid_flag 
_struct_asym.pdbx_modified 
_struct_asym.entity_id 
_struct_asym.details 
A N N 1 ? 
B N N 2 ? 
C N N 3 ? 
D N N 4 ? 
E N N 5 ? 
F N N 5 ? 
# 
loop_
_struct_conn.id 
_struct_conn.conn_type_id 
_struct_conn.pdbx_leaving_atom_flag 
_struct_conn.pdbx_PDB_id 
_struct_conn.ptnr1_label_asym_id 
_struct_conn.ptnr1_label_comp_id 
_struct_conn.ptnr1_label_seq_id 
_struct_conn.ptnr1_label_atom_id 
_struct_conn.pdbx_ptnr1_label_alt_id 
_struct_conn.pdbx_ptnr1_PDB_ins_code 
_struct_conn.pdbx_ptnr1_standard_comp_id 
_struct_conn.ptnr1_symmetry 
_struct_conn.ptnr2_label_asym_id 
_struct_conn.ptnr2_label_comp_id 
_struct_conn.ptnr2_label_seq_id 
_struct_conn.ptnr2_label_atom_id 
_struct_conn.pdbx_ptnr2_label_alt_id 
_struct_conn.pdbx_ptnr2_PDB_ins_code 
_struct_conn.ptnr1_auth_asym_id 
_struct_conn.ptnr1_auth_comp_id 
_struct_conn.ptnr1_auth_seq_id 
_struct_conn.ptnr2_auth_asym_id 
_struct_conn.ptnr2_auth_comp_id 
_struct_conn.ptnr2_auth_seq_id 
_struct_conn.ptnr2_symmetry 
_struct_conn.pdbx_ptnr3_label_atom_id 
_struct_conn.pdbx_ptnr3_label_seq_id 
_struct_conn.pdbx_ptnr3_label_comp_id 
_struct_conn.pdbx_ptnr3_label_asym_id 
_struct_conn.pdbx_ptnr3_label_alt_id 
_struct_conn.pdbx_ptnr3_PDB_ins_code 
_struct_conn.details 
_struct_conn.pdbx_dist_value 
_struct_conn.pdbx_value_order 
_struct_conn.pdbx_role 
hydrog1  hydrog ? ? A DG 3  N1 ? ? ? 1_555 D DC 16 N3 ? ? A DG 3  D DC 16 1_555 ? ? ? ? ? ? WATSON-CRICK ? ? ? 
hydrog2  hydrog ? ? A DG 3  N2 ? ? ? 1_555 D DC 16 O2 ? ? A DG 3  D DC 16 1_555 ? ? ? ? ? ? WATSON-CRICK ? ? ? 
hydrog3  hydrog ? ? A DG 3  O6 ? ? ? 1_555 D DC 16 N4 ? ? A DG 3  D DC 16 1_555 ? ? ? ? ? ? WATSON-CRICK ? ? ? 
hydrog4  hydrog ? ? A DC 4  N3 ? ? ? 1_555 D DG 15 N1 ? ? A DC 4  D DG 15 1_555 ? ? ? ? ? ? WATSON-CRICK ? ? ? 
hydrog5  hydrog ? ? A DC 4  N4 ? ? ? 1_555 D DG 15 O6 ? ? A DC 4  D DG 15 1_555 ? ? ? ? ? ? WATSON-CRICK ? ? ? 
hydrog6  hydrog ? ? A DC 4  O2 ? ? ? 1_555 D DG 15 N2 ? ? A DC 4  D DG 15 1_555 ? ? ? ? ? ? WATSON-CRICK ? ? ? 
hydrog7  hydrog ? ? A DA 5  N1 ? ? ? 1_555 D DT 14 N3 ? ? A DA 5  D DT 14 1_555 ? ? ? ? ? ? WATSON-CRICK ? ? ? 
hydrog8  hydrog ? ? A DA 5  N6 ? ? ? 1_555 D DT 14 O4 ? ? A DA 5  D DT 14 1_555 ? ? ? ? ? ? WATSON-CRICK ? ? ? 
hydrog9  hydrog ? ? A DG 6  N1 ? ? ? 1_555 D DC 13 N3 ? ? A DG 6  D DC 13 1_555 ? ? ? ? ? ? WATSON-CRICK ? ? ? 
hydrog10 hydrog ? ? A DG 6  N2 ? ? ? 1_555 D DC 13 O2 ? ? A DG 6  D DC 13 1_555 ? ? ? ? ? ? WATSON-CRICK ? ? ? 
hydrog11 hydrog ? ? A DG 6  O6 ? ? ? 1_555 D DC 13 N4 ? ? A DG 6  D DC 13 1_555 ? ? ? ? ? ? WATSON-CRICK ? ? ? 
hydrog12 hydrog ? ? A DA 7  N1 ? ? ? 1_555 D DT 12 N3 ? ? A DA 7  D DT 12 1_555 ? ? ? ? ? ? WATSON-CRICK ? ? ? 
hydrog13 hydrog ? ? A DA 7  N6 ? ? ? 1_555 D DT 12 O4 ? ? A DA 7  D DT 12 1_555 ? ? ? ? ? ? WATSON-CRICK ? ? ? 
hydrog14 hydrog ? ? A DC 8  N3 ? ? ? 1_555 D DG 11 N1 ? ? A DC 8  D DG 11 1_555 ? ? ? ? ? ? WATSON-CRICK ? ? ? 
hydrog15 hydrog ? ? A DC 8  N4 ? ? ? 1_555 D DG 11 O6 ? ? A DC 8  D DG 11 1_555 ? ? ? ? ? ? WATSON-CRICK ? ? ? 
hydrog16 hydrog ? ? A DC 8  O2 ? ? ? 1_555 D DG 11 N2 ? ? A DC 8  D DG 11 1_555 ? ? ? ? ? ? WATSON-CRICK ? ? ? 
hydrog17 hydrog ? ? A DA 9  N1 ? ? ? 1_555 D DT 10 N3 ? ? A DA 9  D DT 10 1_555 ? ? ? ? ? ? WATSON-CRICK ? ? ? 
hydrog18 hydrog ? ? A DA 9  N6 ? ? ? 1_555 D DT 10 O4 ? ? A DA 9  D DT 10 1_555 ? ? ? ? ? ? WATSON-CRICK ? ? ? 
hydrog19 hydrog ? ? A DT 10 N3 ? ? ? 1_555 C DA 2  N1 ? ? A DT 10 C DA 2  1_555 ? ? ? ? ? ? WATSON-CRICK ? ? ? 
hydrog20 hydrog ? ? A DT 10 O4 ? ? ? 1_555 C DA 2  N6 ? ? A DT 10 C DA 2  1_555 ? ? ? ? ? ? WATSON-CRICK ? ? ? 
hydrog21 hydrog ? ? A DG 11 N1 ? ? ? 1_555 C DC 1  N3 ? ? A DG 11 C DC 1  1_555 ? ? ? ? ? ? WATSON-CRICK ? ? ? 
hydrog22 hydrog ? ? A DG 11 N2 ? ? ? 1_555 C DC 1  O2 ? ? A DG 11 C DC 1  1_555 ? ? ? ? ? ? WATSON-CRICK ? ? ? 
hydrog23 hydrog ? ? A DG 11 O6 ? ? ? 1_555 C DC 1  N4 ? ? A DG 11 C DC 1  1_555 ? ? ? ? ? ? WATSON-CRICK ? ? ? 
hydrog24 hydrog ? ? B DA 1  N1 ? ? ? 1_555 C DT 5  N3 ? ? B DA 12 C DT 5  1_555 ? ? ? ? ? ? WATSON-CRICK ? ? ? 
hydrog25 hydrog ? ? B DA 1  N6 ? ? ? 1_555 C DT 5  O4 ? ? B DA 12 C DT 5  1_555 ? ? ? ? ? ? WATSON-CRICK ? ? ? 
hydrog26 hydrog ? ? B DC 2  N3 ? ? ? 1_555 C DG 4  N1 ? ? B DC 13 C DG 4  1_555 ? ? ? ? ? ? WATSON-CRICK ? ? ? 
hydrog27 hydrog ? ? B DC 2  N4 ? ? ? 1_555 C DG 4  O6 ? ? B DC 13 C DG 4  1_555 ? ? ? ? ? ? WATSON-CRICK ? ? ? 
hydrog28 hydrog ? ? B DC 2  O2 ? ? ? 1_555 C DG 4  N2 ? ? B DC 13 C DG 4  1_555 ? ? ? ? ? ? WATSON-CRICK ? ? ? 
hydrog29 hydrog ? ? B DT 3  N3 ? ? ? 1_555 C DA 3  N1 ? ? B DT 14 C DA 3  1_555 ? ? ? ? ? ? WATSON-CRICK ? ? ? 
hydrog30 hydrog ? ? B DT 3  O4 ? ? ? 1_555 C DA 3  N6 ? ? B DT 14 C DA 3  1_555 ? ? ? ? ? ? WATSON-CRICK ? ? ? 
hydrog31 hydrog ? ? B DG 4  N1 ? ? ? 1_555 D DC 9  N3 ? ? B DG 15 D DC 9  1_555 ? ? ? ? ? ? WATSON-CRICK ? ? ? 
hydrog32 hydrog ? ? B DG 4  N2 ? ? ? 1_555 D DC 9  O2 ? ? B DG 15 D DC 9  1_555 ? ? ? ? ? ? WATSON-CRICK ? ? ? 
hydrog33 hydrog ? ? B DG 4  O6 ? ? ? 1_555 D DC 9  N4 ? ? B DG 15 D DC 9  1_555 ? ? ? ? ? ? WATSON-CRICK ? ? ? 
hydrog34 hydrog ? ? B DC 5  N3 ? ? ? 1_555 D DG 8  N1 ? ? B DC 16 D DG 8  1_555 ? ? ? ? ? ? WATSON-CRICK ? ? ? 
hydrog35 hydrog ? ? B DC 5  N4 ? ? ? 1_555 D DG 8  O6 ? ? B DC 16 D DG 8  1_555 ? ? ? ? ? ? WATSON-CRICK ? ? ? 
hydrog36 hydrog ? ? B DC 5  O2 ? ? ? 1_555 D DG 8  N2 ? ? B DC 16 D DG 8  1_555 ? ? ? ? ? ? WATSON-CRICK ? ? ? 
hydrog37 hydrog ? ? B DA 6  N1 ? ? ? 1_555 D DT 7  N3 ? ? B DA 17 D DT 7  1_555 ? ? ? ? ? ? WATSON-CRICK ? ? ? 
hydrog38 hydrog ? ? B DA 6  N6 ? ? ? 1_555 D DT 7  O4 ? ? B DA 17 D DT 7  1_555 ? ? ? ? ? ? WATSON-CRICK ? ? ? 
hydrog39 hydrog ? ? B DC 7  N3 ? ? ? 1_555 D DG 6  N1 ? ? B DC 18 D DG 6  1_555 ? ? ? ? ? ? WATSON-CRICK ? ? ? 
hydrog40 hydrog ? ? B DC 7  N4 ? ? ? 1_555 D DG 6  O6 ? ? B DC 18 D DG 6  1_555 ? ? ? ? ? ? WATSON-CRICK ? ? ? 
hydrog41 hydrog ? ? B DC 7  O2 ? ? ? 1_555 D DG 6  N2 ? ? B DC 18 D DG 6  1_555 ? ? ? ? ? ? WATSON-CRICK ? ? ? 
hydrog42 hydrog ? ? B DT 8  N3 ? ? ? 1_555 D DA 5  N1 ? ? B DT 19 D DA 5  1_555 ? ? ? ? ? ? WATSON-CRICK ? ? ? 
hydrog43 hydrog ? ? B DT 8  O4 ? ? ? 1_555 D DA 5  N6 ? ? B DT 19 D DA 5  1_555 ? ? ? ? ? ? WATSON-CRICK ? ? ? 
hydrog44 hydrog ? ? B DC 9  N3 ? ? ? 1_555 D DG 4  N1 ? ? B DC 20 D DG 4  1_555 ? ? ? ? ? ? WATSON-CRICK ? ? ? 
hydrog45 hydrog ? ? B DC 9  N4 ? ? ? 1_555 D DG 4  O6 ? ? B DC 20 D DG 4  1_555 ? ? ? ? ? ? WATSON-CRICK ? ? ? 
hydrog46 hydrog ? ? B DC 9  O2 ? ? ? 1_555 D DG 4  N2 ? ? B DC 20 D DG 4  1_555 ? ? ? ? ? ? WATSON-CRICK ? ? ? 
# 
_struct_conn_type.id          hydrog 
_struct_conn_type.criteria    ? 
_struct_conn_type.reference   ? 
# 
_struct_site.id                   AC1 
_struct_site.pdbx_evidence_code   Software 
_struct_site.pdbx_auth_asym_id    D 
_struct_site.pdbx_auth_comp_id    CAC 
_struct_site.pdbx_auth_seq_id     101 
_struct_site.pdbx_auth_ins_code   ? 
_struct_site.pdbx_num_residues    1 
_struct_site.details              'binding site for residue CAC D 101' 
# 
_struct_site_gen.id                   1 
_struct_site_gen.site_id              AC1 
_struct_site_gen.pdbx_num_res         1 
_struct_site_gen.label_comp_id        DG 
_struct_site_gen.label_asym_id        B 
_struct_site_gen.label_seq_id         4 
_struct_site_gen.pdbx_auth_ins_code   ? 
_struct_site_gen.auth_comp_id         DG 
_struct_site_gen.auth_asym_id         B 
_struct_site_gen.auth_seq_id          15 
_struct_site_gen.label_atom_id        . 
_struct_site_gen.label_alt_id         ? 
_struct_site_gen.symmetry             1_555 
_struct_site_gen.details              ? 
# 
_atom_sites.entry_id                    6XGK 
_atom_sites.Cartn_transf_matrix[1][1]   ? 
_atom_sites.Cartn_transf_matrix[1][2]   ? 
_atom_sites.Cartn_transf_matrix[1][3]   ? 
_atom_sites.Cartn_transf_matrix[2][1]   ? 
_atom_sites.Cartn_transf_matrix[2][2]   ? 
_atom_sites.Cartn_transf_matrix[2][3]   ? 
_atom_sites.Cartn_transf_matrix[3][1]   ? 
_atom_sites.Cartn_transf_matrix[3][2]   ? 
_atom_sites.Cartn_transf_matrix[3][3]   ? 
_atom_sites.Cartn_transf_vector[1]      ? 
_atom_sites.Cartn_transf_vector[2]      ? 
_atom_sites.Cartn_transf_vector[3]      ? 
_atom_sites.fract_transf_matrix[1][1]   0.00935575 
_atom_sites.fract_transf_matrix[1][2]   0.00908902 
_atom_sites.fract_transf_matrix[1][3]   -0.01061080 
_atom_sites.fract_transf_matrix[2][1]   0.00326287 
_atom_sites.fract_transf_matrix[2][2]   0.01614362 
_atom_sites.fract_transf_matrix[2][3]   0.00338344 
_atom_sites.fract_transf_matrix[3][1]   0.01372572 
_atom_sites.fract_transf_matrix[3][2]   -0.00450232 
_atom_sites.fract_transf_matrix[3][3]   0.00824563 
_atom_sites.fract_transf_vector[1]      -0.290391 
_atom_sites.fract_transf_vector[2]      -0.160130 
_atom_sites.fract_transf_vector[3]      0.140919 
_atom_sites.solution_primary            ? 
_atom_sites.solution_secondary          ? 
_atom_sites.solution_hydrogens          ? 
_atom_sites.special_details             ? 
# 
loop_
_atom_type.symbol 
AS 
C  
N  
O  
P  
# 
loop_
_atom_site.group_PDB 
_atom_site.id 
_atom_site.type_symbol 
_atom_site.label_atom_id 
_atom_site.label_alt_id 
_atom_site.label_comp_id 
_atom_site.label_asym_id 
_atom_site.label_entity_id 
_atom_site.label_seq_id 
_atom_site.pdbx_PDB_ins_code 
_atom_site.Cartn_x 
_atom_site.Cartn_y 
_atom_site.Cartn_z 
_atom_site.occupancy 
_atom_site.B_iso_or_equiv 
_atom_site.pdbx_formal_charge 
_atom_site.auth_seq_id 
_atom_site.auth_comp_id 
_atom_site.auth_asym_id 
_atom_site.auth_atom_id 
_atom_site.pdbx_PDB_model_num 
ATOM   1   O  "O5'" . DG  A 1 1  ? 6.256   -24.846 1.621   1.00 156.96 ? 1   DG  A "O5'" 1 
ATOM   2   C  "C5'" . DG  A 1 1  ? 5.837   -24.626 2.954   1.00 153.29 ? 1   DG  A "C5'" 1 
ATOM   3   C  "C4'" . DG  A 1 1  ? 4.335   -24.779 3.073   1.00 160.43 ? 1   DG  A "C4'" 1 
ATOM   4   O  "O4'" . DG  A 1 1  ? 4.011   -25.108 4.427   1.00 155.24 ? 1   DG  A "O4'" 1 
ATOM   5   C  "C3'" . DG  A 1 1  ? 3.523   -23.524 2.765   1.00 164.67 ? 1   DG  A "C3'" 1 
ATOM   6   O  "O3'" . DG  A 1 1  ? 3.215   -23.473 1.369   1.00 168.29 ? 1   DG  A "O3'" 1 
ATOM   7   C  "C2'" . DG  A 1 1  ? 2.255   -23.720 3.598   1.00 159.35 ? 1   DG  A "C2'" 1 
ATOM   8   C  "C1'" . DG  A 1 1  ? 2.726   -24.621 4.744   1.00 154.05 ? 1   DG  A "C1'" 1 
ATOM   9   N  N9    . DG  A 1 1  ? 2.818   -23.952 6.021   1.00 147.98 ? 1   DG  A N9    1 
ATOM   10  C  C8    . DG  A 1 1  ? 3.910   -23.914 6.855   1.00 150.08 ? 1   DG  A C8    1 
ATOM   11  N  N7    . DG  A 1 1  ? 3.703   -23.252 7.960   1.00 149.02 ? 1   DG  A N7    1 
ATOM   12  C  C5    . DG  A 1 1  ? 2.387   -22.825 7.849   1.00 150.19 ? 1   DG  A C5    1 
ATOM   13  C  C6    . DG  A 1 1  ? 1.601   -22.059 8.745   1.00 148.97 ? 1   DG  A C6    1 
ATOM   14  O  O6    . DG  A 1 1  ? 1.934   -21.592 9.853   1.00 139.80 ? 1   DG  A O6    1 
ATOM   15  N  N1    . DG  A 1 1  ? 0.307   -21.851 8.238   1.00 152.32 ? 1   DG  A N1    1 
ATOM   16  C  C2    . DG  A 1 1  ? -0.159  -22.327 7.016   1.00 152.17 ? 1   DG  A C2    1 
ATOM   17  N  N2    . DG  A 1 1  ? -1.428  -22.024 6.693   1.00 148.96 ? 1   DG  A N2    1 
ATOM   18  N  N3    . DG  A 1 1  ? 0.572   -23.049 6.176   1.00 150.97 ? 1   DG  A N3    1 
ATOM   19  C  C4    . DG  A 1 1  ? 1.827   -23.254 6.655   1.00 150.78 ? 1   DG  A C4    1 
ATOM   20  P  P     . DA  A 1 2  ? 3.318   -22.085 0.569   1.00 163.71 ? 2   DA  A P     1 
ATOM   21  O  OP1   . DA  A 1 2  ? 3.140   -22.384 -0.876  1.00 155.82 ? 2   DA  A OP1   1 
ATOM   22  O  OP2   . DA  A 1 2  ? 4.550   -21.411 1.060   1.00 159.26 ? 2   DA  A OP2   1 
ATOM   23  O  "O5'" . DA  A 1 2  ? 2.054   -21.255 1.088   1.00 151.10 ? 2   DA  A "O5'" 1 
ATOM   24  C  "C5'" . DA  A 1 2  ? 0.856   -21.247 0.340   1.00 149.57 ? 2   DA  A "C5'" 1 
ATOM   25  C  "C4'" . DA  A 1 2  ? -0.217  -20.546 1.127   1.00 154.22 ? 2   DA  A "C4'" 1 
ATOM   26  O  "O4'" . DA  A 1 2  ? 0.052   -20.743 2.536   1.00 152.53 ? 2   DA  A "O4'" 1 
ATOM   27  C  "C3'" . DA  A 1 2  ? -0.268  -19.041 0.920   1.00 157.65 ? 2   DA  A "C3'" 1 
ATOM   28  O  "O3'" . DA  A 1 2  ? -1.592  -18.585 0.978   1.00 164.11 ? 2   DA  A "O3'" 1 
ATOM   29  C  "C2'" . DA  A 1 2  ? 0.543   -18.499 2.085   1.00 154.45 ? 2   DA  A "C2'" 1 
ATOM   30  C  "C1'" . DA  A 1 2  ? 0.229   -19.503 3.176   1.00 150.57 ? 2   DA  A "C1'" 1 
ATOM   31  N  N9    . DA  A 1 2  ? 1.317   -19.644 4.116   1.00 151.05 ? 2   DA  A N9    1 
ATOM   32  C  C8    . DA  A 1 2  ? 2.538   -20.210 3.874   1.00 152.80 ? 2   DA  A C8    1 
ATOM   33  N  N7    . DA  A 1 2  ? 3.347   -20.190 4.908   1.00 155.68 ? 2   DA  A N7    1 
ATOM   34  C  C5    . DA  A 1 2  ? 2.603   -19.560 5.902   1.00 156.43 ? 2   DA  A C5    1 
ATOM   35  C  C6    . DA  A 1 2  ? 2.891   -19.230 7.254   1.00 154.97 ? 2   DA  A C6    1 
ATOM   36  N  N6    . DA  A 1 2  ? 4.064   -19.503 7.850   1.00 152.62 ? 2   DA  A N6    1 
ATOM   37  N  N1    . DA  A 1 2  ? 1.914   -18.605 7.968   1.00 152.73 ? 2   DA  A N1    1 
ATOM   38  C  C2    . DA  A 1 2  ? 0.739   -18.336 7.367   1.00 152.41 ? 2   DA  A C2    1 
ATOM   39  N  N3    . DA  A 1 2  ? 0.358   -18.594 6.107   1.00 154.68 ? 2   DA  A N3    1 
ATOM   40  C  C4    . DA  A 1 2  ? 1.345   -19.214 5.423   1.00 155.73 ? 2   DA  A C4    1 
ATOM   41  P  P     . DG  A 1 3  ? -1.898  -17.036 0.695   1.00 176.85 ? 3   DG  A P     1 
ATOM   42  O  OP1   . DG  A 1 3  ? -3.261  -16.898 0.140   1.00 174.27 ? 3   DG  A OP1   1 
ATOM   43  O  OP2   . DG  A 1 3  ? -0.746  -16.507 -0.069  1.00 176.90 ? 3   DG  A OP2   1 
ATOM   44  O  "O5'" . DG  A 1 3  ? -1.917  -16.379 2.141   1.00 159.96 ? 3   DG  A "O5'" 1 
ATOM   45  C  "C5'" . DG  A 1 3  ? -3.142  -15.970 2.676   1.00 160.04 ? 3   DG  A "C5'" 1 
ATOM   46  C  "C4'" . DG  A 1 3  ? -2.909  -15.219 3.951   1.00 164.10 ? 3   DG  A "C4'" 1 
ATOM   47  O  "O4'" . DG  A 1 3  ? -1.748  -15.770 4.622   1.00 160.26 ? 3   DG  A "O4'" 1 
ATOM   48  C  "C3'" . DG  A 1 3  ? -2.621  -13.730 3.777   1.00 164.09 ? 3   DG  A "C3'" 1 
ATOM   49  O  "O3'" . DG  A 1 3  ? -3.369  -13.022 4.724   1.00 168.79 ? 3   DG  A "O3'" 1 
ATOM   50  C  "C2'" . DG  A 1 3  ? -1.123  -13.628 4.072   1.00 162.95 ? 3   DG  A "C2'" 1 
ATOM   51  C  "C1'" . DG  A 1 3  ? -0.977  -14.710 5.118   1.00 158.13 ? 3   DG  A "C1'" 1 
ATOM   52  N  N9    . DG  A 1 3  ? 0.388   -15.188 5.318   1.00 157.37 ? 3   DG  A N9    1 
ATOM   53  C  C8    . DG  A 1 3  ? 1.199   -15.803 4.387   1.00 156.67 ? 3   DG  A C8    1 
ATOM   54  N  N7    . DG  A 1 3  ? 2.373   -16.140 4.859   1.00 154.78 ? 3   DG  A N7    1 
ATOM   55  C  C5    . DG  A 1 3  ? 2.338   -15.732 6.193   1.00 154.37 ? 3   DG  A C5    1 
ATOM   56  C  C6    . DG  A 1 3  ? 3.327   -15.836 7.213   1.00 150.57 ? 3   DG  A C6    1 
ATOM   57  O  O6    . DG  A 1 3  ? 4.471   -16.323 7.137   1.00 146.93 ? 3   DG  A O6    1 
ATOM   58  N  N1    . DG  A 1 3  ? 2.873   -15.299 8.423   1.00 147.68 ? 3   DG  A N1    1 
ATOM   59  C  C2    . DG  A 1 3  ? 1.628   -14.731 8.622   1.00 148.90 ? 3   DG  A C2    1 
ATOM   60  N  N2    . DG  A 1 3  ? 1.373   -14.261 9.855   1.00 144.91 ? 3   DG  A N2    1 
ATOM   61  N  N3    . DG  A 1 3  ? 0.695   -14.630 7.675   1.00 150.27 ? 3   DG  A N3    1 
ATOM   62  C  C4    . DG  A 1 3  ? 1.118   -15.149 6.490   1.00 154.29 ? 3   DG  A C4    1 
ATOM   63  P  P     . DC  A 1 4  ? -3.530  -11.433 4.612   1.00 177.18 ? 4   DC  A P     1 
ATOM   64  O  OP1   . DC  A 1 4  ? -4.940  -11.179 4.238   1.00 179.52 ? 4   DC  A OP1   1 
ATOM   65  O  OP2   . DC  A 1 4  ? -2.436  -10.919 3.755   1.00 173.57 ? 4   DC  A OP2   1 
ATOM   66  O  "O5'" . DC  A 1 4  ? -3.296  -10.923 6.116   1.00 171.00 ? 4   DC  A "O5'" 1 
ATOM   67  C  "C5'" . DC  A 1 4  ? -2.270  -11.517 6.917   1.00 168.51 ? 4   DC  A "C5'" 1 
ATOM   68  C  "C4'" . DC  A 1 4  ? -1.690  -10.515 7.910   1.00 167.28 ? 4   DC  A "C4'" 1 
ATOM   69  O  "O4'" . DC  A 1 4  ? -0.370  -10.971 8.313   1.00 160.75 ? 4   DC  A "O4'" 1 
ATOM   70  C  "C3'" . DC  A 1 4  ? -1.472  -9.108  7.355   1.00 165.18 ? 4   DC  A "C3'" 1 
ATOM   71  O  "O3'" . DC  A 1 4  ? -1.453  -8.129  8.424   1.00 165.36 ? 4   DC  A "O3'" 1 
ATOM   72  C  "C2'" . DC  A 1 4  ? -0.107  -9.251  6.709   1.00 157.38 ? 4   DC  A "C2'" 1 
ATOM   73  C  "C1'" . DC  A 1 4  ? 0.612   -10.137 7.731   1.00 154.56 ? 4   DC  A "C1'" 1 
ATOM   74  N  N1    . DC  A 1 4  ? 1.698   -10.979 7.130   1.00 149.44 ? 4   DC  A N1    1 
ATOM   75  C  C2    . DC  A 1 4  ? 2.770   -11.400 7.929   1.00 145.48 ? 4   DC  A C2    1 
ATOM   76  O  O2    . DC  A 1 4  ? 2.782   -11.096 9.135   1.00 143.14 ? 4   DC  A O2    1 
ATOM   77  N  N3    . DC  A 1 4  ? 3.765   -12.142 7.356   1.00 144.47 ? 4   DC  A N3    1 
ATOM   78  C  C4    . DC  A 1 4  ? 3.712   -12.450 6.051   1.00 143.42 ? 4   DC  A C4    1 
ATOM   79  N  N4    . DC  A 1 4  ? 4.708   -13.180 5.531   1.00 137.34 ? 4   DC  A N4    1 
ATOM   80  C  C5    . DC  A 1 4  ? 2.629   -12.023 5.225   1.00 147.74 ? 4   DC  A C5    1 
ATOM   81  C  C6    . DC  A 1 4  ? 1.656   -11.294 5.799   1.00 151.29 ? 4   DC  A C6    1 
ATOM   82  P  P     . DA  A 1 5  ? -1.945  -6.616  8.156   1.00 171.27 ? 5   DA  A P     1 
ATOM   83  O  OP1   . DA  A 1 5  ? -3.256  -6.409  8.819   1.00 172.36 ? 5   DA  A OP1   1 
ATOM   84  O  OP2   . DA  A 1 5  ? -1.764  -6.361  6.705   1.00 170.29 ? 5   DA  A OP2   1 
ATOM   85  O  "O5'" . DA  A 1 5  ? -0.919  -5.708  8.967   1.00 156.78 ? 5   DA  A "O5'" 1 
ATOM   86  C  "C5'" . DA  A 1 5  ? -0.785  -5.883  10.354  1.00 155.14 ? 5   DA  A "C5'" 1 
ATOM   87  C  "C4'" . DA  A 1 5  ? 0.680   -5.847  10.730  1.00 159.27 ? 5   DA  A "C4'" 1 
ATOM   88  O  "O4'" . DA  A 1 5  ? 1.395   -6.846  9.969   1.00 151.32 ? 5   DA  A "O4'" 1 
ATOM   89  C  "C3'" . DA  A 1 5  ? 1.366   -4.513  10.451  1.00 155.34 ? 5   DA  A "C3'" 1 
ATOM   90  O  "O3'" . DA  A 1 5  ? 1.780   -3.933  11.670  1.00 163.17 ? 5   DA  A "O3'" 1 
ATOM   91  C  "C2'" . DA  A 1 5  ? 2.561   -4.849  9.555   1.00 145.43 ? 5   DA  A "C2'" 1 
ATOM   92  C  "C1'" . DA  A 1 5  ? 2.668   -6.367  9.619   1.00 141.45 ? 5   DA  A "C1'" 1 
ATOM   93  N  N9    . DA  A 1 5  ? 3.024   -6.967  8.335   1.00 142.02 ? 5   DA  A N9    1 
ATOM   94  C  C8    . DA  A 1 5  ? 2.283   -6.937  7.181   1.00 145.19 ? 5   DA  A C8    1 
ATOM   95  N  N7    . DA  A 1 5  ? 2.839   -7.570  6.170   1.00 142.71 ? 5   DA  A N7    1 
ATOM   96  C  C5    . DA  A 1 5  ? 4.035   -8.052  6.694   1.00 142.52 ? 5   DA  A C5    1 
ATOM   97  C  C6    . DA  A 1 5  ? 5.095   -8.815  6.130   1.00 137.99 ? 5   DA  A C6    1 
ATOM   98  N  N6    . DA  A 1 5  ? 5.114   -9.236  4.855   1.00 132.55 ? 5   DA  A N6    1 
ATOM   99  N  N1    . DA  A 1 5  ? 6.138   -9.128  6.936   1.00 136.49 ? 5   DA  A N1    1 
ATOM   100 C  C2    . DA  A 1 5  ? 6.120   -8.707  8.215   1.00 138.27 ? 5   DA  A C2    1 
ATOM   101 N  N3    . DA  A 1 5  ? 5.188   -7.986  8.855   1.00 137.00 ? 5   DA  A N3    1 
ATOM   102 C  C4    . DA  A 1 5  ? 4.162   -7.690  8.034   1.00 140.97 ? 5   DA  A C4    1 
ATOM   103 P  P     . DG  A 1 6  ? 1.836   -2.339  11.813  1.00 170.64 ? 6   DG  A P     1 
ATOM   104 O  OP1   . DG  A 1 6  ? 1.758   -1.986  13.256  1.00 156.12 ? 6   DG  A OP1   1 
ATOM   105 O  OP2   . DG  A 1 6  ? 0.797   -1.821  10.877  1.00 155.84 ? 6   DG  A OP2   1 
ATOM   106 O  "O5'" . DG  A 1 6  ? 3.319   -1.997  11.299  1.00 150.30 ? 6   DG  A "O5'" 1 
ATOM   107 C  "C5'" . DG  A 1 6  ? 4.378   -1.876  12.235  1.00 139.59 ? 6   DG  A "C5'" 1 
ATOM   108 C  "C4'" . DG  A 1 6  ? 5.515   -2.811  11.891  1.00 140.19 ? 6   DG  A "C4'" 1 
ATOM   109 O  "O4'" . DG  A 1 6  ? 5.197   -3.583  10.727  1.00 129.67 ? 6   DG  A "O4'" 1 
ATOM   110 C  "C3'" . DG  A 1 6  ? 6.820   -2.127  11.520  1.00 146.76 ? 6   DG  A "C3'" 1 
ATOM   111 O  "O3'" . DG  A 1 6  ? 7.613   -1.932  12.675  1.00 156.49 ? 6   DG  A "O3'" 1 
ATOM   112 C  "C2'" . DG  A 1 6  ? 7.488   -3.100  10.530  1.00 134.39 ? 6   DG  A "C2'" 1 
ATOM   113 C  "C1'" . DG  A 1 6  ? 6.409   -4.149  10.297  1.00 133.79 ? 6   DG  A "C1'" 1 
ATOM   114 N  N9    . DG  A 1 6  ? 6.285   -4.580  8.917   1.00 132.90 ? 6   DG  A N9    1 
ATOM   115 C  C8    . DG  A 1 6  ? 5.280   -4.277  8.036   1.00 132.50 ? 6   DG  A C8    1 
ATOM   116 N  N7    . DG  A 1 6  ? 5.423   -4.839  6.865   1.00 130.69 ? 6   DG  A N7    1 
ATOM   117 C  C5    . DG  A 1 6  ? 6.603   -5.559  6.976   1.00 130.50 ? 6   DG  A C5    1 
ATOM   118 C  C6    . DG  A 1 6  ? 7.267   -6.371  6.025   1.00 126.19 ? 6   DG  A C6    1 
ATOM   119 O  O6    . DG  A 1 6  ? 6.930   -6.617  4.861   1.00 120.91 ? 6   DG  A O6    1 
ATOM   120 N  N1    . DG  A 1 6  ? 8.436   -6.930  6.552   1.00 130.98 ? 6   DG  A N1    1 
ATOM   121 C  C2    . DG  A 1 6  ? 8.906   -6.726  7.843   1.00 133.32 ? 6   DG  A C2    1 
ATOM   122 N  N2    . DG  A 1 6  ? 10.057  -7.350  8.173   1.00 131.32 ? 6   DG  A N2    1 
ATOM   123 N  N3    . DG  A 1 6  ? 8.288   -5.959  8.743   1.00 134.33 ? 6   DG  A N3    1 
ATOM   124 C  C4    . DG  A 1 6  ? 7.147   -5.413  8.240   1.00 134.62 ? 6   DG  A C4    1 
ATOM   125 P  P     . DA  A 1 7  ? 8.586   -0.654  12.766  1.00 172.39 ? 7   DA  A P     1 
ATOM   126 O  OP1   . DA  A 1 7  ? 8.857   -0.351  14.194  1.00 173.27 ? 7   DA  A OP1   1 
ATOM   127 O  OP2   . DA  A 1 7  ? 7.991   0.395   11.905  1.00 164.69 ? 7   DA  A OP2   1 
ATOM   128 O  "O5'" . DA  A 1 7  ? 9.925   -1.168  12.077  1.00 148.50 ? 7   DA  A "O5'" 1 
ATOM   129 C  "C5'" . DA  A 1 7  ? 10.398  -2.448  12.392  1.00 148.81 ? 7   DA  A "C5'" 1 
ATOM   130 C  "C4'" . DA  A 1 7  ? 11.331  -2.929  11.319  1.00 149.59 ? 7   DA  A "C4'" 1 
ATOM   131 O  "O4'" . DA  A 1 7  ? 10.577  -3.413  10.196  1.00 138.88 ? 7   DA  A "O4'" 1 
ATOM   132 C  "C3'" . DA  A 1 7  ? 12.264  -1.851  10.762  1.00 145.52 ? 7   DA  A "C3'" 1 
ATOM   133 O  "O3'" . DA  A 1 7  ? 13.604  -2.186  11.079  1.00 152.92 ? 7   DA  A "O3'" 1 
ATOM   134 C  "C2'" . DA  A 1 7  ? 12.009  -1.877  9.245   1.00 137.46 ? 7   DA  A "C2'" 1 
ATOM   135 C  "C1'" . DA  A 1 7  ? 11.367  -3.234  9.061   1.00 133.40 ? 7   DA  A "C1'" 1 
ATOM   136 N  N9    . DA  A 1 7  ? 10.506  -3.340  7.901   1.00 131.26 ? 7   DA  A N9    1 
ATOM   137 C  C8    . DA  A 1 7  ? 9.262   -2.798  7.746   1.00 128.49 ? 7   DA  A C8    1 
ATOM   138 N  N7    . DA  A 1 7  ? 8.700   -3.089  6.594   1.00 123.52 ? 7   DA  A N7    1 
ATOM   139 C  C5    . DA  A 1 7  ? 9.638   -3.888  5.956   1.00 124.76 ? 7   DA  A C5    1 
ATOM   140 C  C6    . DA  A 1 7  ? 9.646   -4.531  4.698   1.00 122.09 ? 7   DA  A C6    1 
ATOM   141 N  N6    . DA  A 1 7  ? 8.629   -4.452  3.839   1.00 119.23 ? 7   DA  A N6    1 
ATOM   142 N  N1    . DA  A 1 7  ? 10.747  -5.261  4.359   1.00 118.77 ? 7   DA  A N1    1 
ATOM   143 C  C2    . DA  A 1 7  ? 11.764  -5.338  5.235   1.00 120.65 ? 7   DA  A C2    1 
ATOM   144 N  N3    . DA  A 1 7  ? 11.869  -4.776  6.447   1.00 126.23 ? 7   DA  A N3    1 
ATOM   145 C  C4    . DA  A 1 7  ? 10.760  -4.059  6.750   1.00 129.54 ? 7   DA  A C4    1 
ATOM   146 P  P     . DC  A 1 8  ? 14.793  -1.138  10.819  1.00 163.99 ? 8   DC  A P     1 
ATOM   147 O  OP1   . DC  A 1 8  ? 15.791  -1.238  11.914  1.00 157.04 ? 8   DC  A OP1   1 
ATOM   148 O  OP2   . DC  A 1 8  ? 14.153  0.175   10.550  1.00 158.49 ? 8   DC  A OP2   1 
ATOM   149 O  "O5'" . DC  A 1 8  ? 15.458  -1.675  9.469   1.00 142.65 ? 8   DC  A "O5'" 1 
ATOM   150 C  "C5'" . DC  A 1 8  ? 15.557  -3.068  9.234   1.00 133.96 ? 8   DC  A "C5'" 1 
ATOM   151 C  "C4'" . DC  A 1 8  ? 15.996  -3.314  7.809   1.00 135.86 ? 8   DC  A "C4'" 1 
ATOM   152 O  "O4'" . DC  A 1 8  ? 14.829  -3.473  6.968   1.00 135.20 ? 8   DC  A "O4'" 1 
ATOM   153 C  "C3'" . DC  A 1 8  ? 16.819  -2.173  7.182   1.00 131.40 ? 8   DC  A "C3'" 1 
ATOM   154 O  "O3'" . DC  A 1 8  ? 17.989  -2.700  6.561   1.00 135.22 ? 8   DC  A "O3'" 1 
ATOM   155 C  "C2'" . DC  A 1 8  ? 15.862  -1.561  6.170   1.00 124.57 ? 8   DC  A "C2'" 1 
ATOM   156 C  "C1'" . DC  A 1 8  ? 15.033  -2.757  5.773   1.00 127.39 ? 8   DC  A "C1'" 1 
ATOM   157 N  N1    . DC  A 1 8  ? 13.711  -2.374  5.204   1.00 127.09 ? 8   DC  A N1    1 
ATOM   158 C  C2    . DC  A 1 8  ? 13.348  -2.816  3.923   1.00 119.28 ? 8   DC  A C2    1 
ATOM   159 O  O2    . DC  A 1 8  ? 14.130  -3.542  3.287   1.00 118.67 ? 8   DC  A O2    1 
ATOM   160 N  N3    . DC  A 1 8  ? 12.149  -2.438  3.413   1.00 112.51 ? 8   DC  A N3    1 
ATOM   161 C  C4    . DC  A 1 8  ? 11.337  -1.660  4.135   1.00 114.52 ? 8   DC  A C4    1 
ATOM   162 N  N4    . DC  A 1 8  ? 10.167  -1.327  3.603   1.00 113.67 ? 8   DC  A N4    1 
ATOM   163 C  C5    . DC  A 1 8  ? 11.688  -1.192  5.434   1.00 119.15 ? 8   DC  A C5    1 
ATOM   164 C  C6    . DC  A 1 8  ? 12.874  -1.564  5.924   1.00 125.19 ? 8   DC  A C6    1 
ATOM   165 P  P     . DA  A 1 9  ? 18.651  -1.998  5.275   1.00 134.95 ? 9   DA  A P     1 
ATOM   166 O  OP1   . DA  A 1 9  ? 20.047  -2.505  5.157   1.00 136.55 ? 9   DA  A OP1   1 
ATOM   167 O  OP2   . DA  A 1 9  ? 18.406  -0.536  5.299   1.00 120.15 ? 9   DA  A OP2   1 
ATOM   168 O  "O5'" . DA  A 1 9  ? 17.914  -2.702  4.070   1.00 119.32 ? 9   DA  A "O5'" 1 
ATOM   169 C  "C5'" . DA  A 1 9  ? 18.506  -3.840  3.515   1.00 120.61 ? 9   DA  A "C5'" 1 
ATOM   170 C  "C4'" . DA  A 1 9  ? 18.392  -3.815  2.015   1.00 120.97 ? 9   DA  A "C4'" 1 
ATOM   171 O  "O4'" . DA  A 1 9  ? 17.019  -3.500  1.634   1.00 123.63 ? 9   DA  A "O4'" 1 
ATOM   172 C  "C3'" . DA  A 1 9  ? 19.237  -2.779  1.310   1.00 106.92 ? 9   DA  A "C3'" 1 
ATOM   173 O  "O3'" . DA  A 1 9  ? 19.469  -3.247  0.045   1.00 106.45 ? 9   DA  A "O3'" 1 
ATOM   174 C  "C2'" . DA  A 1 9  ? 18.283  -1.606  1.249   1.00 112.22 ? 9   DA  A "C2'" 1 
ATOM   175 C  "C1'" . DA  A 1 9  ? 17.015  -2.331  0.844   1.00 113.66 ? 9   DA  A "C1'" 1 
ATOM   176 N  N9    . DA  A 1 9  ? 15.783  -1.576  1.115   1.00 113.24 ? 9   DA  A N9    1 
ATOM   177 C  C8    . DA  A 1 9  ? 15.385  -1.059  2.314   1.00 114.68 ? 9   DA  A C8    1 
ATOM   178 N  N7    . DA  A 1 9  ? 14.228  -0.423  2.269   1.00 109.14 ? 9   DA  A N7    1 
ATOM   179 C  C5    . DA  A 1 9  ? 13.845  -0.524  0.956   1.00 97.65  ? 9   DA  A C5    1 
ATOM   180 C  C6    . DA  A 1 9  ? 12.728  -0.057  0.286   1.00 85.29  ? 9   DA  A C6    1 
ATOM   181 N  N6    . DA  A 1 9  ? 11.762  0.627   0.884   1.00 85.35  ? 9   DA  A N6    1 
ATOM   182 N  N1    . DA  A 1 9  ? 12.632  -0.325  -1.023  1.00 88.19  ? 9   DA  A N1    1 
ATOM   183 C  C2    . DA  A 1 9  ? 13.607  -1.018  -1.624  1.00 93.58  ? 9   DA  A C2    1 
ATOM   184 N  N3    . DA  A 1 9  ? 14.721  -1.518  -1.097  1.00 101.35 ? 9   DA  A N3    1 
ATOM   185 C  C4    . DA  A 1 9  ? 14.783  -1.231  0.215   1.00 105.23 ? 9   DA  A C4    1 
ATOM   186 P  P     . DT  A 1 10 ? 20.507  -2.506  -0.910  1.00 126.69 ? 10  DT  A P     1 
ATOM   187 O  OP1   . DT  A 1 10 ? 21.790  -3.256  -0.924  1.00 144.91 ? 10  DT  A OP1   1 
ATOM   188 O  OP2   . DT  A 1 10 ? 20.517  -1.078  -0.540  1.00 127.30 ? 10  DT  A OP2   1 
ATOM   189 O  "O5'" . DT  A 1 10 ? 19.816  -2.628  -2.324  1.00 112.85 ? 10  DT  A "O5'" 1 
ATOM   190 C  "C5'" . DT  A 1 10 ? 18.431  -2.398  -2.417  1.00 112.25 ? 10  DT  A "C5'" 1 
ATOM   191 C  "C4'" . DT  A 1 10 ? 18.083  -1.918  -3.806  1.00 109.32 ? 10  DT  A "C4'" 1 
ATOM   192 O  "O4'" . DT  A 1 10 ? 16.820  -1.206  -3.776  1.00 106.34 ? 10  DT  A "O4'" 1 
ATOM   193 C  "C3'" . DT  A 1 10 ? 19.087  -0.960  -4.409  1.00 102.12 ? 10  DT  A "C3'" 1 
ATOM   194 O  "O3'" . DT  A 1 10 ? 19.164  -1.173  -5.800  1.00 98.08  ? 10  DT  A "O3'" 1 
ATOM   195 C  "C2'" . DT  A 1 10 ? 18.491  0.400   -4.081  1.00 97.82  ? 10  DT  A "C2'" 1 
ATOM   196 C  "C1'" . DT  A 1 10 ? 16.997  0.131   -4.185  1.00 95.99  ? 10  DT  A "C1'" 1 
ATOM   197 N  N1    . DT  A 1 10 ? 16.213  0.921   -3.266  1.00 89.85  ? 10  DT  A N1    1 
ATOM   198 C  C2    . DT  A 1 10 ? 15.033  1.532   -3.671  1.00 87.10  ? 10  DT  A C2    1 
ATOM   199 O  O2    . DT  A 1 10 ? 14.602  1.481   -4.815  1.00 85.78  ? 10  DT  A O2    1 
ATOM   200 N  N3    . DT  A 1 10 ? 14.382  2.215   -2.680  1.00 79.93  ? 10  DT  A N3    1 
ATOM   201 C  C4    . DT  A 1 10 ? 14.779  2.327   -1.360  1.00 82.86  ? 10  DT  A C4    1 
ATOM   202 O  O4    . DT  A 1 10 ? 14.144  2.957   -0.524  1.00 80.33  ? 10  DT  A O4    1 
ATOM   203 C  C5    . DT  A 1 10 ? 16.009  1.647   -1.028  1.00 98.96  ? 10  DT  A C5    1 
ATOM   204 C  C7    . DT  A 1 10 ? 16.552  1.697   0.370   1.00 109.31 ? 10  DT  A C7    1 
ATOM   205 C  C6    . DT  A 1 10 ? 16.644  0.986   -1.984  1.00 93.16  ? 10  DT  A C6    1 
ATOM   206 P  P     . DG  A 1 11 ? 20.500  -0.750  -6.575  1.00 122.96 ? 11  DG  A P     1 
ATOM   207 O  OP1   . DG  A 1 11 ? 20.774  -1.773  -7.606  1.00 116.67 ? 11  DG  A OP1   1 
ATOM   208 O  OP2   . DG  A 1 11 ? 21.487  -0.363  -5.528  1.00 121.07 ? 11  DG  A OP2   1 
ATOM   209 O  "O5'" . DG  A 1 11 ? 20.084  0.509   -7.442  1.00 105.82 ? 11  DG  A "O5'" 1 
ATOM   210 C  "C5'" . DG  A 1 11 ? 19.922  0.336   -8.830  1.00 102.13 ? 11  DG  A "C5'" 1 
ATOM   211 C  "C4'" . DG  A 1 11 ? 18.946  1.350   -9.353  1.00 91.28  ? 11  DG  A "C4'" 1 
ATOM   212 O  "O4'" . DG  A 1 11 ? 17.812  1.384   -8.472  1.00 95.93  ? 11  DG  A "O4'" 1 
ATOM   213 C  "C3'" . DG  A 1 11 ? 19.442  2.777   -9.336  1.00 98.57  ? 11  DG  A "C3'" 1 
ATOM   214 O  "O3'" . DG  A 1 11 ? 20.232  3.065   -10.492 1.00 101.13 ? 11  DG  A "O3'" 1 
ATOM   215 C  "C2'" . DG  A 1 11 ? 18.139  3.533   -9.350  1.00 88.60  ? 11  DG  A "C2'" 1 
ATOM   216 C  "C1'" . DG  A 1 11 ? 17.275  2.694   -8.449  1.00 93.37  ? 11  DG  A "C1'" 1 
ATOM   217 N  N9    . DG  A 1 11 ? 17.274  3.182   -7.079  1.00 89.47  ? 11  DG  A N9    1 
ATOM   218 C  C8    . DG  A 1 11 ? 18.299  3.106   -6.166  1.00 90.21  ? 11  DG  A C8    1 
ATOM   219 N  N7    . DG  A 1 11 ? 17.995  3.647   -5.010  1.00 90.83  ? 11  DG  A N7    1 
ATOM   220 C  C5    . DG  A 1 11 ? 16.692  4.107   -5.188  1.00 85.49  ? 11  DG  A C5    1 
ATOM   221 C  C6    . DG  A 1 11 ? 15.839  4.773   -4.283  1.00 85.37  ? 11  DG  A C6    1 
ATOM   222 O  O6    . DG  A 1 11 ? 16.065  5.099   -3.117  1.00 93.75  ? 11  DG  A O6    1 
ATOM   223 N  N1    . DG  A 1 11 ? 14.613  5.062   -4.857  1.00 75.80  ? 11  DG  A N1    1 
ATOM   224 C  C2    . DG  A 1 11 ? 14.259  4.732   -6.132  1.00 79.56  ? 11  DG  A C2    1 
ATOM   225 N  N2    . DG  A 1 11 ? 13.037  5.083   -6.505  1.00 84.68  ? 11  DG  A N2    1 
ATOM   226 N  N3    . DG  A 1 11 ? 15.046  4.109   -6.990  1.00 78.50  ? 11  DG  A N3    1 
ATOM   227 C  C4    . DG  A 1 11 ? 16.243  3.834   -6.452  1.00 83.49  ? 11  DG  A C4    1 
ATOM   228 P  P     . DA  B 2 1  ? 2.124   21.376  -15.744 1.00 107.50 ? 12  DA  B P     1 
ATOM   229 O  OP1   . DA  B 2 1  ? 3.013   21.091  -16.894 1.00 83.75  ? 12  DA  B OP1   1 
ATOM   230 O  OP2   . DA  B 2 1  ? 2.671   22.087  -14.566 1.00 110.20 ? 12  DA  B OP2   1 
ATOM   231 O  "O5'" . DA  B 2 1  ? 1.449   20.060  -15.125 1.00 96.29  ? 12  DA  B "O5'" 1 
ATOM   232 C  "C5'" . DA  B 2 1  ? 0.050   20.022  -14.860 1.00 107.83 ? 12  DA  B "C5'" 1 
ATOM   233 C  "C4'" . DA  B 2 1  ? -0.727  19.413  -16.029 1.00 99.00  ? 12  DA  B "C4'" 1 
ATOM   234 O  "O4'" . DA  B 2 1  ? 0.021   18.339  -16.594 1.00 104.88 ? 12  DA  B "O4'" 1 
ATOM   235 C  "C3'" . DA  B 2 1  ? -2.051  18.813  -15.639 1.00 94.82  ? 12  DA  B "C3'" 1 
ATOM   236 O  "O3'" . DA  B 2 1  ? -3.009  19.741  -15.871 1.00 101.61 ? 12  DA  B "O3'" 1 
ATOM   237 C  "C2'" . DA  B 2 1  ? -2.229  17.602  -16.557 1.00 86.34  ? 12  DA  B "C2'" 1 
ATOM   238 C  "C1'" . DA  B 2 1  ? -0.818  17.256  -16.941 1.00 90.41  ? 12  DA  B "C1'" 1 
ATOM   239 N  N9    . DA  B 2 1  ? -0.257  16.033  -16.364 1.00 85.73  ? 12  DA  B N9    1 
ATOM   240 C  C8    . DA  B 2 1  ? 0.789   15.931  -15.481 1.00 83.64  ? 12  DA  B C8    1 
ATOM   241 N  N7    . DA  B 2 1  ? 1.147   14.693  -15.221 1.00 83.12  ? 12  DA  B N7    1 
ATOM   242 C  C5    . DA  B 2 1  ? 0.300   13.937  -16.010 1.00 81.44  ? 12  DA  B C5    1 
ATOM   243 C  C6    . DA  B 2 1  ? 0.171   12.552  -16.192 1.00 80.35  ? 12  DA  B C6    1 
ATOM   244 N  N6    . DA  B 2 1  ? 0.906   11.662  -15.559 1.00 84.96  ? 12  DA  B N6    1 
ATOM   245 N  N1    . DA  B 2 1  ? -0.762  12.115  -17.049 1.00 81.37  ? 12  DA  B N1    1 
ATOM   246 C  C2    . DA  B 2 1  ? -1.516  13.020  -17.679 1.00 86.61  ? 12  DA  B C2    1 
ATOM   247 N  N3    . DA  B 2 1  ? -1.494  14.356  -17.585 1.00 85.09  ? 12  DA  B N3    1 
ATOM   248 C  C4    . DA  B 2 1  ? -0.553  14.749  -16.722 1.00 83.59  ? 12  DA  B C4    1 
ATOM   249 P  P     . DC  B 2 2  ? -4.329  19.707  -14.989 1.00 109.69 ? 13  DC  B P     1 
ATOM   250 O  OP1   . DC  B 2 2  ? -5.145  20.850  -15.499 1.00 103.81 ? 13  DC  B OP1   1 
ATOM   251 O  OP2   . DC  B 2 2  ? -3.907  19.524  -13.574 1.00 92.32  ? 13  DC  B OP2   1 
ATOM   252 O  "O5'" . DC  B 2 2  ? -5.031  18.340  -15.406 1.00 89.80  ? 13  DC  B "O5'" 1 
ATOM   253 C  "C5'" . DC  B 2 2  ? -5.154  17.301  -14.505 1.00 78.92  ? 13  DC  B "C5'" 1 
ATOM   254 C  "C4'" . DC  B 2 2  ? -5.196  16.025  -15.283 1.00 87.31  ? 13  DC  B "C4'" 1 
ATOM   255 O  "O4'" . DC  B 2 2  ? -3.880  15.503  -15.336 1.00 94.24  ? 13  DC  B "O4'" 1 
ATOM   256 C  "C3'" . DC  B 2 2  ? -6.015  14.912  -14.675 1.00 93.54  ? 13  DC  B "C3'" 1 
ATOM   257 O  "O3'" . DC  B 2 2  ? -7.339  14.996  -15.117 1.00 97.93  ? 13  DC  B "O3'" 1 
ATOM   258 C  "C2'" . DC  B 2 2  ? -5.359  13.657  -15.216 1.00 89.78  ? 13  DC  B "C2'" 1 
ATOM   259 C  "C1'" . DC  B 2 2  ? -3.940  14.121  -15.548 1.00 89.58  ? 13  DC  B "C1'" 1 
ATOM   260 N  N1    . DC  B 2 2  ? -2.948  13.530  -14.732 1.00 74.69  ? 13  DC  B N1    1 
ATOM   261 C  C2    . DC  B 2 2  ? -2.741  12.170  -14.780 1.00 82.03  ? 13  DC  B C2    1 
ATOM   262 O  O2    . DC  B 2 2  ? -3.435  11.477  -15.556 1.00 81.39  ? 13  DC  B O2    1 
ATOM   263 N  N3    . DC  B 2 2  ? -1.782  11.632  -14.005 1.00 86.62  ? 13  DC  B N3    1 
ATOM   264 C  C4    . DC  B 2 2  ? -1.045  12.431  -13.217 1.00 89.08  ? 13  DC  B C4    1 
ATOM   265 N  N4    . DC  B 2 2  ? -0.093  11.866  -12.457 1.00 86.68  ? 13  DC  B N4    1 
ATOM   266 C  C5    . DC  B 2 2  ? -1.249  13.835  -13.180 1.00 85.06  ? 13  DC  B C5    1 
ATOM   267 C  C6    . DC  B 2 2  ? -2.198  14.334  -13.945 1.00 75.90  ? 13  DC  B C6    1 
ATOM   268 P  P     . DT  B 2 3  ? -8.511  14.837  -14.038 1.00 110.22 ? 14  DT  B P     1 
ATOM   269 O  OP1   . DT  B 2 3  ? -9.582  15.793  -14.418 1.00 112.72 ? 14  DT  B OP1   1 
ATOM   270 O  OP2   . DT  B 2 3  ? -7.913  15.027  -12.686 1.00 93.02  ? 14  DT  B OP2   1 
ATOM   271 O  "O5'" . DT  B 2 3  ? -8.947  13.316  -14.237 1.00 81.81  ? 14  DT  B "O5'" 1 
ATOM   272 C  "C5'" . DT  B 2 3  ? -8.936  12.762  -15.526 1.00 77.96  ? 14  DT  B "C5'" 1 
ATOM   273 C  "C4'" . DT  B 2 3  ? -8.653  11.275  -15.431 1.00 90.25  ? 14  DT  B "C4'" 1 
ATOM   274 O  "O4'" . DT  B 2 3  ? -7.302  11.080  -14.944 1.00 86.54  ? 14  DT  B "O4'" 1 
ATOM   275 C  "C3'" . DT  B 2 3  ? -9.546  10.493  -14.455 1.00 80.90  ? 14  DT  B "C3'" 1 
ATOM   276 O  "O3'" . DT  B 2 3  ? -9.854  9.217   -14.994 1.00 88.17  ? 14  DT  B "O3'" 1 
ATOM   277 C  "C2'" . DT  B 2 3  ? -8.647  10.343  -13.246 1.00 89.84  ? 14  DT  B "C2'" 1 
ATOM   278 C  "C1'" . DT  B 2 3  ? -7.334  10.112  -13.939 1.00 80.61  ? 14  DT  B "C1'" 1 
ATOM   279 N  N1    . DT  B 2 3  ? -6.145  10.267  -13.068 1.00 80.99  ? 14  DT  B N1    1 
ATOM   280 C  C2    . DT  B 2 3  ? -5.386  9.159   -12.806 1.00 83.24  ? 14  DT  B C2    1 
ATOM   281 O  O2    . DT  B 2 3  ? -5.657  8.061   -13.254 1.00 86.12  ? 14  DT  B O2    1 
ATOM   282 N  N3    . DT  B 2 3  ? -4.291  9.376   -12.010 1.00 77.02  ? 14  DT  B N3    1 
ATOM   283 C  C4    . DT  B 2 3  ? -3.897  10.572  -11.455 1.00 84.17  ? 14  DT  B C4    1 
ATOM   284 O  O4    . DT  B 2 3  ? -2.901  10.682  -10.738 1.00 81.03  ? 14  DT  B O4    1 
ATOM   285 C  C5    . DT  B 2 3  ? -4.740  11.696  -11.769 1.00 85.18  ? 14  DT  B C5    1 
ATOM   286 C  C7    . DT  B 2 3  ? -4.393  13.039  -11.226 1.00 84.06  ? 14  DT  B C7    1 
ATOM   287 C  C6    . DT  B 2 3  ? -5.818  11.496  -12.550 1.00 79.78  ? 14  DT  B C6    1 
ATOM   288 P  P     . DG  B 2 4  ? -10.957 8.282   -14.288 1.00 96.42  ? 15  DG  B P     1 
ATOM   289 O  OP1   . DG  B 2 4  ? -11.535 7.308   -15.258 1.00 78.93  ? 15  DG  B OP1   1 
ATOM   290 O  OP2   . DG  B 2 4  ? -11.754 9.229   -13.471 1.00 96.26  ? 15  DG  B OP2   1 
ATOM   291 O  "O5'" . DG  B 2 4  ? -10.122 7.374   -13.298 1.00 90.82  ? 15  DG  B "O5'" 1 
ATOM   292 C  "C5'" . DG  B 2 4  ? -9.152  6.499   -13.841 1.00 97.78  ? 15  DG  B "C5'" 1 
ATOM   293 C  "C4'" . DG  B 2 4  ? -8.982  5.266   -12.979 1.00 101.90 ? 15  DG  B "C4'" 1 
ATOM   294 O  "O4'" . DG  B 2 4  ? -7.789  5.400   -12.145 1.00 93.91  ? 15  DG  B "O4'" 1 
ATOM   295 C  "C3'" . DG  B 2 4  ? -10.118 4.998   -12.009 1.00 107.93 ? 15  DG  B "C3'" 1 
ATOM   296 O  "O3'" . DG  B 2 4  ? -10.148 3.591   -11.740 1.00 109.08 ? 15  DG  B "O3'" 1 
ATOM   297 C  "C2'" . DG  B 2 4  ? -9.672  5.817   -10.778 1.00 103.18 ? 15  DG  B "C2'" 1 
ATOM   298 C  "C1'" . DG  B 2 4  ? -8.164  5.569   -10.790 1.00 88.77  ? 15  DG  B "C1'" 1 
ATOM   299 N  N9    . DG  B 2 4  ? -7.324  6.618   -10.212 1.00 82.36  ? 15  DG  B N9    1 
ATOM   300 C  C8    . DG  B 2 4  ? -7.535  7.983   -10.149 1.00 85.54  ? 15  DG  B C8    1 
ATOM   301 N  N7    . DG  B 2 4  ? -6.548  8.636   -9.570  1.00 79.92  ? 15  DG  B N7    1 
ATOM   302 C  C5    . DG  B 2 4  ? -5.646  7.626   -9.248  1.00 82.71  ? 15  DG  B C5    1 
ATOM   303 C  C6    . DG  B 2 4  ? -4.385  7.686   -8.628  1.00 79.92  ? 15  DG  B C6    1 
ATOM   304 O  O6    . DG  B 2 4  ? -3.789  8.671   -8.206  1.00 88.43  ? 15  DG  B O6    1 
ATOM   305 N  N1    . DG  B 2 4  ? -3.814  6.434   -8.511  1.00 68.68  ? 15  DG  B N1    1 
ATOM   306 C  C2    . DG  B 2 4  ? -4.392  5.268   -8.940  1.00 75.30  ? 15  DG  B C2    1 
ATOM   307 N  N2    . DG  B 2 4  ? -3.697  4.149   -8.755  1.00 84.92  ? 15  DG  B N2    1 
ATOM   308 N  N3    . DG  B 2 4  ? -5.554  5.195   -9.525  1.00 78.32  ? 15  DG  B N3    1 
ATOM   309 C  C4    . DG  B 2 4  ? -6.121  6.401   -9.645  1.00 83.74  ? 15  DG  B C4    1 
ATOM   310 P  P     . DC  B 2 5  ? -11.489 2.856   -11.257 1.00 99.08  ? 16  DC  B P     1 
ATOM   311 O  OP1   . DC  B 2 5  ? -12.511 3.196   -12.283 1.00 110.78 ? 16  DC  B OP1   1 
ATOM   312 O  OP2   . DC  B 2 5  ? -11.693 3.216   -9.806  1.00 85.21  ? 16  DC  B OP2   1 
ATOM   313 O  "O5'" . DC  B 2 5  ? -11.100 1.313   -11.405 1.00 86.79  ? 16  DC  B "O5'" 1 
ATOM   314 C  "C5'" . DC  B 2 5  ? -9.746  0.910   -11.178 1.00 94.23  ? 16  DC  B "C5'" 1 
ATOM   315 C  "C4'" . DC  B 2 5  ? -9.450  0.642   -9.687  1.00 97.46  ? 16  DC  B "C4'" 1 
ATOM   316 O  "O4'" . DC  B 2 5  ? -8.798  1.753   -9.052  1.00 88.91  ? 16  DC  B "O4'" 1 
ATOM   317 C  "C3'" . DC  B 2 5  ? -10.643 0.293   -8.794  1.00 103.65 ? 16  DC  B "C3'" 1 
ATOM   318 O  "O3'" . DC  B 2 5  ? -10.489 -1.066  -8.401  1.00 110.10 ? 16  DC  B "O3'" 1 
ATOM   319 C  "C2'" . DC  B 2 5  ? -10.561 1.287   -7.611  1.00 90.15  ? 16  DC  B "C2'" 1 
ATOM   320 C  "C1'" . DC  B 2 5  ? -9.128  1.747   -7.679  1.00 94.12  ? 16  DC  B "C1'" 1 
ATOM   321 N  N1    . DC  B 2 5  ? -8.933  3.093   -7.213  1.00 90.50  ? 16  DC  B N1    1 
ATOM   322 C  C2    . DC  B 2 5  ? -7.690  3.454   -6.666  1.00 91.69  ? 16  DC  B C2    1 
ATOM   323 O  O2    . DC  B 2 5  ? -6.804  2.583   -6.542  1.00 94.62  ? 16  DC  B O2    1 
ATOM   324 N  N3    . DC  B 2 5  ? -7.491  4.738   -6.281  1.00 85.07  ? 16  DC  B N3    1 
ATOM   325 C  C4    . DC  B 2 5  ? -8.471  5.626   -6.440  1.00 89.81  ? 16  DC  B C4    1 
ATOM   326 N  N4    . DC  B 2 5  ? -8.239  6.877   -6.056  1.00 94.26  ? 16  DC  B N4    1 
ATOM   327 C  C5    . DC  B 2 5  ? -9.736  5.273   -7.015  1.00 93.81  ? 16  DC  B C5    1 
ATOM   328 C  C6    . DC  B 2 5  ? -9.919  4.006   -7.391  1.00 89.25  ? 16  DC  B C6    1 
ATOM   329 P  P     . DA  B 2 6  ? -11.030 -1.641  -7.010  1.00 116.25 ? 17  DA  B P     1 
ATOM   330 O  OP1   . DA  B 2 6  ? -11.311 -3.064  -7.370  1.00 110.31 ? 17  DA  B OP1   1 
ATOM   331 O  OP2   . DA  B 2 6  ? -11.987 -0.750  -6.286  1.00 100.35 ? 17  DA  B OP2   1 
ATOM   332 O  "O5'" . DA  B 2 6  ? -9.740  -1.695  -6.118  1.00 102.79 ? 17  DA  B "O5'" 1 
ATOM   333 C  "C5'" . DA  B 2 6  ? -9.062  -2.897  -5.974  1.00 96.14  ? 17  DA  B "C5'" 1 
ATOM   334 C  "C4'" . DA  B 2 6  ? -8.019  -2.674  -4.948  1.00 96.84  ? 17  DA  B "C4'" 1 
ATOM   335 O  "O4'" . DA  B 2 6  ? -7.887  -1.241  -4.776  1.00 97.36  ? 17  DA  B "O4'" 1 
ATOM   336 C  "C3'" . DA  B 2 6  ? -8.344  -3.214  -3.580  1.00 95.49  ? 17  DA  B "C3'" 1 
ATOM   337 O  "O3'" . DA  B 2 6  ? -7.146  -3.556  -2.933  1.00 98.70  ? 17  DA  B "O3'" 1 
ATOM   338 C  "C2'" . DA  B 2 6  ? -9.027  -2.028  -2.910  1.00 90.37  ? 17  DA  B "C2'" 1 
ATOM   339 C  "C1'" . DA  B 2 6  ? -8.255  -0.866  -3.482  1.00 92.92  ? 17  DA  B "C1'" 1 
ATOM   340 N  N9    . DA  B 2 6  ? -9.046  0.318   -3.615  1.00 94.69  ? 17  DA  B N9    1 
ATOM   341 C  C8    . DA  B 2 6  ? -10.328 0.403   -4.086  1.00 99.68  ? 17  DA  B C8    1 
ATOM   342 N  N7    . DA  B 2 6  ? -10.804 1.625   -4.106  1.00 100.98 ? 17  DA  B N7    1 
ATOM   343 C  C5    . DA  B 2 6  ? -9.748  2.394   -3.628  1.00 99.68  ? 17  DA  B C5    1 
ATOM   344 C  C6    . DA  B 2 6  ? -9.603  3.781   -3.406  1.00 100.43 ? 17  DA  B C6    1 
ATOM   345 N  N6    . DA  B 2 6  ? -10.585 4.665   -3.650  1.00 100.40 ? 17  DA  B N6    1 
ATOM   346 N  N1    . DA  B 2 6  ? -8.405  4.223   -2.922  1.00 96.43  ? 17  DA  B N1    1 
ATOM   347 C  C2    . DA  B 2 6  ? -7.434  3.321   -2.682  1.00 96.02  ? 17  DA  B C2    1 
ATOM   348 N  N3    . DA  B 2 6  ? -7.461  1.990   -2.847  1.00 96.54  ? 17  DA  B N3    1 
ATOM   349 C  C4    . DA  B 2 6  ? -8.653  1.594   -3.332  1.00 97.07  ? 17  DA  B C4    1 
ATOM   350 P  P     . DC  B 2 7  ? -7.206  -4.296  -1.523  1.00 106.27 ? 18  DC  B P     1 
ATOM   351 O  OP1   . DC  B 2 7  ? -5.861  -4.752  -1.091  1.00 105.91 ? 18  DC  B OP1   1 
ATOM   352 O  OP2   . DC  B 2 7  ? -8.314  -5.273  -1.663  1.00 105.82 ? 18  DC  B OP2   1 
ATOM   353 O  "O5'" . DC  B 2 7  ? -7.625  -3.128  -0.545  1.00 94.95  ? 18  DC  B "O5'" 1 
ATOM   354 C  "C5'" . DC  B 2 7  ? -6.827  -2.848  0.506   1.00 97.06  ? 18  DC  B "C5'" 1 
ATOM   355 C  "C4'" . DC  B 2 7  ? -6.574  -1.380  0.585   1.00 100.16 ? 18  DC  B "C4'" 1 
ATOM   356 O  "O4'" . DC  B 2 7  ? -7.574  -0.633  -0.110  1.00 97.96  ? 18  DC  B "O4'" 1 
ATOM   357 C  "C3'" . DC  B 2 7  ? -6.668  -0.849  1.980   1.00 105.18 ? 18  DC  B "C3'" 1 
ATOM   358 O  "O3'" . DC  B 2 7  ? -5.470  -1.017  2.595   1.00 109.83 ? 18  DC  B "O3'" 1 
ATOM   359 C  "C2'" . DC  B 2 7  ? -7.010  0.626   1.804   1.00 100.55 ? 18  DC  B "C2'" 1 
ATOM   360 C  "C1'" . DC  B 2 7  ? -7.397  0.697   0.342   1.00 99.60  ? 18  DC  B "C1'" 1 
ATOM   361 N  N1    . DC  B 2 7  ? -8.579  1.496   0.073   1.00 101.59 ? 18  DC  B N1    1 
ATOM   362 C  C2    . DC  B 2 7  ? -8.507  2.892   0.245   1.00 103.64 ? 18  DC  B C2    1 
ATOM   363 O  O2    . DC  B 2 7  ? -7.449  3.401   0.654   1.00 99.61  ? 18  DC  B O2    1 
ATOM   364 N  N3    . DC  B 2 7  ? -9.597  3.651   -0.060  1.00 106.69 ? 18  DC  B N3    1 
ATOM   365 C  C4    . DC  B 2 7  ? -10.715 3.061   -0.512  1.00 107.29 ? 18  DC  B C4    1 
ATOM   366 N  N4    . DC  B 2 7  ? -11.768 3.847   -0.799  1.00 103.57 ? 18  DC  B N4    1 
ATOM   367 C  C5    . DC  B 2 7  ? -10.799 1.633   -0.686  1.00 102.37 ? 18  DC  B C5    1 
ATOM   368 C  C6    . DC  B 2 7  ? -9.713  0.901   -0.390  1.00 99.44  ? 18  DC  B C6    1 
ATOM   369 P  P     . DT  B 2 8  ? -5.479  -1.649  4.053   1.00 125.97 ? 19  DT  B P     1 
ATOM   370 O  OP1   . DT  B 2 8  ? -4.094  -2.121  4.280   1.00 133.53 ? 19  DT  B OP1   1 
ATOM   371 O  OP2   . DT  B 2 8  ? -6.616  -2.618  4.094   1.00 106.17 ? 19  DT  B OP2   1 
ATOM   372 O  "O5'" . DT  B 2 8  ? -5.751  -0.379  4.993   1.00 100.52 ? 19  DT  B "O5'" 1 
ATOM   373 C  "C5'" . DT  B 2 8  ? -4.651  0.348   5.472   1.00 101.98 ? 19  DT  B "C5'" 1 
ATOM   374 C  "C4'" . DT  B 2 8  ? -4.909  1.820   5.382   1.00 102.78 ? 19  DT  B "C4'" 1 
ATOM   375 O  "O4'" . DT  B 2 8  ? -6.028  2.053   4.536   1.00 100.29 ? 19  DT  B "O4'" 1 
ATOM   376 C  "C3'" . DT  B 2 8  ? -5.256  2.469   6.703   1.00 110.30 ? 19  DT  B "C3'" 1 
ATOM   377 O  "O3'" . DT  B 2 8  ? -4.295  3.371   7.017   1.00 116.92 ? 19  DT  B "O3'" 1 
ATOM   378 C  "C2'" . DT  B 2 8  ? -6.592  3.169   6.469   1.00 116.30 ? 19  DT  B "C2'" 1 
ATOM   379 C  "C1'" . DT  B 2 8  ? -6.664  3.215   4.973   1.00 104.38 ? 19  DT  B "C1'" 1 
ATOM   380 N  N1    . DT  B 2 8  ? -8.022  3.181   4.443   1.00 106.68 ? 19  DT  B N1    1 
ATOM   381 C  C2    . DT  B 2 8  ? -8.628  4.350   4.091   1.00 110.89 ? 19  DT  B C2    1 
ATOM   382 O  O2    . DT  B 2 8  ? -8.095  5.439   4.240   1.00 115.97 ? 19  DT  B O2    1 
ATOM   383 N  N3    . DT  B 2 8  ? -9.887  4.210   3.562   1.00 107.96 ? 19  DT  B N3    1 
ATOM   384 C  C4    . DT  B 2 8  ? -10.572 3.026   3.357   1.00 107.56 ? 19  DT  B C4    1 
ATOM   385 O  O4    . DT  B 2 8  ? -11.699 2.985   2.874   1.00 106.96 ? 19  DT  B O4    1 
ATOM   386 C  C5    . DT  B 2 8  ? -9.872  1.839   3.747   1.00 105.78 ? 19  DT  B C5    1 
ATOM   387 C  C7    . DT  B 2 8  ? -10.523 0.506   3.571   1.00 108.22 ? 19  DT  B C7    1 
ATOM   388 C  C6    . DT  B 2 8  ? -8.646  1.970   4.265   1.00 103.31 ? 19  DT  B C6    1 
ATOM   389 P  P     . DC  B 2 9  ? -3.836  3.474   8.540   1.00 140.19 ? 20  DC  B P     1 
ATOM   390 O  OP1   . DC  B 2 9  ? -2.504  4.122   8.617   1.00 136.74 ? 20  DC  B OP1   1 
ATOM   391 O  OP2   . DC  B 2 9  ? -4.025  2.088   9.050   1.00 125.60 ? 20  DC  B OP2   1 
ATOM   392 O  "O5'" . DC  B 2 9  ? -4.896  4.501   9.158   1.00 128.06 ? 20  DC  B "O5'" 1 
ATOM   393 C  "C5'" . DC  B 2 9  ? -5.160  5.720   8.471   1.00 128.33 ? 20  DC  B "C5'" 1 
ATOM   394 C  "C4'" . DC  B 2 9  ? -6.441  6.338   8.972   1.00 131.28 ? 20  DC  B "C4'" 1 
ATOM   395 O  "O4'" . DC  B 2 9  ? -7.559  5.886   8.161   1.00 122.88 ? 20  DC  B "O4'" 1 
ATOM   396 C  "C3'" . DC  B 2 9  ? -6.792  5.968   10.417  1.00 137.54 ? 20  DC  B "C3'" 1 
ATOM   397 O  "O3'" . DC  B 2 9  ? -7.229  7.123   11.105  1.00 142.00 ? 20  DC  B "O3'" 1 
ATOM   398 C  "C2'" . DC  B 2 9  ? -7.930  4.963   10.249  1.00 131.14 ? 20  DC  B "C2'" 1 
ATOM   399 C  "C1'" . DC  B 2 9  ? -8.614  5.538   9.025   1.00 127.85 ? 20  DC  B "C1'" 1 
ATOM   400 N  N1    . DC  B 2 9  ? -9.538  4.583   8.340   1.00 123.44 ? 20  DC  B N1    1 
ATOM   401 C  C2    . DC  B 2 9  ? -10.509 5.069   7.443   1.00 125.00 ? 20  DC  B C2    1 
ATOM   402 O  O2    . DC  B 2 9  ? -10.568 6.291   7.214   1.00 128.37 ? 20  DC  B O2    1 
ATOM   403 N  N3    . DC  B 2 9  ? -11.351 4.181   6.841   1.00 121.36 ? 20  DC  B N3    1 
ATOM   404 C  C4    . DC  B 2 9  ? -11.250 2.876   7.110   1.00 119.24 ? 20  DC  B C4    1 
ATOM   405 N  N4    . DC  B 2 9  ? -12.090 2.043   6.492   1.00 116.16 ? 20  DC  B N4    1 
ATOM   406 C  C5    . DC  B 2 9  ? -10.280 2.368   8.029   1.00 117.09 ? 20  DC  B C5    1 
ATOM   407 C  C6    . DC  B 2 9  ? -9.457  3.248   8.618   1.00 119.52 ? 20  DC  B C6    1 
ATOM   408 P  P     . DA  B 2 10 ? -6.267  7.857   12.162  1.00 143.79 ? 21  DA  B P     1 
ATOM   409 O  OP1   . DA  B 2 10 ? -4.994  8.239   11.487  1.00 141.45 ? 21  DA  B OP1   1 
ATOM   410 O  OP2   . DA  B 2 10 ? -6.227  6.937   13.322  1.00 141.85 ? 21  DA  B OP2   1 
ATOM   411 O  "O5'" . DA  B 2 10 ? -7.093  9.184   12.564  1.00 139.96 ? 21  DA  B "O5'" 1 
ATOM   412 C  "C5'" . DA  B 2 10 ? -7.186  10.309  11.644  1.00 144.48 ? 21  DA  B "C5'" 1 
ATOM   413 C  "C4'" . DA  B 2 10 ? -8.637  10.792  11.439  1.00 146.48 ? 21  DA  B "C4'" 1 
ATOM   414 O  "O4'" . DA  B 2 10 ? -9.358  9.883   10.562  1.00 145.27 ? 21  DA  B "O4'" 1 
ATOM   415 C  "C3'" . DA  B 2 10 ? -9.486  10.932  12.696  1.00 148.03 ? 21  DA  B "C3'" 1 
ATOM   416 O  "O3'" . DA  B 2 10 ? -9.411  12.272  13.183  1.00 148.06 ? 21  DA  B "O3'" 1 
ATOM   417 C  "C2'" . DA  B 2 10 ? -10.902 10.601  12.212  1.00 143.17 ? 21  DA  B "C2'" 1 
ATOM   418 C  "C1'" . DA  B 2 10 ? -10.668 9.652   11.039  1.00 135.89 ? 21  DA  B "C1'" 1 
ATOM   419 N  N9    . DA  B 2 10 ? -10.779 8.233   11.368  1.00 137.62 ? 21  DA  B N9    1 
ATOM   420 C  C8    . DA  B 2 10 ? -10.003 7.520   12.250  1.00 136.26 ? 21  DA  B C8    1 
ATOM   421 N  N7    . DA  B 2 10 ? -10.311 6.244   12.324  1.00 130.64 ? 21  DA  B N7    1 
ATOM   422 C  C5    . DA  B 2 10 ? -11.352 6.106   11.419  1.00 137.67 ? 21  DA  B C5    1 
ATOM   423 C  C6    . DA  B 2 10 ? -12.126 4.995   11.026  1.00 137.50 ? 21  DA  B C6    1 
ATOM   424 N  N6    . DA  B 2 10 ? -11.949 3.763   11.531  1.00 132.65 ? 21  DA  B N6    1 
ATOM   425 N  N1    . DA  B 2 10 ? -13.092 5.202   10.089  1.00 139.18 ? 21  DA  B N1    1 
ATOM   426 C  C2    . DA  B 2 10 ? -13.262 6.443   9.587   1.00 138.48 ? 21  DA  B C2    1 
ATOM   427 N  N3    . DA  B 2 10 ? -12.599 7.565   9.883   1.00 134.78 ? 21  DA  B N3    1 
ATOM   428 C  C4    . DA  B 2 10 ? -11.648 7.325   10.812  1.00 138.89 ? 21  DA  B C4    1 
ATOM   429 P  P     . DC  C 3 1  ? 6.627   11.821  -1.461  1.00 65.62  ? 1   DC  C P     1 
ATOM   430 O  OP1   . DC  C 3 1  ? 5.823   11.434  -0.253  1.00 71.00  ? 1   DC  C OP1   1 
ATOM   431 O  OP2   . DC  C 3 1  ? 7.732   12.815  -1.455  1.00 72.59  ? 1   DC  C OP2   1 
ATOM   432 O  "O5'" . DC  C 3 1  ? 7.207   10.608  -2.317  1.00 64.01  ? 1   DC  C "O5'" 1 
ATOM   433 C  "C5'" . DC  C 3 1  ? 7.264   10.834  -3.684  1.00 75.53  ? 1   DC  C "C5'" 1 
ATOM   434 C  "C4'" . DC  C 3 1  ? 7.889   9.706   -4.420  1.00 69.82  ? 1   DC  C "C4'" 1 
ATOM   435 O  "O4'" . DC  C 3 1  ? 8.908   9.126   -3.633  1.00 72.90  ? 1   DC  C "O4'" 1 
ATOM   436 C  "C3'" . DC  C 3 1  ? 6.995   8.526   -4.765  1.00 63.19  ? 1   DC  C "C3'" 1 
ATOM   437 O  "O3'" . DC  C 3 1  ? 6.412   8.747   -6.005  1.00 58.34  ? 1   DC  C "O3'" 1 
ATOM   438 C  "C2'" . DC  C 3 1  ? 7.995   7.329   -4.778  1.00 72.48  ? 1   DC  C "C2'" 1 
ATOM   439 C  "C1'" . DC  C 3 1  ? 9.297   8.036   -4.382  1.00 69.04  ? 1   DC  C "C1'" 1 
ATOM   440 N  N1    . DC  C 3 1  ? 10.357  7.327   -3.667  1.00 63.34  ? 1   DC  C N1    1 
ATOM   441 C  C2    . DC  C 3 1  ? 11.237  6.513   -4.389  1.00 76.17  ? 1   DC  C C2    1 
ATOM   442 O  O2    . DC  C 3 1  ? 11.005  6.311   -5.584  1.00 81.30  ? 1   DC  C O2    1 
ATOM   443 N  N3    . DC  C 3 1  ? 12.296  5.935   -3.757  1.00 76.74  ? 1   DC  C N3    1 
ATOM   444 C  C4    . DC  C 3 1  ? 12.510  6.213   -2.475  1.00 80.86  ? 1   DC  C C4    1 
ATOM   445 N  N4    . DC  C 3 1  ? 13.558  5.645   -1.877  1.00 87.59  ? 1   DC  C N4    1 
ATOM   446 C  C5    . DC  C 3 1  ? 11.651  7.090   -1.739  1.00 77.98  ? 1   DC  C C5    1 
ATOM   447 C  C6    . DC  C 3 1  ? 10.608  7.633   -2.382  1.00 70.16  ? 1   DC  C C6    1 
ATOM   448 P  P     . DA  C 3 2  ? 5.002   8.057   -6.308  1.00 78.77  ? 2   DA  C P     1 
ATOM   449 O  OP1   . DA  C 3 2  ? 4.258   8.642   -7.485  1.00 62.34  ? 2   DA  C OP1   1 
ATOM   450 O  OP2   . DA  C 3 2  ? 4.342   8.023   -5.000  1.00 65.59  ? 2   DA  C OP2   1 
ATOM   451 O  "O5'" . DA  C 3 2  ? 5.468   6.581   -6.683  1.00 65.74  ? 2   DA  C "O5'" 1 
ATOM   452 C  "C5'" . DA  C 3 2  ? 6.113   6.426   -7.938  1.00 69.15  ? 2   DA  C "C5'" 1 
ATOM   453 C  "C4'" . DA  C 3 2  ? 6.657   5.043   -8.111  1.00 65.41  ? 2   DA  C "C4'" 1 
ATOM   454 O  "O4'" . DA  C 3 2  ? 7.721   4.794   -7.137  1.00 75.67  ? 2   DA  C "O4'" 1 
ATOM   455 C  "C3'" . DA  C 3 2  ? 5.650   3.969   -7.876  1.00 60.49  ? 2   DA  C "C3'" 1 
ATOM   456 O  "O3'" . DA  C 3 2  ? 5.921   2.925   -8.762  1.00 57.81  ? 2   DA  C "O3'" 1 
ATOM   457 C  "C2'" . DA  C 3 2  ? 5.934   3.595   -6.417  1.00 70.39  ? 2   DA  C "C2'" 1 
ATOM   458 C  "C1'" . DA  C 3 2  ? 7.447   3.611   -6.449  1.00 68.21  ? 2   DA  C "C1'" 1 
ATOM   459 N  N9    . DA  C 3 2  ? 8.058   3.708   -5.154  1.00 59.98  ? 2   DA  C N9    1 
ATOM   460 C  C8    . DA  C 3 2  ? 7.501   4.249   -4.051  1.00 68.10  ? 2   DA  C C8    1 
ATOM   461 N  N7    . DA  C 3 2  ? 8.284   4.231   -2.990  1.00 75.06  ? 2   DA  C N7    1 
ATOM   462 C  C5    . DA  C 3 2  ? 9.444   3.625   -3.444  1.00 75.91  ? 2   DA  C C5    1 
ATOM   463 C  C6    . DA  C 3 2  ? 10.665  3.328   -2.811  1.00 66.15  ? 2   DA  C C6    1 
ATOM   464 N  N6    . DA  C 3 2  ? 10.909  3.608   -1.549  1.00 66.71  ? 2   DA  C N6    1 
ATOM   465 N  N1    . DA  C 3 2  ? 11.613  2.737   -3.530  1.00 63.88  ? 2   DA  C N1    1 
ATOM   466 C  C2    . DA  C 3 2  ? 11.356  2.471   -4.813  1.00 72.86  ? 2   DA  C C2    1 
ATOM   467 N  N3    . DA  C 3 2  ? 10.241  2.709   -5.530  1.00 69.39  ? 2   DA  C N3    1 
ATOM   468 C  C4    . DA  C 3 2  ? 9.315   3.290   -4.777  1.00 68.13  ? 2   DA  C C4    1 
ATOM   469 P  P     . DA  C 3 3  ? 5.228   2.954   -10.205 1.00 75.63  ? 3   DA  C P     1 
ATOM   470 O  OP1   . DA  C 3 3  ? 5.518   1.683   -10.928 1.00 60.49  ? 3   DA  C OP1   1 
ATOM   471 O  OP2   . DA  C 3 3  ? 5.699   4.233   -10.828 1.00 64.73  ? 3   DA  C OP2   1 
ATOM   472 O  "O5'" . DA  C 3 3  ? 3.632   2.935   -9.861  1.00 64.60  ? 3   DA  C "O5'" 1 
ATOM   473 C  "C5'" . DA  C 3 3  ? 2.964   1.675   -9.576  1.00 60.88  ? 3   DA  C "C5'" 1 
ATOM   474 C  "C4'" . DA  C 3 3  ? 1.522   1.651   -10.076 1.00 66.16  ? 3   DA  C "C4'" 1 
ATOM   475 O  "O4'" . DA  C 3 3  ? 0.745   2.617   -9.356  1.00 75.32  ? 3   DA  C "O4'" 1 
ATOM   476 C  "C3'" . DA  C 3 3  ? 1.315   2.007   -11.542 1.00 66.40  ? 3   DA  C "C3'" 1 
ATOM   477 O  "O3'" . DA  C 3 3  ? 1.360   0.828   -12.317 1.00 60.63  ? 3   DA  C "O3'" 1 
ATOM   478 C  "C2'" . DA  C 3 3  ? -0.099  2.617   -11.572 1.00 59.36  ? 3   DA  C "C2'" 1 
ATOM   479 C  "C1'" . DA  C 3 3  ? -0.267  3.170   -10.189 1.00 55.31  ? 3   DA  C "C1'" 1 
ATOM   480 N  N9    . DA  C 3 3  ? -0.071  4.559   -10.091 1.00 56.93  ? 3   DA  C N9    1 
ATOM   481 C  C8    . DA  C 3 3  ? 0.928   5.142   -9.431  1.00 64.01  ? 3   DA  C C8    1 
ATOM   482 N  N7    . DA  C 3 3  ? 0.859   6.448   -9.440  1.00 67.98  ? 3   DA  C N7    1 
ATOM   483 C  C5    . DA  C 3 3  ? -0.244  6.709   -10.162 1.00 65.92  ? 3   DA  C C5    1 
ATOM   484 C  C6    . DA  C 3 3  ? -0.865  7.892   -10.534 1.00 73.89  ? 3   DA  C C6    1 
ATOM   485 N  N6    . DA  C 3 3  ? -0.369  9.081   -10.177 1.00 82.37  ? 3   DA  C N6    1 
ATOM   486 N  N1    . DA  C 3 3  ? -1.978  7.830   -11.255 1.00 77.16  ? 3   DA  C N1    1 
ATOM   487 C  C2    . DA  C 3 3  ? -2.452  6.633   -11.583 1.00 77.52  ? 3   DA  C C2    1 
ATOM   488 N  N3    . DA  C 3 3  ? -1.952  5.429   -11.296 1.00 77.99  ? 3   DA  C N3    1 
ATOM   489 C  C4    . DA  C 3 3  ? -0.860  5.544   -10.584 1.00 67.46  ? 3   DA  C C4    1 
ATOM   490 P  P     . DG  C 3 4  ? 1.927   0.888   -13.809 1.00 68.14  ? 4   DG  C P     1 
ATOM   491 O  OP1   . DG  C 3 4  ? 2.079   -0.513  -14.290 1.00 69.73  ? 4   DG  C OP1   1 
ATOM   492 O  OP2   . DG  C 3 4  ? 3.081   1.833   -13.761 1.00 77.93  ? 4   DG  C OP2   1 
ATOM   493 O  "O5'" . DG  C 3 4  ? 0.755   1.601   -14.663 1.00 71.59  ? 4   DG  C "O5'" 1 
ATOM   494 C  "C5'" . DG  C 3 4  ? -0.503  0.942   -14.843 1.00 65.22  ? 4   DG  C "C5'" 1 
ATOM   495 C  "C4'" . DG  C 3 4  ? -1.542  1.961   -15.148 1.00 62.76  ? 4   DG  C "C4'" 1 
ATOM   496 O  "O4'" . DG  C 3 4  ? -1.327  3.055   -14.280 1.00 67.15  ? 4   DG  C "O4'" 1 
ATOM   497 C  "C3'" . DG  C 3 4  ? -1.354  2.608   -16.480 1.00 81.59  ? 4   DG  C "C3'" 1 
ATOM   498 O  "O3'" . DG  C 3 4  ? -1.965  1.875   -17.480 1.00 87.96  ? 4   DG  C "O3'" 1 
ATOM   499 C  "C2'" . DG  C 3 4  ? -2.042  3.959   -16.312 1.00 76.22  ? 4   DG  C "C2'" 1 
ATOM   500 C  "C1'" . DG  C 3 4  ? -1.918  4.196   -14.838 1.00 70.74  ? 4   DG  C "C1'" 1 
ATOM   501 N  N9    . DG  C 3 4  ? -1.138  5.347   -14.498 1.00 67.85  ? 4   DG  C N9    1 
ATOM   502 C  C8    . DG  C 3 4  ? 0.083   5.373   -13.918 1.00 72.82  ? 4   DG  C C8    1 
ATOM   503 N  N7    . DG  C 3 4  ? 0.510   6.578   -13.647 1.00 70.75  ? 4   DG  C N7    1 
ATOM   504 C  C5    . DG  C 3 4  ? -0.490  7.381   -14.107 1.00 68.66  ? 4   DG  C C5    1 
ATOM   505 C  C6    . DG  C 3 4  ? -0.549  8.775   -14.104 1.00 74.50  ? 4   DG  C C6    1 
ATOM   506 O  O6    . DG  C 3 4  ? 0.280   9.567   -13.694 1.00 79.87  ? 4   DG  C O6    1 
ATOM   507 N  N1    . DG  C 3 4  ? -1.741  9.215   -14.651 1.00 78.04  ? 4   DG  C N1    1 
ATOM   508 C  C2    . DG  C 3 4  ? -2.734  8.409   -15.137 1.00 80.03  ? 4   DG  C C2    1 
ATOM   509 N  N2    . DG  C 3 4  ? -3.810  9.019   -15.619 1.00 88.18  ? 4   DG  C N2    1 
ATOM   510 N  N3    . DG  C 3 4  ? -2.676  7.082   -15.145 1.00 74.91  ? 4   DG  C N3    1 
ATOM   511 C  C4    . DG  C 3 4  ? -1.510  6.652   -14.620 1.00 73.05  ? 4   DG  C C4    1 
ATOM   512 P  P     . DT  C 3 5  ? -2.160  2.599   -18.898 1.00 95.53  ? 5   DT  C P     1 
ATOM   513 O  OP1   . DT  C 3 5  ? -2.103  1.502   -19.892 1.00 87.63  ? 5   DT  C OP1   1 
ATOM   514 O  OP2   . DT  C 3 5  ? -1.252  3.803   -19.044 1.00 58.47  ? 5   DT  C OP2   1 
ATOM   515 O  "O5'" . DT  C 3 5  ? -3.670  3.147   -18.796 1.00 92.57  ? 5   DT  C "O5'" 1 
ATOM   516 C  "C5'" . DT  C 3 5  ? -4.392  3.496   -19.991 1.00 82.65  ? 5   DT  C "C5'" 1 
ATOM   517 C  "C4'" . DT  C 3 5  ? -4.465  5.001   -20.160 1.00 62.48  ? 5   DT  C "C4'" 1 
ATOM   518 O  "O4'" . DT  C 3 5  ? -3.928  5.674   -19.019 1.00 65.34  ? 5   DT  C "O4'" 1 
ATOM   519 C  "C3'" . DT  C 3 5  ? -3.629  5.587   -21.250 1.00 67.00  ? 5   DT  C "C3'" 1 
ATOM   520 O  "O3'" . DT  C 3 5  ? -4.129  5.281   -22.487 1.00 70.90  ? 5   DT  C "O3'" 1 
ATOM   521 C  "C2'" . DT  C 3 5  ? -3.778  7.048   -20.932 1.00 68.14  ? 5   DT  C "C2'" 1 
ATOM   522 C  "C1'" . DT  C 3 5  ? -3.748  7.020   -19.408 1.00 69.46  ? 5   DT  C "C1'" 1 
ATOM   523 N  N1    . DT  C 3 5  ? -2.494  7.597   -18.809 1.00 72.39  ? 5   DT  C N1    1 
ATOM   524 C  C2    . DT  C 3 5  ? -2.447  8.952   -18.585 1.00 77.51  ? 5   DT  C C2    1 
ATOM   525 O  O2    . DT  C 3 5  ? -3.368  9.700   -18.861 1.00 85.98  ? 5   DT  C O2    1 
ATOM   526 N  N3    . DT  C 3 5  ? -1.307  9.421   -18.025 1.00 79.46  ? 5   DT  C N3    1 
ATOM   527 C  C4    . DT  C 3 5  ? -0.216  8.691   -17.671 1.00 82.49  ? 5   DT  C C4    1 
ATOM   528 O  O4    . DT  C 3 5  ? 0.775   9.216   -17.165 1.00 88.20  ? 5   DT  C O4    1 
ATOM   529 C  C5    . DT  C 3 5  ? -0.299  7.272   -17.928 1.00 75.05  ? 5   DT  C C5    1 
ATOM   530 C  C7    . DT  C 3 5  ? 0.844   6.401   -17.569 1.00 77.99  ? 5   DT  C C7    1 
ATOM   531 C  C6    . DT  C 3 5  ? -1.422  6.787   -18.486 1.00 69.47  ? 5   DT  C C6    1 
ATOM   532 O  "O5'" . DT  D 4 1  ? -19.174 -6.913  12.835  1.00 156.45 ? 1   DT  D "O5'" 1 
ATOM   533 C  "C5'" . DT  D 4 1  ? -19.108 -5.894  13.842  1.00 152.73 ? 1   DT  D "C5'" 1 
ATOM   534 C  "C4'" . DT  D 4 1  ? -19.954 -4.713  13.432  1.00 149.52 ? 1   DT  D "C4'" 1 
ATOM   535 O  "O4'" . DT  D 4 1  ? -19.537 -3.514  14.147  1.00 144.53 ? 1   DT  D "O4'" 1 
ATOM   536 C  "C3'" . DT  D 4 1  ? -19.853 -4.359  11.941  1.00 146.98 ? 1   DT  D "C3'" 1 
ATOM   537 O  "O3'" . DT  D 4 1  ? -21.137 -4.137  11.408  1.00 148.09 ? 1   DT  D "O3'" 1 
ATOM   538 C  "C2'" . DT  D 4 1  ? -19.049 -3.073  11.964  1.00 149.30 ? 1   DT  D "C2'" 1 
ATOM   539 C  "C1'" . DT  D 4 1  ? -19.605 -2.463  13.221  1.00 147.84 ? 1   DT  D "C1'" 1 
ATOM   540 N  N1    . DT  D 4 1  ? -18.843 -1.302  13.693  1.00 151.19 ? 1   DT  D N1    1 
ATOM   541 C  C2    . DT  D 4 1  ? -19.280 -0.046  13.347  1.00 152.36 ? 1   DT  D C2    1 
ATOM   542 O  O2    . DT  D 4 1  ? -20.283 0.154   12.681  1.00 145.49 ? 1   DT  D O2    1 
ATOM   543 N  N3    . DT  D 4 1  ? -18.503 0.980   13.818  1.00 154.77 ? 1   DT  D N3    1 
ATOM   544 C  C4    . DT  D 4 1  ? -17.348 0.872   14.576  1.00 151.51 ? 1   DT  D C4    1 
ATOM   545 O  O4    . DT  D 4 1  ? -16.715 1.855   14.953  1.00 151.12 ? 1   DT  D O4    1 
ATOM   546 C  C5    . DT  D 4 1  ? -16.943 -0.479  14.892  1.00 148.43 ? 1   DT  D C5    1 
ATOM   547 C  C7    . DT  D 4 1  ? -15.707 -0.722  15.701  1.00 146.23 ? 1   DT  D C7    1 
ATOM   548 C  C6    . DT  D 4 1  ? -17.700 -1.489  14.439  1.00 148.45 ? 1   DT  D C6    1 
ATOM   549 P  P     . DC  D 4 2  ? -21.322 -3.969  9.822   1.00 162.46 ? 2   DC  D P     1 
ATOM   550 O  OP1   . DC  D 4 2  ? -22.752 -4.065  9.446   1.00 169.30 ? 2   DC  D OP1   1 
ATOM   551 O  OP2   . DC  D 4 2  ? -20.366 -4.935  9.244   1.00 166.90 ? 2   DC  D OP2   1 
ATOM   552 O  "O5'" . DC  D 4 2  ? -20.879 -2.459  9.540   1.00 149.01 ? 2   DC  D "O5'" 1 
ATOM   553 C  "C5'" . DC  D 4 2  ? -21.383 -1.434  10.345  1.00 143.07 ? 2   DC  D "C5'" 1 
ATOM   554 C  "C4'" . DC  D 4 2  ? -22.134 -0.425  9.527   1.00 152.69 ? 2   DC  D "C4'" 1 
ATOM   555 O  "O4'" . DC  D 4 2  ? -21.677 0.891   9.874   1.00 152.95 ? 2   DC  D "O4'" 1 
ATOM   556 C  "C3'" . DC  D 4 2  ? -21.925 -0.504  8.040   1.00 150.83 ? 2   DC  D "C3'" 1 
ATOM   557 O  "O3'" . DC  D 4 2  ? -22.981 0.190   7.421   1.00 155.83 ? 2   DC  D "O3'" 1 
ATOM   558 C  "C2'" . DC  D 4 2  ? -20.596 0.227   7.881   1.00 150.69 ? 2   DC  D "C2'" 1 
ATOM   559 C  "C1'" . DC  D 4 2  ? -20.664 1.281   8.991   1.00 148.66 ? 2   DC  D "C1'" 1 
ATOM   560 N  N1    . DC  D 4 2  ? -19.418 1.396   9.775   1.00 152.81 ? 2   DC  D N1    1 
ATOM   561 C  C2    . DC  D 4 2  ? -19.078 2.628   10.349  1.00 153.77 ? 2   DC  D C2    1 
ATOM   562 O  O2    . DC  D 4 2  ? -19.828 3.601   10.182  1.00 151.13 ? 2   DC  D O2    1 
ATOM   563 N  N3    . DC  D 4 2  ? -17.926 2.721   11.071  1.00 154.57 ? 2   DC  D N3    1 
ATOM   564 C  C4    . DC  D 4 2  ? -17.139 1.647   11.224  1.00 150.92 ? 2   DC  D C4    1 
ATOM   565 N  N4    . DC  D 4 2  ? -16.014 1.790   11.943  1.00 145.39 ? 2   DC  D N4    1 
ATOM   566 C  C5    . DC  D 4 2  ? -17.476 0.381   10.649  1.00 149.63 ? 2   DC  D C5    1 
ATOM   567 C  C6    . DC  D 4 2  ? -18.614 0.303   9.944   1.00 150.34 ? 2   DC  D C6    1 
ATOM   568 P  P     . DT  D 4 3  ? -22.885 0.652   5.893   1.00 174.84 ? 3   DT  D P     1 
ATOM   569 O  OP1   . DT  D 4 3  ? -24.236 1.043   5.430   1.00 181.92 ? 3   DT  D OP1   1 
ATOM   570 O  OP2   . DT  D 4 3  ? -22.168 -0.433  5.190   1.00 175.03 ? 3   DT  D OP2   1 
ATOM   571 O  "O5'" . DT  D 4 3  ? -22.058 2.021   5.957   1.00 164.21 ? 3   DT  D "O5'" 1 
ATOM   572 C  "C5'" . DT  D 4 3  ? -22.591 3.140   6.652   1.00 155.87 ? 3   DT  D "C5'" 1 
ATOM   573 C  "C4'" . DT  D 4 3  ? -21.752 4.378   6.400   1.00 161.57 ? 3   DT  D "C4'" 1 
ATOM   574 O  "O4'" . DT  D 4 3  ? -20.500 4.308   7.145   1.00 163.40 ? 3   DT  D "O4'" 1 
ATOM   575 C  "C3'" . DT  D 4 3  ? -21.353 4.613   4.943   1.00 158.44 ? 3   DT  D "C3'" 1 
ATOM   576 O  "O3'" . DT  D 4 3  ? -21.485 5.973   4.664   1.00 157.42 ? 3   DT  D "O3'" 1 
ATOM   577 C  "C2'" . DT  D 4 3  ? -19.878 4.186   4.913   1.00 159.38 ? 3   DT  D "C2'" 1 
ATOM   578 C  "C1'" . DT  D 4 3  ? -19.437 4.672   6.280   1.00 157.46 ? 3   DT  D "C1'" 1 
ATOM   579 N  N1    . DT  D 4 3  ? -18.137 4.078   6.808   1.00 149.95 ? 3   DT  D N1    1 
ATOM   580 C  C2    . DT  D 4 3  ? -17.264 4.900   7.499   1.00 150.42 ? 3   DT  D C2    1 
ATOM   581 O  O2    . DT  D 4 3  ? -17.478 6.091   7.693   1.00 155.32 ? 3   DT  D O2    1 
ATOM   582 N  N3    . DT  D 4 3  ? -16.122 4.282   7.955   1.00 144.92 ? 3   DT  D N3    1 
ATOM   583 C  C4    . DT  D 4 3  ? -15.773 2.951   7.806   1.00 143.95 ? 3   DT  D C4    1 
ATOM   584 O  O4    . DT  D 4 3  ? -14.725 2.492   8.261   1.00 138.46 ? 3   DT  D O4    1 
ATOM   585 C  C5    . DT  D 4 3  ? -16.729 2.140   7.078   1.00 143.93 ? 3   DT  D C5    1 
ATOM   586 C  C7    . DT  D 4 3  ? -16.457 0.684   6.855   1.00 135.74 ? 3   DT  D C7    1 
ATOM   587 C  C6    . DT  D 4 3  ? -17.853 2.734   6.619   1.00 146.26 ? 3   DT  D C6    1 
ATOM   588 P  P     . DG  D 4 4  ? -21.867 6.453   3.189   1.00 170.21 ? 4   DG  D P     1 
ATOM   589 O  OP1   . DG  D 4 4  ? -23.289 6.867   3.195   1.00 176.58 ? 4   DG  D OP1   1 
ATOM   590 O  OP2   . DG  D 4 4  ? -21.416 5.372   2.283   1.00 162.84 ? 4   DG  D OP2   1 
ATOM   591 O  "O5'" . DG  D 4 4  ? -20.976 7.767   2.979   1.00 165.23 ? 4   DG  D "O5'" 1 
ATOM   592 C  "C5'" . DG  D 4 4  ? -20.879 8.730   4.025   1.00 160.70 ? 4   DG  D "C5'" 1 
ATOM   593 C  "C4'" . DG  D 4 4  ? -19.568 9.493   3.933   1.00 161.75 ? 4   DG  D "C4'" 1 
ATOM   594 O  "O4'" . DG  D 4 4  ? -18.484 8.693   4.481   1.00 160.71 ? 4   DG  D "O4'" 1 
ATOM   595 C  "C3'" . DG  D 4 4  ? -19.160 9.910   2.523   1.00 156.52 ? 4   DG  D "C3'" 1 
ATOM   596 O  "O3'" . DG  D 4 4  ? -18.965 11.319  2.497   1.00 156.57 ? 4   DG  D "O3'" 1 
ATOM   597 C  "C2'" . DG  D 4 4  ? -17.867 9.121   2.223   1.00 152.90 ? 4   DG  D "C2'" 1 
ATOM   598 C  "C1'" . DG  D 4 4  ? -17.378 8.630   3.589   1.00 151.34 ? 4   DG  D "C1'" 1 
ATOM   599 N  N9    . DG  D 4 4  ? -16.902 7.232   3.577   1.00 144.94 ? 4   DG  D N9    1 
ATOM   600 C  C8    . DG  D 4 4  ? -17.492 6.177   2.919   1.00 146.73 ? 4   DG  D C8    1 
ATOM   601 N  N7    . DG  D 4 4  ? -16.888 5.036   3.100   1.00 142.27 ? 4   DG  D N7    1 
ATOM   602 C  C5    . DG  D 4 4  ? -15.829 5.335   3.940   1.00 136.63 ? 4   DG  D C5    1 
ATOM   603 C  C6    . DG  D 4 4  ? -14.839 4.485   4.476   1.00 131.28 ? 4   DG  D C6    1 
ATOM   604 O  O6    . DG  D 4 4  ? -14.707 3.266   4.298   1.00 126.61 ? 4   DG  D O6    1 
ATOM   605 N  N1    . DG  D 4 4  ? -13.941 5.179   5.291   1.00 128.60 ? 4   DG  D N1    1 
ATOM   606 C  C2    . DG  D 4 4  ? -13.998 6.530   5.550   1.00 132.38 ? 4   DG  D C2    1 
ATOM   607 N  N2    . DG  D 4 4  ? -13.044 7.015   6.355   1.00 130.85 ? 4   DG  D N2    1 
ATOM   608 N  N3    . DG  D 4 4  ? -14.929 7.349   5.052   1.00 137.76 ? 4   DG  D N3    1 
ATOM   609 C  C4    . DG  D 4 4  ? -15.815 6.684   4.255   1.00 139.76 ? 4   DG  D C4    1 
ATOM   610 P  P     . DA  D 4 5  ? -18.229 12.028  1.263   1.00 162.33 ? 5   DA  D P     1 
ATOM   611 O  OP1   . DA  D 4 5  ? -18.695 13.439  1.216   1.00 158.71 ? 5   DA  D OP1   1 
ATOM   612 O  OP2   . DA  D 4 5  ? -18.423 11.132  0.095   1.00 155.36 ? 5   DA  D OP2   1 
ATOM   613 O  "O5'" . DA  D 4 5  ? -16.687 12.060  1.708   1.00 149.77 ? 5   DA  D "O5'" 1 
ATOM   614 C  "C5'" . DA  D 4 5  ? -16.361 12.453  3.032   1.00 143.90 ? 5   DA  D "C5'" 1 
ATOM   615 C  "C4'" . DA  D 4 5  ? -14.904 12.861  3.171   1.00 143.69 ? 5   DA  D "C4'" 1 
ATOM   616 O  "O4'" . DA  D 4 5  ? -14.076 11.699  3.381   1.00 142.50 ? 5   DA  D "O4'" 1 
ATOM   617 C  "C3'" . DA  D 4 5  ? -14.282 13.583  1.989   1.00 139.61 ? 5   DA  D "C3'" 1 
ATOM   618 O  "O3'" . DA  D 4 5  ? -13.222 14.399  2.480   1.00 142.87 ? 5   DA  D "O3'" 1 
ATOM   619 C  "C2'" . DA  D 4 5  ? -13.756 12.433  1.141   1.00 131.34 ? 5   DA  D "C2'" 1 
ATOM   620 C  "C1'" . DA  D 4 5  ? -13.350 11.407  2.201   1.00 136.11 ? 5   DA  D "C1'" 1 
ATOM   621 N  N9    . DA  D 4 5  ? -13.679 10.048  1.817   1.00 140.35 ? 5   DA  D N9    1 
ATOM   622 C  C8    . DA  D 4 5  ? -14.750 9.640   1.059   1.00 142.07 ? 5   DA  D C8    1 
ATOM   623 N  N7    . DA  D 4 5  ? -14.806 8.339   0.870   1.00 136.47 ? 5   DA  D N7    1 
ATOM   624 C  C5    . DA  D 4 5  ? -13.696 7.863   1.558   1.00 134.89 ? 5   DA  D C5    1 
ATOM   625 C  C6    . DA  D 4 5  ? -13.189 6.564   1.749   1.00 130.07 ? 5   DA  D C6    1 
ATOM   626 N  N6    . DA  D 4 5  ? -13.773 5.468   1.234   1.00 129.22 ? 5   DA  D N6    1 
ATOM   627 N  N1    . DA  D 4 5  ? -12.057 6.435   2.493   1.00 122.38 ? 5   DA  D N1    1 
ATOM   628 C  C2    . DA  D 4 5  ? -11.486 7.543   3.005   1.00 121.98 ? 5   DA  D C2    1 
ATOM   629 N  N3    . DA  D 4 5  ? -11.872 8.815   2.894   1.00 122.29 ? 5   DA  D N3    1 
ATOM   630 C  C4    . DA  D 4 5  ? -12.992 8.907   2.152   1.00 132.35 ? 5   DA  D C4    1 
ATOM   631 P  P     . DG  D 4 6  ? -12.099 14.995  1.499   1.00 148.11 ? 6   DG  D P     1 
ATOM   632 O  OP1   . DG  D 4 6  ? -11.588 16.240  2.131   1.00 134.69 ? 6   DG  D OP1   1 
ATOM   633 O  OP2   . DG  D 4 6  ? -12.634 14.988  0.112   1.00 145.15 ? 6   DG  D OP2   1 
ATOM   634 O  "O5'" . DG  D 4 6  ? -10.913 13.942  1.600   1.00 133.57 ? 6   DG  D "O5'" 1 
ATOM   635 C  "C5'" . DG  D 4 6  ? -10.156 13.892  2.779   1.00 131.72 ? 6   DG  D "C5'" 1 
ATOM   636 C  "C4'" . DG  D 4 6  ? -8.921  13.038  2.592   1.00 128.45 ? 6   DG  D "C4'" 1 
ATOM   637 O  "O4'" . DG  D 4 6  ? -9.311  11.678  2.300   1.00 126.46 ? 6   DG  D "O4'" 1 
ATOM   638 C  "C3'" . DG  D 4 6  ? -7.981  13.475  1.471   1.00 118.74 ? 6   DG  D "C3'" 1 
ATOM   639 O  "O3'" . DG  D 4 6  ? -6.655  13.529  1.995   1.00 116.83 ? 6   DG  D "O3'" 1 
ATOM   640 C  "C2'" . DG  D 4 6  ? -8.159  12.389  0.391   1.00 109.49 ? 6   DG  D "C2'" 1 
ATOM   641 C  "C1'" . DG  D 4 6  ? -8.559  11.179  1.222   1.00 113.70 ? 6   DG  D "C1'" 1 
ATOM   642 N  N9    . DG  D 4 6  ? -9.408  10.210  0.537   1.00 111.82 ? 6   DG  D N9    1 
ATOM   643 C  C8    . DG  D 4 6  ? -10.594 10.448  -0.117  1.00 113.84 ? 6   DG  D C8    1 
ATOM   644 N  N7    . DG  D 4 6  ? -11.146 9.368   -0.597  1.00 110.02 ? 6   DG  D N7    1 
ATOM   645 C  C5    . DG  D 4 6  ? -10.292 8.353   -0.208  1.00 104.02 ? 6   DG  D C5    1 
ATOM   646 C  C6    . DG  D 4 6  ? -10.371 6.964   -0.434  1.00 101.95 ? 6   DG  D C6    1 
ATOM   647 O  O6    . DG  D 4 6  ? -11.242 6.339   -1.039  1.00 103.55 ? 6   DG  D O6    1 
ATOM   648 N  N1    . DG  D 4 6  ? -9.293  6.287   0.127   1.00 104.89 ? 6   DG  D N1    1 
ATOM   649 C  C2    . DG  D 4 6  ? -8.257  6.887   0.821   1.00 108.27 ? 6   DG  D C2    1 
ATOM   650 N  N2    . DG  D 4 6  ? -7.292  6.075   1.283   1.00 106.41 ? 6   DG  D N2    1 
ATOM   651 N  N3    . DG  D 4 6  ? -8.175  8.194   1.042   1.00 108.05 ? 6   DG  D N3    1 
ATOM   652 C  C4    . DG  D 4 6  ? -9.223  8.858   0.499   1.00 107.66 ? 6   DG  D C4    1 
ATOM   653 P  P     . DT  D 4 7  ? -5.412  13.749  1.016   1.00 112.78 ? 7   DT  D P     1 
ATOM   654 O  OP1   . DT  D 4 7  ? -4.194  14.155  1.795   1.00 93.12  ? 7   DT  D OP1   1 
ATOM   655 O  OP2   . DT  D 4 7  ? -5.936  14.592  -0.095  1.00 101.64 ? 7   DT  D OP2   1 
ATOM   656 O  "O5'" . DT  D 4 7  ? -5.188  12.272  0.447   1.00 110.41 ? 7   DT  D "O5'" 1 
ATOM   657 C  "C5'" . DT  D 4 7  ? -4.812  11.219  1.340   1.00 108.92 ? 7   DT  D "C5'" 1 
ATOM   658 C  "C4'" . DT  D 4 7  ? -3.937  10.176  0.643   1.00 101.36 ? 7   DT  D "C4'" 1 
ATOM   659 O  "O4'" . DT  D 4 7  ? -4.779  9.114   0.124   1.00 94.11  ? 7   DT  D "O4'" 1 
ATOM   660 C  "C3'" . DT  D 4 7  ? -3.139  10.682  -0.563  1.00 92.92  ? 7   DT  D "C3'" 1 
ATOM   661 O  "O3'" . DT  D 4 7  ? -1.949  9.874   -0.783  1.00 97.36  ? 7   DT  D "O3'" 1 
ATOM   662 C  "C2'" . DT  D 4 7  ? -4.150  10.425  -1.668  1.00 88.09  ? 7   DT  D "C2'" 1 
ATOM   663 C  "C1'" . DT  D 4 7  ? -4.579  9.038   -1.253  1.00 86.93  ? 7   DT  D "C1'" 1 
ATOM   664 N  N1    . DT  D 4 7  ? -5.800  8.552   -1.871  1.00 90.82  ? 7   DT  D N1    1 
ATOM   665 C  C2    . DT  D 4 7  ? -5.917  7.201   -2.081  1.00 95.83  ? 7   DT  D C2    1 
ATOM   666 O  O2    . DT  D 4 7  ? -5.045  6.402   -1.767  1.00 100.74 ? 7   DT  D O2    1 
ATOM   667 N  N3    . DT  D 4 7  ? -7.083  6.804   -2.671  1.00 91.08  ? 7   DT  D N3    1 
ATOM   668 C  C4    . DT  D 4 7  ? -8.125  7.617   -3.058  1.00 100.03 ? 7   DT  D C4    1 
ATOM   669 O  O4    . DT  D 4 7  ? -9.147  7.170   -3.585  1.00 103.78 ? 7   DT  D O4    1 
ATOM   670 C  C5    . DT  D 4 7  ? -7.933  9.032   -2.811  1.00 96.45  ? 7   DT  D C5    1 
ATOM   671 C  C7    . DT  D 4 7  ? -9.001  10.006  -3.198  1.00 107.33 ? 7   DT  D C7    1 
ATOM   672 C  C6    . DT  D 4 7  ? -6.788  9.429   -2.236  1.00 88.12  ? 7   DT  D C6    1 
ATOM   673 P  P     . DG  D 4 8  ? -0.699  9.793   0.248   1.00 107.59 ? 8   DG  D P     1 
ATOM   674 O  OP1   . DG  D 4 8  ? -1.150  9.667   1.645   1.00 96.97  ? 8   DG  D OP1   1 
ATOM   675 O  OP2   . DG  D 4 8  ? 0.309   10.838  -0.078  1.00 105.67 ? 8   DG  D OP2   1 
ATOM   676 O  "O5'" . DG  D 4 8  ? -0.120  8.350   -0.099  1.00 90.41  ? 8   DG  D "O5'" 1 
ATOM   677 C  "C5'" . DG  D 4 8  ? -1.046  7.355   -0.457  1.00 80.88  ? 8   DG  D "C5'" 1 
ATOM   678 C  "C4'" . DG  D 4 8  ? -0.438  5.974   -0.429  1.00 82.32  ? 8   DG  D "C4'" 1 
ATOM   679 O  "O4'" . DG  D 4 8  ? -1.088  5.158   -1.427  1.00 88.33  ? 8   DG  D "O4'" 1 
ATOM   680 C  "C3'" . DG  D 4 8  ? 0.997   5.867   -0.831  1.00 69.40  ? 8   DG  D "C3'" 1 
ATOM   681 O  "O3'" . DG  D 4 8  ? 1.411   4.546   -0.504  1.00 70.16  ? 8   DG  D "O3'" 1 
ATOM   682 C  "C2'" . DG  D 4 8  ? 0.875   6.062   -2.343  1.00 66.87  ? 8   DG  D "C2'" 1 
ATOM   683 C  "C1'" . DG  D 4 8  ? -0.483  5.418   -2.672  1.00 75.19  ? 8   DG  D "C1'" 1 
ATOM   684 N  N9    . DG  D 4 8  ? -1.420  6.295   -3.415  1.00 80.43  ? 8   DG  D N9    1 
ATOM   685 C  C8    . DG  D 4 8  ? -1.323  7.661   -3.589  1.00 77.61  ? 8   DG  D C8    1 
ATOM   686 N  N7    . DG  D 4 8  ? -2.302  8.162   -4.267  1.00 76.70  ? 8   DG  D N7    1 
ATOM   687 C  C5    . DG  D 4 8  ? -3.126  7.076   -4.546  1.00 75.89  ? 8   DG  D C5    1 
ATOM   688 C  C6    . DG  D 4 8  ? -4.363  7.008   -5.257  1.00 85.68  ? 8   DG  D C6    1 
ATOM   689 O  O6    . DG  D 4 8  ? -5.003  7.938   -5.806  1.00 85.66  ? 8   DG  D O6    1 
ATOM   690 N  N1    . DG  D 4 8  ? -4.859  5.721   -5.304  1.00 79.27  ? 8   DG  D N1    1 
ATOM   691 C  C2    . DG  D 4 8  ? -4.246  4.636   -4.758  1.00 81.25  ? 8   DG  D C2    1 
ATOM   692 N  N2    . DG  D 4 8  ? -4.879  3.469   -4.922  1.00 93.21  ? 8   DG  D N2    1 
ATOM   693 N  N3    . DG  D 4 8  ? -3.094  4.674   -4.103  1.00 76.83  ? 8   DG  D N3    1 
ATOM   694 C  C4    . DG  D 4 8  ? -2.602  5.925   -4.028  1.00 72.42  ? 8   DG  D C4    1 
ATOM   695 P  P     . DC  D 4 9  ? 2.804   3.919   -0.999  1.00 73.58  ? 9   DC  D P     1 
ATOM   696 O  OP1   . DC  D 4 9  ? 2.953   2.586   -0.385  1.00 74.43  ? 9   DC  D OP1   1 
ATOM   697 O  OP2   . DC  D 4 9  ? 3.845   4.953   -0.818  1.00 71.54  ? 9   DC  D OP2   1 
ATOM   698 O  "O5'" . DC  D 4 9  ? 2.631   3.629   -2.549  1.00 72.79  ? 9   DC  D "O5'" 1 
ATOM   699 C  "C5'" . DC  D 4 9  ? 2.783   2.301   -3.044  1.00 72.48  ? 9   DC  D "C5'" 1 
ATOM   700 C  "C4'" . DC  D 4 9  ? 1.902   2.110   -4.264  1.00 69.49  ? 9   DC  D "C4'" 1 
ATOM   701 O  "O4'" . DC  D 4 9  ? 1.182   3.331   -4.537  1.00 69.36  ? 9   DC  D "O4'" 1 
ATOM   702 C  "C3'" . DC  D 4 9  ? 2.656   1.837   -5.534  1.00 62.34  ? 9   DC  D "C3'" 1 
ATOM   703 O  "O3'" . DC  D 4 9  ? 2.305   0.614   -6.031  1.00 62.25  ? 9   DC  D "O3'" 1 
ATOM   704 C  "C2'" . DC  D 4 9  ? 2.279   2.983   -6.472  1.00 62.42  ? 9   DC  D "C2'" 1 
ATOM   705 C  "C1'" . DC  D 4 9  ? 0.981   3.376   -5.908  1.00 61.28  ? 9   DC  D "C1'" 1 
ATOM   706 N  N1    . DC  D 4 9  ? 0.553   4.682   -6.243  1.00 61.50  ? 9   DC  D N1    1 
ATOM   707 C  C2    . DC  D 4 9  ? -0.684  4.841   -6.895  1.00 70.26  ? 9   DC  D C2    1 
ATOM   708 O  O2    . DC  D 4 9  ? -1.333  3.824   -7.232  1.00 63.87  ? 9   DC  D O2    1 
ATOM   709 N  N3    . DC  D 4 9  ? -1.132  6.095   -7.157  1.00 67.16  ? 9   DC  D N3    1 
ATOM   710 C  C4    . DC  D 4 9  ? -0.412  7.145   -6.781  1.00 64.68  ? 9   DC  D C4    1 
ATOM   711 N  N4    . DC  D 4 9  ? -0.897  8.343   -7.070  1.00 74.53  ? 9   DC  D N4    1 
ATOM   712 C  C5    . DC  D 4 9  ? 0.844   7.007   -6.110  1.00 61.74  ? 9   DC  D C5    1 
ATOM   713 C  C6    . DC  D 4 9  ? 1.276   5.760   -5.845  1.00 59.46  ? 9   DC  D C6    1 
ATOM   714 P  P     . DT  D 4 10 ? 3.404   -0.538  -5.861  1.00 77.84  ? 10  DT  D P     1 
ATOM   715 O  OP1   . DT  D 4 10 ? 2.768   -1.877  -5.759  1.00 87.85  ? 10  DT  D OP1   1 
ATOM   716 O  OP2   . DT  D 4 10 ? 4.329   0.097   -4.864  1.00 69.68  ? 10  DT  D OP2   1 
ATOM   717 O  "O5'" . DT  D 4 10 ? 4.265   -0.597  -7.207  1.00 70.01  ? 10  DT  D "O5'" 1 
ATOM   718 C  "C5'" . DT  D 4 10 ? 5.450   0.232   -7.328  1.00 77.11  ? 10  DT  D "C5'" 1 
ATOM   719 C  "C4'" . DT  D 4 10 ? 6.802   -0.522  -7.212  1.00 82.74  ? 10  DT  D "C4'" 1 
ATOM   720 O  "O4'" . DT  D 4 10 ? 7.678   0.286   -6.404  1.00 80.31  ? 10  DT  D "O4'" 1 
ATOM   721 C  "C3'" . DT  D 4 10 ? 6.800   -1.890  -6.535  1.00 84.09  ? 10  DT  D "C3'" 1 
ATOM   722 O  "O3'" . DT  D 4 10 ? 6.766   -2.963  -7.513  1.00 89.25  ? 10  DT  D "O3'" 1 
ATOM   723 C  "C2'" . DT  D 4 10 ? 8.125   -1.931  -5.793  1.00 74.48  ? 10  DT  D "C2'" 1 
ATOM   724 C  "C1'" . DT  D 4 10 ? 8.585   -0.507  -5.718  1.00 63.83  ? 10  DT  D "C1'" 1 
ATOM   725 N  N1    . DT  D 4 10 ? 8.690   -0.038  -4.338  1.00 69.06  ? 10  DT  D N1    1 
ATOM   726 C  C2    . DT  D 4 10 ? 9.892   -0.219  -3.703  1.00 79.78  ? 10  DT  D C2    1 
ATOM   727 O  O2    . DT  D 4 10 ? 10.860  -0.719  -4.248  1.00 86.71  ? 10  DT  D O2    1 
ATOM   728 N  N3    . DT  D 4 10 ? 9.943   0.209   -2.413  1.00 76.81  ? 10  DT  D N3    1 
ATOM   729 C  C4    . DT  D 4 10 ? 8.937   0.759   -1.683  1.00 77.81  ? 10  DT  D C4    1 
ATOM   730 O  O4    . DT  D 4 10 ? 9.100   1.095   -0.504  1.00 78.84  ? 10  DT  D O4    1 
ATOM   731 C  C5    . DT  D 4 10 ? 7.674   0.914   -2.392  1.00 76.59  ? 10  DT  D C5    1 
ATOM   732 C  C7    . DT  D 4 10 ? 6.489   1.516   -1.679  1.00 77.66  ? 10  DT  D C7    1 
ATOM   733 C  C6    . DT  D 4 10 ? 7.608   0.502   -3.685  1.00 67.13  ? 10  DT  D C6    1 
ATOM   734 P  P     . DG  D 4 11 ? 6.476   -4.486  -7.031  1.00 96.42  ? 11  DG  D P     1 
ATOM   735 O  OP1   . DG  D 4 11 ? 6.434   -5.275  -8.292  1.00 91.06  ? 11  DG  D OP1   1 
ATOM   736 O  OP2   . DG  D 4 11 ? 5.388   -4.536  -5.997  1.00 81.21  ? 11  DG  D OP2   1 
ATOM   737 O  "O5'" . DG  D 4 11 ? 7.779   -4.907  -6.219  1.00 87.52  ? 11  DG  D "O5'" 1 
ATOM   738 C  "C5'" . DG  D 4 11 ? 8.989   -5.167  -6.904  1.00 89.07  ? 11  DG  D "C5'" 1 
ATOM   739 C  "C4'" . DG  D 4 11 ? 10.064  -5.323  -5.885  1.00 90.34  ? 11  DG  D "C4'" 1 
ATOM   740 O  "O4'" . DG  D 4 11 ? 9.886   -4.316  -4.905  1.00 81.05  ? 11  DG  D "O4'" 1 
ATOM   741 C  "C3'" . DG  D 4 11 ? 9.936   -6.558  -5.036  1.00 110.28 ? 11  DG  D "C3'" 1 
ATOM   742 O  "O3'" . DG  D 4 11 ? 10.474  -7.693  -5.710  1.00 126.84 ? 11  DG  D "O3'" 1 
ATOM   743 C  "C2'" . DG  D 4 11 ? 10.754  -6.169  -3.794  1.00 106.35 ? 11  DG  D "C2'" 1 
ATOM   744 C  "C1'" . DG  D 4 11 ? 10.695  -4.646  -3.832  1.00 87.65  ? 11  DG  D "C1'" 1 
ATOM   745 N  N9    . DG  D 4 11 ? 10.125  -4.073  -2.667  1.00 78.98  ? 11  DG  D N9    1 
ATOM   746 C  C8    . DG  D 4 11 ? 8.846   -3.642  -2.503  1.00 84.92  ? 11  DG  D C8    1 
ATOM   747 N  N7    . DG  D 4 11 ? 8.616   -3.140  -1.318  1.00 81.69  ? 11  DG  D N7    1 
ATOM   748 C  C5    . DG  D 4 11 ? 9.827   -3.279  -0.666  1.00 92.48  ? 11  DG  D C5    1 
ATOM   749 C  C6    . DG  D 4 11 ? 10.202  -2.923  0.653   1.00 99.83  ? 11  DG  D C6    1 
ATOM   750 O  O6    . DG  D 4 11 ? 9.503   -2.400  1.530   1.00 101.03 ? 11  DG  D O6    1 
ATOM   751 N  N1    . DG  D 4 11 ? 11.545  -3.229  0.911   1.00 103.08 ? 11  DG  D N1    1 
ATOM   752 C  C2    . DG  D 4 11 ? 12.409  -3.807  -0.005  1.00 105.12 ? 11  DG  D C2    1 
ATOM   753 N  N2    . DG  D 4 11 ? 13.664  -4.026  0.408   1.00 107.62 ? 11  DG  D N2    1 
ATOM   754 N  N3    . DG  D 4 11 ? 12.062  -4.144  -1.245  1.00 100.42 ? 11  DG  D N3    1 
ATOM   755 C  C4    . DG  D 4 11 ? 10.763  -3.848  -1.498  1.00 93.45  ? 11  DG  D C4    1 
ATOM   756 P  P     . DT  D 4 12 ? 10.671  -9.077  -4.921  1.00 126.07 ? 12  DT  D P     1 
ATOM   757 O  OP1   . DT  D 4 12 ? 10.398  -10.102 -5.955  1.00 122.11 ? 12  DT  D OP1   1 
ATOM   758 O  OP2   . DT  D 4 12 ? 9.969   -9.051  -3.591  1.00 95.16  ? 12  DT  D OP2   1 
ATOM   759 O  "O5'" . DT  D 4 12 ? 12.237  -9.106  -4.628  1.00 117.02 ? 12  DT  D "O5'" 1 
ATOM   760 C  "C5'" . DT  D 4 12 ? 12.749  -10.061 -3.761  1.00 118.04 ? 12  DT  D "C5'" 1 
ATOM   761 C  "C4'" . DT  D 4 12 ? 13.149  -9.432  -2.446  1.00 115.98 ? 12  DT  D "C4'" 1 
ATOM   762 O  "O4'" . DT  D 4 12 ? 12.159  -8.511  -1.991  1.00 100.46 ? 12  DT  D "O4'" 1 
ATOM   763 C  "C3'" . DT  D 4 12 ? 13.282  -10.409 -1.291  1.00 125.62 ? 12  DT  D "C3'" 1 
ATOM   764 O  "O3'" . DT  D 4 12 ? 14.594  -10.872 -1.227  1.00 136.40 ? 12  DT  D "O3'" 1 
ATOM   765 C  "C2'" . DT  D 4 12 ? 12.915  -9.578  -0.049  1.00 114.79 ? 12  DT  D "C2'" 1 
ATOM   766 C  "C1'" . DT  D 4 12 ? 12.499  -8.246  -0.655  1.00 108.65 ? 12  DT  D "C1'" 1 
ATOM   767 N  N1    . DT  D 4 12 ? 11.373  -7.647  -0.011  1.00 106.00 ? 12  DT  D N1    1 
ATOM   768 C  C2    . DT  D 4 12 ? 11.535  -7.053  1.224   1.00 112.32 ? 12  DT  D C2    1 
ATOM   769 O  O2    . DT  D 4 12 ? 12.593  -7.031  1.825   1.00 120.85 ? 12  DT  D O2    1 
ATOM   770 N  N3    . DT  D 4 12 ? 10.414  -6.494  1.741   1.00 107.89 ? 12  DT  D N3    1 
ATOM   771 C  C4    . DT  D 4 12 ? 9.168   -6.461  1.156   1.00 111.47 ? 12  DT  D C4    1 
ATOM   772 O  O4    . DT  D 4 12 ? 8.206   -5.931  1.707   1.00 115.04 ? 12  DT  D O4    1 
ATOM   773 C  C5    . DT  D 4 12 ? 9.076   -7.101  -0.152  1.00 106.88 ? 12  DT  D C5    1 
ATOM   774 C  C7    . DT  D 4 12 ? 7.776   -7.134  -0.892  1.00 103.40 ? 12  DT  D C7    1 
ATOM   775 C  C6    . DT  D 4 12 ? 10.173  -7.653  -0.660  1.00 101.30 ? 12  DT  D C6    1 
ATOM   776 P  P     . DC  D 4 13 ? 14.924  -12.185 -0.381  1.00 142.84 ? 13  DC  D P     1 
ATOM   777 O  OP1   . DC  D 4 13 ? 16.375  -12.403 -0.578  1.00 135.67 ? 13  DC  D OP1   1 
ATOM   778 O  OP2   . DC  D 4 13 ? 13.908  -13.233 -0.655  1.00 139.38 ? 13  DC  D OP2   1 
ATOM   779 O  "O5'" . DC  D 4 13 ? 14.735  -11.712 1.102   1.00 117.28 ? 13  DC  D "O5'" 1 
ATOM   780 C  "C5'" . DC  D 4 13 ? 15.726  -10.973 1.660   1.00 122.86 ? 13  DC  D "C5'" 1 
ATOM   781 C  "C4'" . DC  D 4 13 ? 15.349  -10.726 3.056   1.00 133.53 ? 13  DC  D "C4'" 1 
ATOM   782 O  "O4'" . DC  D 4 13 ? 14.066  -10.084 3.048   1.00 127.61 ? 13  DC  D "O4'" 1 
ATOM   783 C  "C3'" . DC  D 4 13 ? 15.160  -12.010 3.867   1.00 149.59 ? 13  DC  D "C3'" 1 
ATOM   784 O  "O3'" . DC  D 4 13 ? 15.998  -11.948 5.031   1.00 159.23 ? 13  DC  D "O3'" 1 
ATOM   785 C  "C2'" . DC  D 4 13 ? 13.647  -12.011 4.205   1.00 144.83 ? 13  DC  D "C2'" 1 
ATOM   786 C  "C1'" . DC  D 4 13 ? 13.373  -10.527 4.172   1.00 135.85 ? 13  DC  D "C1'" 1 
ATOM   787 N  N1    . DC  D 4 13 ? 11.967  -10.109 4.025   1.00 131.65 ? 13  DC  D N1    1 
ATOM   788 C  C2    . DC  D 4 13 ? 11.418  -9.224  4.977   1.00 131.48 ? 13  DC  D C2    1 
ATOM   789 O  O2    . DC  D 4 13 ? 12.105  -8.869  5.950   1.00 130.74 ? 13  DC  D O2    1 
ATOM   790 N  N3    . DC  D 4 13 ? 10.147  -8.793  4.816   1.00 125.96 ? 13  DC  D N3    1 
ATOM   791 C  C4    . DC  D 4 13 ? 9.437   -9.189  3.761   1.00 125.86 ? 13  DC  D C4    1 
ATOM   792 N  N4    . DC  D 4 13 ? 8.184   -8.730  3.658   1.00 126.60 ? 13  DC  D N4    1 
ATOM   793 C  C5    . DC  D 4 13 ? 9.983   -10.076 2.762   1.00 122.06 ? 13  DC  D C5    1 
ATOM   794 C  C6    . DC  D 4 13 ? 11.248  -10.497 2.928   1.00 123.86 ? 13  DC  D C6    1 
ATOM   795 P  P     . DT  D 4 14 ? 16.212  -13.227 5.983   1.00 167.88 ? 14  DT  D P     1 
ATOM   796 O  OP1   . DT  D 4 14 ? 17.558  -13.068 6.583   1.00 166.87 ? 14  DT  D OP1   1 
ATOM   797 O  OP2   . DT  D 4 14 ? 15.923  -14.457 5.202   1.00 155.27 ? 14  DT  D OP2   1 
ATOM   798 O  "O5'" . DT  D 4 14 ? 15.123  -13.005 7.146   1.00 154.29 ? 14  DT  D "O5'" 1 
ATOM   799 C  "C5'" . DT  D 4 14 ? 15.165  -11.803 7.937   1.00 151.33 ? 14  DT  D "C5'" 1 
ATOM   800 C  "C4'" . DT  D 4 14 ? 14.041  -11.779 8.954   1.00 156.93 ? 14  DT  D "C4'" 1 
ATOM   801 O  "O4'" . DT  D 4 14 ? 12.813  -11.312 8.323   1.00 151.00 ? 14  DT  D "O4'" 1 
ATOM   802 C  "C3'" . DT  D 4 14 ? 13.701  -13.150 9.567   1.00 166.78 ? 14  DT  D "C3'" 1 
ATOM   803 O  "O3'" . DT  D 4 14 ? 13.546  -13.053 11.010  1.00 176.44 ? 14  DT  D "O3'" 1 
ATOM   804 C  "C2'" . DT  D 4 14 ? 12.385  -13.517 8.882   1.00 158.71 ? 14  DT  D "C2'" 1 
ATOM   805 C  "C1'" . DT  D 4 14 ? 11.762  -12.143 8.754   1.00 152.96 ? 14  DT  D "C1'" 1 
ATOM   806 N  N1    . DT  D 4 14 ? 10.638  -12.090 7.792   1.00 147.32 ? 14  DT  D N1    1 
ATOM   807 C  C2    . DT  D 4 14 ? 9.577   -11.237 8.048   1.00 147.59 ? 14  DT  D C2    1 
ATOM   808 O  O2    . DT  D 4 14 ? 9.531   -10.489 9.019   1.00 146.75 ? 14  DT  D O2    1 
ATOM   809 N  N3    . DT  D 4 14 ? 8.571   -11.278 7.110   1.00 145.62 ? 14  DT  D N3    1 
ATOM   810 C  C4    . DT  D 4 14 ? 8.515   -12.076 5.971   1.00 144.58 ? 14  DT  D C4    1 
ATOM   811 O  O4    . DT  D 4 14 ? 7.561   -12.039 5.188   1.00 140.52 ? 14  DT  D O4    1 
ATOM   812 C  C5    . DT  D 4 14 ? 9.657   -12.957 5.774   1.00 141.40 ? 14  DT  D C5    1 
ATOM   813 C  C7    . DT  D 4 14 ? 9.712   -13.864 4.578   1.00 132.11 ? 14  DT  D C7    1 
ATOM   814 C  C6    . DT  D 4 14 ? 10.647  -12.927 6.689   1.00 141.61 ? 14  DT  D C6    1 
ATOM   815 P  P     . DG  D 4 15 ? 14.061  -14.260 11.947  1.00 180.81 ? 15  DG  D P     1 
ATOM   816 O  OP1   . DG  D 4 15 ? 15.541  -14.188 11.901  1.00 177.80 ? 15  DG  D OP1   1 
ATOM   817 O  OP2   . DG  D 4 15 ? 13.352  -15.496 11.516  1.00 167.93 ? 15  DG  D OP2   1 
ATOM   818 O  "O5'" . DG  D 4 15 ? 13.603  -13.887 13.446  1.00 169.75 ? 15  DG  D "O5'" 1 
ATOM   819 C  "C5'" . DG  D 4 15 ? 13.063  -12.613 13.759  1.00 164.40 ? 15  DG  D "C5'" 1 
ATOM   820 C  "C4'" . DG  D 4 15 ? 11.567  -12.721 13.992  1.00 167.62 ? 15  DG  D "C4'" 1 
ATOM   821 O  "O4'" . DG  D 4 15 ? 10.905  -12.741 12.716  1.00 162.40 ? 15  DG  D "O4'" 1 
ATOM   822 C  "C3'" . DG  D 4 15 ? 11.106  -14.005 14.707  1.00 171.05 ? 15  DG  D "C3'" 1 
ATOM   823 O  "O3'" . DG  D 4 15 ? 10.779  -13.757 16.107  1.00 175.97 ? 15  DG  D "O3'" 1 
ATOM   824 C  "C2'" . DG  D 4 15 ? 9.892   -14.490 13.904  1.00 166.29 ? 15  DG  D "C2'" 1 
ATOM   825 C  "C1'" . DG  D 4 15 ? 9.678   -13.387 12.873  1.00 160.88 ? 15  DG  D "C1'" 1 
ATOM   826 N  N9    . DG  D 4 15 ? 9.243   -13.902 11.592  1.00 159.12 ? 15  DG  D N9    1 
ATOM   827 C  C8    . DG  D 4 15 ? 9.823   -14.912 10.853  1.00 155.11 ? 15  DG  D C8    1 
ATOM   828 N  N7    . DG  D 4 15 ? 9.180   -15.176 9.747   1.00 153.98 ? 15  DG  D N7    1 
ATOM   829 C  C5    . DG  D 4 15 ? 8.099   -14.290 9.763   1.00 155.73 ? 15  DG  D C5    1 
ATOM   830 C  C6    . DG  D 4 15 ? 7.047   -14.098 8.828   1.00 151.25 ? 15  DG  D C6    1 
ATOM   831 O  O6    . DG  D 4 15 ? 6.846   -14.700 7.759   1.00 149.95 ? 15  DG  D O6    1 
ATOM   832 N  N1    . DG  D 4 15 ? 6.166   -13.088 9.240   1.00 149.03 ? 15  DG  D N1    1 
ATOM   833 C  C2    . DG  D 4 15 ? 6.286   -12.360 10.406  1.00 150.20 ? 15  DG  D C2    1 
ATOM   834 N  N2    . DG  D 4 15 ? 5.338   -11.435 10.639  1.00 144.09 ? 15  DG  D N2    1 
ATOM   835 N  N3    . DG  D 4 15 ? 7.263   -12.532 11.287  1.00 156.02 ? 15  DG  D N3    1 
ATOM   836 C  C4    . DG  D 4 15 ? 8.130   -13.506 10.900  1.00 158.27 ? 15  DG  D C4    1 
ATOM   837 P  P     . DC  D 4 16 ? 9.347   -13.165 16.573  1.00 184.69 ? 16  DC  D P     1 
ATOM   838 O  OP1   . DC  D 4 16 ? 8.890   -12.133 15.608  1.00 176.74 ? 16  DC  D OP1   1 
ATOM   839 O  OP2   . DC  D 4 16 ? 9.469   -12.833 18.012  1.00 177.19 ? 16  DC  D OP2   1 
ATOM   840 O  "O5'" . DC  D 4 16 ? 8.344   -14.404 16.556  1.00 164.19 ? 16  DC  D "O5'" 1 
ATOM   841 C  "C5'" . DC  D 4 16 ? 7.065   -14.271 17.172  1.00 159.91 ? 16  DC  D "C5'" 1 
ATOM   842 C  "C4'" . DC  D 4 16 ? 6.121   -13.480 16.283  1.00 158.44 ? 16  DC  D "C4'" 1 
ATOM   843 O  "O4'" . DC  D 4 16 ? 6.480   -13.696 14.903  1.00 152.98 ? 16  DC  D "O4'" 1 
ATOM   844 C  "C3'" . DC  D 4 16 ? 4.657   -13.886 16.387  1.00 160.21 ? 16  DC  D "C3'" 1 
ATOM   845 O  "O3'" . DC  D 4 16 ? 3.996   -13.096 17.383  1.00 153.66 ? 16  DC  D "O3'" 1 
ATOM   846 C  "C2'" . DC  D 4 16 ? 4.096   -13.616 14.983  1.00 156.06 ? 16  DC  D "C2'" 1 
ATOM   847 C  "C1'" . DC  D 4 16 ? 5.347   -13.495 14.091  1.00 156.18 ? 16  DC  D "C1'" 1 
ATOM   848 N  N1    . DC  D 4 16 ? 5.397   -14.481 12.973  1.00 155.92 ? 16  DC  D N1    1 
ATOM   849 C  C2    . DC  D 4 16 ? 4.413   -14.452 11.963  1.00 155.78 ? 16  DC  D C2    1 
ATOM   850 O  O2    . DC  D 4 16 ? 3.504   -13.606 12.016  1.00 151.10 ? 16  DC  D O2    1 
ATOM   851 N  N3    . DC  D 4 16 ? 4.488   -15.360 10.949  1.00 156.60 ? 16  DC  D N3    1 
ATOM   852 C  C4    . DC  D 4 16 ? 5.485   -16.257 10.919  1.00 158.06 ? 16  DC  D C4    1 
ATOM   853 N  N4    . DC  D 4 16 ? 5.514   -17.130 9.898   1.00 156.27 ? 16  DC  D N4    1 
ATOM   854 C  C5    . DC  D 4 16 ? 6.498   -16.294 11.934  1.00 155.22 ? 16  DC  D C5    1 
ATOM   855 C  C6    . DC  D 4 16 ? 6.414   -15.398 12.930  1.00 152.85 ? 16  DC  D C6    1 
HETATM 856 AS AS    . CAC E 5 .  ? 4.062   8.216   -12.082 1.00 154.11 ? 101 CAC C AS    1 
HETATM 857 AS AS    . CAC F 5 .  ? -4.048  11.647  -6.068  1.00 140.21 ? 101 CAC D AS    1 
# 
loop_
_pdbx_poly_seq_scheme.asym_id 
_pdbx_poly_seq_scheme.entity_id 
_pdbx_poly_seq_scheme.seq_id 
_pdbx_poly_seq_scheme.mon_id 
_pdbx_poly_seq_scheme.ndb_seq_num 
_pdbx_poly_seq_scheme.pdb_seq_num 
_pdbx_poly_seq_scheme.auth_seq_num 
_pdbx_poly_seq_scheme.pdb_mon_id 
_pdbx_poly_seq_scheme.auth_mon_id 
_pdbx_poly_seq_scheme.pdb_strand_id 
_pdbx_poly_seq_scheme.pdb_ins_code 
_pdbx_poly_seq_scheme.hetero 
A 1 1  DG 1  1  1  DG DG A . n 
A 1 2  DA 2  2  2  DA DA A . n 
A 1 3  DG 3  3  3  DG DG A . n 
A 1 4  DC 4  4  4  DC DC A . n 
A 1 5  DA 5  5  5  DA DA A . n 
A 1 6  DG 6  6  6  DG DG A . n 
A 1 7  DA 7  7  7  DA DA A . n 
A 1 8  DC 8  8  8  DC DC A . n 
A 1 9  DA 9  9  9  DA DA A . n 
A 1 10 DT 10 10 10 DT DT A . n 
A 1 11 DG 11 11 11 DG DG A . n 
B 2 1  DA 1  12 12 DA DA B . n 
B 2 2  DC 2  13 13 DC DC B . n 
B 2 3  DT 3  14 14 DT DT B . n 
B 2 4  DG 4  15 15 DG DG B . n 
B 2 5  DC 5  16 16 DC DC B . n 
B 2 6  DA 6  17 17 DA DA B . n 
B 2 7  DC 7  18 18 DC DC B . n 
B 2 8  DT 8  19 19 DT DT B . n 
B 2 9  DC 9  20 20 DC DC B . n 
B 2 10 DA 10 21 21 DA DA B . n 
C 3 1  DC 1  1  1  DC DC C . n 
C 3 2  DA 2  2  2  DA DA C . n 
C 3 3  DA 3  3  3  DA DA C . n 
C 3 4  DG 4  4  4  DG DG C . n 
C 3 5  DT 5  5  5  DT DT C . n 
D 4 1  DT 1  1  1  DT DT D . n 
D 4 2  DC 2  2  2  DC DC D . n 
D 4 3  DT 3  3  3  DT DT D . n 
D 4 4  DG 4  4  4  DG DG D . n 
D 4 5  DA 5  5  5  DA DA D . n 
D 4 6  DG 6  6  6  DG DG D . n 
D 4 7  DT 7  7  7  DT DT D . n 
D 4 8  DG 8  8  8  DG DG D . n 
D 4 9  DC 9  9  9  DC DC D . n 
D 4 10 DT 10 10 10 DT DT D . n 
D 4 11 DG 11 11 11 DG DG D . n 
D 4 12 DT 12 12 12 DT DT D . n 
D 4 13 DC 13 13 13 DC DC D . n 
D 4 14 DT 14 14 14 DT DT D . n 
D 4 15 DG 15 15 15 DG DG D . n 
D 4 16 DC 16 16 16 DC DC D . n 
# 
loop_
_pdbx_nonpoly_scheme.asym_id 
_pdbx_nonpoly_scheme.entity_id 
_pdbx_nonpoly_scheme.mon_id 
_pdbx_nonpoly_scheme.ndb_seq_num 
_pdbx_nonpoly_scheme.pdb_seq_num 
_pdbx_nonpoly_scheme.auth_seq_num 
_pdbx_nonpoly_scheme.pdb_mon_id 
_pdbx_nonpoly_scheme.auth_mon_id 
_pdbx_nonpoly_scheme.pdb_strand_id 
_pdbx_nonpoly_scheme.pdb_ins_code 
E 5 CAC 1 101 1 CAC AS C . 
F 5 CAC 1 101 2 CAC AS D . 
# 
_pdbx_struct_assembly.id                   1 
_pdbx_struct_assembly.details              author_defined_assembly 
_pdbx_struct_assembly.method_details       ? 
_pdbx_struct_assembly.oligomeric_details   tetrameric 
_pdbx_struct_assembly.oligomeric_count     4 
# 
_pdbx_struct_assembly_gen.assembly_id       1 
_pdbx_struct_assembly_gen.oper_expression   1 
_pdbx_struct_assembly_gen.asym_id_list      A,B,C,D,E,F 
# 
_pdbx_struct_oper_list.id                   1 
_pdbx_struct_oper_list.type                 'identity operation' 
_pdbx_struct_oper_list.name                 1_555 
_pdbx_struct_oper_list.symmetry_operation   x,y,z 
_pdbx_struct_oper_list.matrix[1][1]         1.0000000000 
_pdbx_struct_oper_list.matrix[1][2]         0.0000000000 
_pdbx_struct_oper_list.matrix[1][3]         0.0000000000 
_pdbx_struct_oper_list.vector[1]            0.0000000000 
_pdbx_struct_oper_list.matrix[2][1]         0.0000000000 
_pdbx_struct_oper_list.matrix[2][2]         1.0000000000 
_pdbx_struct_oper_list.matrix[2][3]         0.0000000000 
_pdbx_struct_oper_list.vector[2]            0.0000000000 
_pdbx_struct_oper_list.matrix[3][1]         0.0000000000 
_pdbx_struct_oper_list.matrix[3][2]         0.0000000000 
_pdbx_struct_oper_list.matrix[3][3]         1.0000000000 
_pdbx_struct_oper_list.vector[3]            0.0000000000 
# 
loop_
_pdbx_audit_revision_history.ordinal 
_pdbx_audit_revision_history.data_content_type 
_pdbx_audit_revision_history.major_revision 
_pdbx_audit_revision_history.minor_revision 
_pdbx_audit_revision_history.revision_date 
1 'Structure model' 1 0 2021-07-14 
2 'Structure model' 1 1 2022-07-06 
3 'Structure model' 1 2 2023-10-18 
# 
_pdbx_audit_revision_details.ordinal             1 
_pdbx_audit_revision_details.revision_ordinal    1 
_pdbx_audit_revision_details.data_content_type   'Structure model' 
_pdbx_audit_revision_details.provider            repository 
_pdbx_audit_revision_details.type                'Initial release' 
_pdbx_audit_revision_details.description         ? 
_pdbx_audit_revision_details.details             ? 
# 
loop_
_pdbx_audit_revision_group.ordinal 
_pdbx_audit_revision_group.revision_ordinal 
_pdbx_audit_revision_group.data_content_type 
_pdbx_audit_revision_group.group 
1 2 'Structure model' 'Database references'    
2 3 'Structure model' 'Data collection'        
3 3 'Structure model' 'Refinement description' 
# 
loop_
_pdbx_audit_revision_category.ordinal 
_pdbx_audit_revision_category.revision_ordinal 
_pdbx_audit_revision_category.data_content_type 
_pdbx_audit_revision_category.category 
1 2 'Structure model' citation                      
2 2 'Structure model' citation_author               
3 2 'Structure model' database_2                    
4 3 'Structure model' chem_comp_atom                
5 3 'Structure model' chem_comp_bond                
6 3 'Structure model' pdbx_initial_refinement_model 
# 
loop_
_pdbx_audit_revision_item.ordinal 
_pdbx_audit_revision_item.revision_ordinal 
_pdbx_audit_revision_item.data_content_type 
_pdbx_audit_revision_item.item 
1  2 'Structure model' '_citation.country'                   
2  2 'Structure model' '_citation.journal_abbrev'            
3  2 'Structure model' '_citation.journal_id_CSD'            
4  2 'Structure model' '_citation.journal_id_ISSN'           
5  2 'Structure model' '_citation.journal_volume'            
6  2 'Structure model' '_citation.page_first'                
7  2 'Structure model' '_citation.page_last'                 
8  2 'Structure model' '_citation.pdbx_database_id_DOI'      
9  2 'Structure model' '_citation.pdbx_database_id_PubMed'   
10 2 'Structure model' '_citation.title'                     
11 2 'Structure model' '_citation.year'                      
12 2 'Structure model' '_database_2.pdbx_DOI'                
13 2 'Structure model' '_database_2.pdbx_database_accession' 
# 
loop_
_software.citation_id 
_software.classification 
_software.compiler_name 
_software.compiler_version 
_software.contact_author 
_software.contact_author_email 
_software.date 
_software.description 
_software.dependencies 
_software.hardware 
_software.language 
_software.location 
_software.mods 
_software.name 
_software.os 
_software.os_version 
_software.type 
_software.version 
_software.pdbx_ordinal 
? 'data reduction'  ? ? ? ? ? ? ? ? ? ? ? HKL-2000    ? ? ? .           1 
? 'data scaling'    ? ? ? ? ? ? ? ? ? ? ? HKL-2000    ? ? ? .           2 
? refinement        ? ? ? ? ? ? ? ? ? ? ? PHENIX      ? ? ? 1.11.1_2575 3 
? 'data extraction' ? ? ? ? ? ? ? ? ? ? ? PDB_EXTRACT ? ? ? 3.25        4 
? phasing           ? ? ? ? ? ? ? ? ? ? ? PHASER      ? ? ? .           5 
# 
_pdbx_entry_details.entry_id                 6XGK 
_pdbx_entry_details.has_ligand_of_interest   N 
_pdbx_entry_details.compound_details         ? 
_pdbx_entry_details.source_details           ? 
_pdbx_entry_details.nonpolymer_details       ? 
_pdbx_entry_details.sequence_details         ? 
# 
loop_
_pdbx_validate_rmsd_bond.id 
_pdbx_validate_rmsd_bond.PDB_model_num 
_pdbx_validate_rmsd_bond.auth_atom_id_1 
_pdbx_validate_rmsd_bond.auth_asym_id_1 
_pdbx_validate_rmsd_bond.auth_comp_id_1 
_pdbx_validate_rmsd_bond.auth_seq_id_1 
_pdbx_validate_rmsd_bond.PDB_ins_code_1 
_pdbx_validate_rmsd_bond.label_alt_id_1 
_pdbx_validate_rmsd_bond.auth_atom_id_2 
_pdbx_validate_rmsd_bond.auth_asym_id_2 
_pdbx_validate_rmsd_bond.auth_comp_id_2 
_pdbx_validate_rmsd_bond.auth_seq_id_2 
_pdbx_validate_rmsd_bond.PDB_ins_code_2 
_pdbx_validate_rmsd_bond.label_alt_id_2 
_pdbx_validate_rmsd_bond.bond_value 
_pdbx_validate_rmsd_bond.bond_target_value 
_pdbx_validate_rmsd_bond.bond_deviation 
_pdbx_validate_rmsd_bond.bond_standard_deviation 
_pdbx_validate_rmsd_bond.linker_flag 
1 1 "O3'" A DA 9  ? ? "C3'" A DA 9  ? ? 1.368 1.419 -0.051 0.006 N 
2 1 "O3'" B DA 12 ? ? "C3'" B DA 12 ? ? 1.354 1.419 -0.065 0.006 N 
3 1 "O3'" B DC 18 ? ? "C3'" B DC 18 ? ? 1.357 1.419 -0.062 0.006 N 
4 1 "O3'" B DT 19 ? ? "C3'" B DT 19 ? ? 1.355 1.419 -0.064 0.006 N 
5 1 C5    C DA 3  ? ? N7    C DA 3  ? ? 1.344 1.388 -0.044 0.006 N 
6 1 "O3'" C DG 4  ? ? "C3'" C DG 4  ? ? 1.382 1.419 -0.037 0.006 N 
7 1 "O3'" C DT 5  ? ? "C3'" C DT 5  ? ? 1.368 1.419 -0.051 0.006 N 
8 1 "O3'" D DC 9  ? ? "C3'" D DC 9  ? ? 1.366 1.419 -0.053 0.006 N 
# 
loop_
_pdbx_validate_rmsd_angle.id 
_pdbx_validate_rmsd_angle.PDB_model_num 
_pdbx_validate_rmsd_angle.auth_atom_id_1 
_pdbx_validate_rmsd_angle.auth_asym_id_1 
_pdbx_validate_rmsd_angle.auth_comp_id_1 
_pdbx_validate_rmsd_angle.auth_seq_id_1 
_pdbx_validate_rmsd_angle.PDB_ins_code_1 
_pdbx_validate_rmsd_angle.label_alt_id_1 
_pdbx_validate_rmsd_angle.auth_atom_id_2 
_pdbx_validate_rmsd_angle.auth_asym_id_2 
_pdbx_validate_rmsd_angle.auth_comp_id_2 
_pdbx_validate_rmsd_angle.auth_seq_id_2 
_pdbx_validate_rmsd_angle.PDB_ins_code_2 
_pdbx_validate_rmsd_angle.label_alt_id_2 
_pdbx_validate_rmsd_angle.auth_atom_id_3 
_pdbx_validate_rmsd_angle.auth_asym_id_3 
_pdbx_validate_rmsd_angle.auth_comp_id_3 
_pdbx_validate_rmsd_angle.auth_seq_id_3 
_pdbx_validate_rmsd_angle.PDB_ins_code_3 
_pdbx_validate_rmsd_angle.label_alt_id_3 
_pdbx_validate_rmsd_angle.angle_value 
_pdbx_validate_rmsd_angle.angle_target_value 
_pdbx_validate_rmsd_angle.angle_deviation 
_pdbx_validate_rmsd_angle.angle_standard_deviation 
_pdbx_validate_rmsd_angle.linker_flag 
1 1 "O4'" B DC 18 ? ? "C1'" B DC 18 ? ? N1    B DC 18 ? ? 110.88 108.30 2.58  0.30 N 
2 1 "C1'" C DC 1  ? ? "O4'" C DC 1  ? ? "C4'" C DC 1  ? ? 103.04 110.10 -7.06 1.00 N 
3 1 "O4'" C DG 4  ? ? "C4'" C DG 4  ? ? "C3'" C DG 4  ? ? 101.18 104.50 -3.32 0.40 N 
4 1 "O4'" C DT 5  ? ? "C4'" C DT 5  ? ? "C3'" C DT 5  ? ? 100.83 104.50 -3.67 0.40 N 
5 1 "O4'" C DT 5  ? ? "C1'" C DT 5  ? ? N1    C DT 5  ? ? 111.23 108.30 2.93  0.30 N 
6 1 "O4'" D DT 1  ? ? "C1'" D DT 1  ? ? N1    D DT 1  ? ? 110.83 108.30 2.53  0.30 N 
7 1 "O4'" D DG 8  ? ? "C4'" D DG 8  ? ? "C3'" D DG 8  ? ? 101.91 104.50 -2.59 0.40 N 
8 1 "O4'" D DG 11 ? ? "C4'" D DG 11 ? ? "C3'" D DG 11 ? ? 100.50 104.50 -4.00 0.40 N 
9 1 "O4'" D DT 14 ? ? "C1'" D DT 14 ? ? N1    D DT 14 ? ? 110.33 108.30 2.03  0.30 N 
# 
loop_
_pdbx_unobs_or_zero_occ_atoms.id 
_pdbx_unobs_or_zero_occ_atoms.PDB_model_num 
_pdbx_unobs_or_zero_occ_atoms.polymer_flag 
_pdbx_unobs_or_zero_occ_atoms.occupancy_flag 
_pdbx_unobs_or_zero_occ_atoms.auth_asym_id 
_pdbx_unobs_or_zero_occ_atoms.auth_comp_id 
_pdbx_unobs_or_zero_occ_atoms.auth_seq_id 
_pdbx_unobs_or_zero_occ_atoms.PDB_ins_code 
_pdbx_unobs_or_zero_occ_atoms.auth_atom_id 
_pdbx_unobs_or_zero_occ_atoms.label_alt_id 
_pdbx_unobs_or_zero_occ_atoms.label_asym_id 
_pdbx_unobs_or_zero_occ_atoms.label_comp_id 
_pdbx_unobs_or_zero_occ_atoms.label_seq_id 
_pdbx_unobs_or_zero_occ_atoms.label_atom_id 
1 1 N 1 C CAC 101 ? O1 ? E CAC 1 O1 
2 1 N 1 C CAC 101 ? O2 ? E CAC 1 O2 
3 1 N 1 C CAC 101 ? C1 ? E CAC 1 C1 
4 1 N 1 C CAC 101 ? C2 ? E CAC 1 C2 
5 1 N 1 D CAC 101 ? O1 ? F CAC 1 O1 
6 1 N 1 D CAC 101 ? O2 ? F CAC 1 O2 
7 1 N 1 D CAC 101 ? C1 ? F CAC 1 C1 
8 1 N 1 D CAC 101 ? C2 ? F CAC 1 C2 
# 
loop_
_chem_comp_atom.comp_id 
_chem_comp_atom.atom_id 
_chem_comp_atom.type_symbol 
_chem_comp_atom.pdbx_aromatic_flag 
_chem_comp_atom.pdbx_stereo_config 
_chem_comp_atom.pdbx_ordinal 
CAC AS     AS N N 1   
CAC O1     O  N N 2   
CAC O2     O  N N 3   
CAC C1     C  N N 4   
CAC C2     C  N N 5   
CAC H11    H  N N 6   
CAC H12    H  N N 7   
CAC H13    H  N N 8   
CAC H21    H  N N 9   
CAC H22    H  N N 10  
CAC H23    H  N N 11  
DA  OP3    O  N N 12  
DA  P      P  N N 13  
DA  OP1    O  N N 14  
DA  OP2    O  N N 15  
DA  "O5'"  O  N N 16  
DA  "C5'"  C  N N 17  
DA  "C4'"  C  N R 18  
DA  "O4'"  O  N N 19  
DA  "C3'"  C  N S 20  
DA  "O3'"  O  N N 21  
DA  "C2'"  C  N N 22  
DA  "C1'"  C  N R 23  
DA  N9     N  Y N 24  
DA  C8     C  Y N 25  
DA  N7     N  Y N 26  
DA  C5     C  Y N 27  
DA  C6     C  Y N 28  
DA  N6     N  N N 29  
DA  N1     N  Y N 30  
DA  C2     C  Y N 31  
DA  N3     N  Y N 32  
DA  C4     C  Y N 33  
DA  HOP3   H  N N 34  
DA  HOP2   H  N N 35  
DA  "H5'"  H  N N 36  
DA  "H5''" H  N N 37  
DA  "H4'"  H  N N 38  
DA  "H3'"  H  N N 39  
DA  "HO3'" H  N N 40  
DA  "H2'"  H  N N 41  
DA  "H2''" H  N N 42  
DA  "H1'"  H  N N 43  
DA  H8     H  N N 44  
DA  H61    H  N N 45  
DA  H62    H  N N 46  
DA  H2     H  N N 47  
DC  OP3    O  N N 48  
DC  P      P  N N 49  
DC  OP1    O  N N 50  
DC  OP2    O  N N 51  
DC  "O5'"  O  N N 52  
DC  "C5'"  C  N N 53  
DC  "C4'"  C  N R 54  
DC  "O4'"  O  N N 55  
DC  "C3'"  C  N S 56  
DC  "O3'"  O  N N 57  
DC  "C2'"  C  N N 58  
DC  "C1'"  C  N R 59  
DC  N1     N  N N 60  
DC  C2     C  N N 61  
DC  O2     O  N N 62  
DC  N3     N  N N 63  
DC  C4     C  N N 64  
DC  N4     N  N N 65  
DC  C5     C  N N 66  
DC  C6     C  N N 67  
DC  HOP3   H  N N 68  
DC  HOP2   H  N N 69  
DC  "H5'"  H  N N 70  
DC  "H5''" H  N N 71  
DC  "H4'"  H  N N 72  
DC  "H3'"  H  N N 73  
DC  "HO3'" H  N N 74  
DC  "H2'"  H  N N 75  
DC  "H2''" H  N N 76  
DC  "H1'"  H  N N 77  
DC  H41    H  N N 78  
DC  H42    H  N N 79  
DC  H5     H  N N 80  
DC  H6     H  N N 81  
DG  OP3    O  N N 82  
DG  P      P  N N 83  
DG  OP1    O  N N 84  
DG  OP2    O  N N 85  
DG  "O5'"  O  N N 86  
DG  "C5'"  C  N N 87  
DG  "C4'"  C  N R 88  
DG  "O4'"  O  N N 89  
DG  "C3'"  C  N S 90  
DG  "O3'"  O  N N 91  
DG  "C2'"  C  N N 92  
DG  "C1'"  C  N R 93  
DG  N9     N  Y N 94  
DG  C8     C  Y N 95  
DG  N7     N  Y N 96  
DG  C5     C  Y N 97  
DG  C6     C  N N 98  
DG  O6     O  N N 99  
DG  N1     N  N N 100 
DG  C2     C  N N 101 
DG  N2     N  N N 102 
DG  N3     N  N N 103 
DG  C4     C  Y N 104 
DG  HOP3   H  N N 105 
DG  HOP2   H  N N 106 
DG  "H5'"  H  N N 107 
DG  "H5''" H  N N 108 
DG  "H4'"  H  N N 109 
DG  "H3'"  H  N N 110 
DG  "HO3'" H  N N 111 
DG  "H2'"  H  N N 112 
DG  "H2''" H  N N 113 
DG  "H1'"  H  N N 114 
DG  H8     H  N N 115 
DG  H1     H  N N 116 
DG  H21    H  N N 117 
DG  H22    H  N N 118 
DT  OP3    O  N N 119 
DT  P      P  N N 120 
DT  OP1    O  N N 121 
DT  OP2    O  N N 122 
DT  "O5'"  O  N N 123 
DT  "C5'"  C  N N 124 
DT  "C4'"  C  N R 125 
DT  "O4'"  O  N N 126 
DT  "C3'"  C  N S 127 
DT  "O3'"  O  N N 128 
DT  "C2'"  C  N N 129 
DT  "C1'"  C  N R 130 
DT  N1     N  N N 131 
DT  C2     C  N N 132 
DT  O2     O  N N 133 
DT  N3     N  N N 134 
DT  C4     C  N N 135 
DT  O4     O  N N 136 
DT  C5     C  N N 137 
DT  C7     C  N N 138 
DT  C6     C  N N 139 
DT  HOP3   H  N N 140 
DT  HOP2   H  N N 141 
DT  "H5'"  H  N N 142 
DT  "H5''" H  N N 143 
DT  "H4'"  H  N N 144 
DT  "H3'"  H  N N 145 
DT  "HO3'" H  N N 146 
DT  "H2'"  H  N N 147 
DT  "H2''" H  N N 148 
DT  "H1'"  H  N N 149 
DT  H3     H  N N 150 
DT  H71    H  N N 151 
DT  H72    H  N N 152 
DT  H73    H  N N 153 
DT  H6     H  N N 154 
# 
loop_
_chem_comp_bond.comp_id 
_chem_comp_bond.atom_id_1 
_chem_comp_bond.atom_id_2 
_chem_comp_bond.value_order 
_chem_comp_bond.pdbx_aromatic_flag 
_chem_comp_bond.pdbx_stereo_config 
_chem_comp_bond.pdbx_ordinal 
CAC AS    O1     doub N N 1   
CAC AS    O2     sing N N 2   
CAC AS    C1     sing N N 3   
CAC AS    C2     sing N N 4   
CAC C1    H11    sing N N 5   
CAC C1    H12    sing N N 6   
CAC C1    H13    sing N N 7   
CAC C2    H21    sing N N 8   
CAC C2    H22    sing N N 9   
CAC C2    H23    sing N N 10  
DA  OP3   P      sing N N 11  
DA  OP3   HOP3   sing N N 12  
DA  P     OP1    doub N N 13  
DA  P     OP2    sing N N 14  
DA  P     "O5'"  sing N N 15  
DA  OP2   HOP2   sing N N 16  
DA  "O5'" "C5'"  sing N N 17  
DA  "C5'" "C4'"  sing N N 18  
DA  "C5'" "H5'"  sing N N 19  
DA  "C5'" "H5''" sing N N 20  
DA  "C4'" "O4'"  sing N N 21  
DA  "C4'" "C3'"  sing N N 22  
DA  "C4'" "H4'"  sing N N 23  
DA  "O4'" "C1'"  sing N N 24  
DA  "C3'" "O3'"  sing N N 25  
DA  "C3'" "C2'"  sing N N 26  
DA  "C3'" "H3'"  sing N N 27  
DA  "O3'" "HO3'" sing N N 28  
DA  "C2'" "C1'"  sing N N 29  
DA  "C2'" "H2'"  sing N N 30  
DA  "C2'" "H2''" sing N N 31  
DA  "C1'" N9     sing N N 32  
DA  "C1'" "H1'"  sing N N 33  
DA  N9    C8     sing Y N 34  
DA  N9    C4     sing Y N 35  
DA  C8    N7     doub Y N 36  
DA  C8    H8     sing N N 37  
DA  N7    C5     sing Y N 38  
DA  C5    C6     sing Y N 39  
DA  C5    C4     doub Y N 40  
DA  C6    N6     sing N N 41  
DA  C6    N1     doub Y N 42  
DA  N6    H61    sing N N 43  
DA  N6    H62    sing N N 44  
DA  N1    C2     sing Y N 45  
DA  C2    N3     doub Y N 46  
DA  C2    H2     sing N N 47  
DA  N3    C4     sing Y N 48  
DC  OP3   P      sing N N 49  
DC  OP3   HOP3   sing N N 50  
DC  P     OP1    doub N N 51  
DC  P     OP2    sing N N 52  
DC  P     "O5'"  sing N N 53  
DC  OP2   HOP2   sing N N 54  
DC  "O5'" "C5'"  sing N N 55  
DC  "C5'" "C4'"  sing N N 56  
DC  "C5'" "H5'"  sing N N 57  
DC  "C5'" "H5''" sing N N 58  
DC  "C4'" "O4'"  sing N N 59  
DC  "C4'" "C3'"  sing N N 60  
DC  "C4'" "H4'"  sing N N 61  
DC  "O4'" "C1'"  sing N N 62  
DC  "C3'" "O3'"  sing N N 63  
DC  "C3'" "C2'"  sing N N 64  
DC  "C3'" "H3'"  sing N N 65  
DC  "O3'" "HO3'" sing N N 66  
DC  "C2'" "C1'"  sing N N 67  
DC  "C2'" "H2'"  sing N N 68  
DC  "C2'" "H2''" sing N N 69  
DC  "C1'" N1     sing N N 70  
DC  "C1'" "H1'"  sing N N 71  
DC  N1    C2     sing N N 72  
DC  N1    C6     sing N N 73  
DC  C2    O2     doub N N 74  
DC  C2    N3     sing N N 75  
DC  N3    C4     doub N N 76  
DC  C4    N4     sing N N 77  
DC  C4    C5     sing N N 78  
DC  N4    H41    sing N N 79  
DC  N4    H42    sing N N 80  
DC  C5    C6     doub N N 81  
DC  C5    H5     sing N N 82  
DC  C6    H6     sing N N 83  
DG  OP3   P      sing N N 84  
DG  OP3   HOP3   sing N N 85  
DG  P     OP1    doub N N 86  
DG  P     OP2    sing N N 87  
DG  P     "O5'"  sing N N 88  
DG  OP2   HOP2   sing N N 89  
DG  "O5'" "C5'"  sing N N 90  
DG  "C5'" "C4'"  sing N N 91  
DG  "C5'" "H5'"  sing N N 92  
DG  "C5'" "H5''" sing N N 93  
DG  "C4'" "O4'"  sing N N 94  
DG  "C4'" "C3'"  sing N N 95  
DG  "C4'" "H4'"  sing N N 96  
DG  "O4'" "C1'"  sing N N 97  
DG  "C3'" "O3'"  sing N N 98  
DG  "C3'" "C2'"  sing N N 99  
DG  "C3'" "H3'"  sing N N 100 
DG  "O3'" "HO3'" sing N N 101 
DG  "C2'" "C1'"  sing N N 102 
DG  "C2'" "H2'"  sing N N 103 
DG  "C2'" "H2''" sing N N 104 
DG  "C1'" N9     sing N N 105 
DG  "C1'" "H1'"  sing N N 106 
DG  N9    C8     sing Y N 107 
DG  N9    C4     sing Y N 108 
DG  C8    N7     doub Y N 109 
DG  C8    H8     sing N N 110 
DG  N7    C5     sing Y N 111 
DG  C5    C6     sing N N 112 
DG  C5    C4     doub Y N 113 
DG  C6    O6     doub N N 114 
DG  C6    N1     sing N N 115 
DG  N1    C2     sing N N 116 
DG  N1    H1     sing N N 117 
DG  C2    N2     sing N N 118 
DG  C2    N3     doub N N 119 
DG  N2    H21    sing N N 120 
DG  N2    H22    sing N N 121 
DG  N3    C4     sing N N 122 
DT  OP3   P      sing N N 123 
DT  OP3   HOP3   sing N N 124 
DT  P     OP1    doub N N 125 
DT  P     OP2    sing N N 126 
DT  P     "O5'"  sing N N 127 
DT  OP2   HOP2   sing N N 128 
DT  "O5'" "C5'"  sing N N 129 
DT  "C5'" "C4'"  sing N N 130 
DT  "C5'" "H5'"  sing N N 131 
DT  "C5'" "H5''" sing N N 132 
DT  "C4'" "O4'"  sing N N 133 
DT  "C4'" "C3'"  sing N N 134 
DT  "C4'" "H4'"  sing N N 135 
DT  "O4'" "C1'"  sing N N 136 
DT  "C3'" "O3'"  sing N N 137 
DT  "C3'" "C2'"  sing N N 138 
DT  "C3'" "H3'"  sing N N 139 
DT  "O3'" "HO3'" sing N N 140 
DT  "C2'" "C1'"  sing N N 141 
DT  "C2'" "H2'"  sing N N 142 
DT  "C2'" "H2''" sing N N 143 
DT  "C1'" N1     sing N N 144 
DT  "C1'" "H1'"  sing N N 145 
DT  N1    C2     sing N N 146 
DT  N1    C6     sing N N 147 
DT  C2    O2     doub N N 148 
DT  C2    N3     sing N N 149 
DT  N3    C4     sing N N 150 
DT  N3    H3     sing N N 151 
DT  C4    O4     doub N N 152 
DT  C4    C5     sing N N 153 
DT  C5    C7     sing N N 154 
DT  C5    C6     doub N N 155 
DT  C7    H71    sing N N 156 
DT  C7    H72    sing N N 157 
DT  C7    H73    sing N N 158 
DT  C6    H6     sing N N 159 
# 
loop_
_ndb_struct_conf_na.entry_id 
_ndb_struct_conf_na.feature 
6XGK 'double helix'        
6XGK 'a-form double helix' 
6XGK 'b-form double helix' 
# 
loop_
_ndb_struct_na_base_pair.model_number 
_ndb_struct_na_base_pair.i_label_asym_id 
_ndb_struct_na_base_pair.i_label_comp_id 
_ndb_struct_na_base_pair.i_label_seq_id 
_ndb_struct_na_base_pair.i_symmetry 
_ndb_struct_na_base_pair.j_label_asym_id 
_ndb_struct_na_base_pair.j_label_comp_id 
_ndb_struct_na_base_pair.j_label_seq_id 
_ndb_struct_na_base_pair.j_symmetry 
_ndb_struct_na_base_pair.shear 
_ndb_struct_na_base_pair.stretch 
_ndb_struct_na_base_pair.stagger 
_ndb_struct_na_base_pair.buckle 
_ndb_struct_na_base_pair.propeller 
_ndb_struct_na_base_pair.opening 
_ndb_struct_na_base_pair.pair_number 
_ndb_struct_na_base_pair.pair_name 
_ndb_struct_na_base_pair.i_auth_asym_id 
_ndb_struct_na_base_pair.i_auth_seq_id 
_ndb_struct_na_base_pair.i_PDB_ins_code 
_ndb_struct_na_base_pair.j_auth_asym_id 
_ndb_struct_na_base_pair.j_auth_seq_id 
_ndb_struct_na_base_pair.j_PDB_ins_code 
_ndb_struct_na_base_pair.hbond_type_28 
_ndb_struct_na_base_pair.hbond_type_12 
1 A DG 3  1_555 D DC 16 1_555 0.318  -0.024 0.607  7.302   -22.880 -4.853  1  A_DG3:DC16_D A 3  ? D 16 ? 19 1 
1 A DC 4  1_555 D DG 15 1_555 0.156  0.228  0.287  1.658   -18.025 3.524   2  A_DC4:DG15_D A 4  ? D 15 ? 19 1 
1 A DA 5  1_555 D DT 14 1_555 0.649  0.306  0.681  -5.944  -15.262 5.848   3  A_DA5:DT14_D A 5  ? D 14 ? 20 1 
1 A DG 6  1_555 D DC 13 1_555 0.367  0.009  0.120  -0.567  -15.620 -10.403 4  A_DG6:DC13_D A 6  ? D 13 ? 19 1 
1 A DA 7  1_555 D DT 12 1_555 -0.117 -0.171 0.105  1.093   -10.959 -11.752 5  A_DA7:DT12_D A 7  ? D 12 ? 20 1 
1 A DC 8  1_555 D DG 11 1_555 0.199  -0.428 0.044  1.432   -11.511 -8.368  6  A_DC8:DG11_D A 8  ? D 11 ? 19 1 
1 A DA 9  1_555 D DT 10 1_555 -0.112 0.050  0.025  -12.653 -2.961  -3.475  7  A_DA9:DT10_D A 9  ? D 10 ? 20 1 
1 A DT 10 1_555 C DA 2  1_555 0.180  0.019  0.729  -9.886  -0.184  8.491   8  A_DT10:DA2_C A 10 ? C 2  ? 20 1 
1 A DG 11 1_555 C DC 1  1_555 0.536  -0.349 0.886  10.429  -8.672  -0.065  9  A_DG11:DC1_C A 11 ? C 1  ? 19 1 
1 B DA 1  1_555 C DT 5  1_555 0.634  -0.099 0.400  -0.253  -19.266 -7.432  10 B_DA12:DT5_C B 12 ? C 5  ? 20 1 
1 B DC 2  1_555 C DG 4  1_555 0.655  -0.773 0.513  0.487   -17.100 -2.884  11 B_DC13:DG4_C B 13 ? C 4  ? 19 1 
1 B DT 3  1_555 C DA 3  1_555 -1.025 -0.206 0.447  6.396   -7.722  -1.427  12 B_DT14:DA3_C B 14 ? C 3  ? 20 1 
1 B DG 4  1_555 D DC 9  1_555 -0.070 0.035  0.131  3.614   -6.554  2.744   13 B_DG15:DC9_D B 15 ? D 9  ? 19 1 
1 B DC 5  1_555 D DG 8  1_555 -0.182 0.051  0.526  1.374   -23.156 6.055   14 B_DC16:DG8_D B 16 ? D 8  ? 19 1 
1 B DA 6  1_555 D DT 7  1_555 0.927  -0.148 0.597  1.008   -4.882  -5.891  15 B_DA17:DT7_D B 17 ? D 7  ? 20 1 
1 B DC 7  1_555 D DG 6  1_555 0.212  -0.438 0.336  -0.509  -11.584 -5.214  16 B_DC18:DG6_D B 18 ? D 6  ? 19 1 
1 B DT 8  1_555 D DA 5  1_555 -0.926 0.322  0.037  1.333   -14.098 3.682   17 B_DT19:DA5_D B 19 ? D 5  ? 20 1 
1 B DC 9  1_555 D DG 4  1_555 -0.077 0.311  -0.341 9.445   -14.281 10.775  18 B_DC20:DG4_D B 20 ? D 4  ? 19 1 
# 
loop_
_ndb_struct_na_base_pair_step.model_number 
_ndb_struct_na_base_pair_step.i_label_asym_id_1 
_ndb_struct_na_base_pair_step.i_label_comp_id_1 
_ndb_struct_na_base_pair_step.i_label_seq_id_1 
_ndb_struct_na_base_pair_step.i_symmetry_1 
_ndb_struct_na_base_pair_step.j_label_asym_id_1 
_ndb_struct_na_base_pair_step.j_label_comp_id_1 
_ndb_struct_na_base_pair_step.j_label_seq_id_1 
_ndb_struct_na_base_pair_step.j_symmetry_1 
_ndb_struct_na_base_pair_step.i_label_asym_id_2 
_ndb_struct_na_base_pair_step.i_label_comp_id_2 
_ndb_struct_na_base_pair_step.i_label_seq_id_2 
_ndb_struct_na_base_pair_step.i_symmetry_2 
_ndb_struct_na_base_pair_step.j_label_asym_id_2 
_ndb_struct_na_base_pair_step.j_label_comp_id_2 
_ndb_struct_na_base_pair_step.j_label_seq_id_2 
_ndb_struct_na_base_pair_step.j_symmetry_2 
_ndb_struct_na_base_pair_step.shift 
_ndb_struct_na_base_pair_step.slide 
_ndb_struct_na_base_pair_step.rise 
_ndb_struct_na_base_pair_step.tilt 
_ndb_struct_na_base_pair_step.roll 
_ndb_struct_na_base_pair_step.twist 
_ndb_struct_na_base_pair_step.x_displacement 
_ndb_struct_na_base_pair_step.y_displacement 
_ndb_struct_na_base_pair_step.helical_rise 
_ndb_struct_na_base_pair_step.inclination 
_ndb_struct_na_base_pair_step.tip 
_ndb_struct_na_base_pair_step.helical_twist 
_ndb_struct_na_base_pair_step.step_number 
_ndb_struct_na_base_pair_step.step_name 
_ndb_struct_na_base_pair_step.i_auth_asym_id_1 
_ndb_struct_na_base_pair_step.i_auth_seq_id_1 
_ndb_struct_na_base_pair_step.i_PDB_ins_code_1 
_ndb_struct_na_base_pair_step.j_auth_asym_id_1 
_ndb_struct_na_base_pair_step.j_auth_seq_id_1 
_ndb_struct_na_base_pair_step.j_PDB_ins_code_1 
_ndb_struct_na_base_pair_step.i_auth_asym_id_2 
_ndb_struct_na_base_pair_step.i_auth_seq_id_2 
_ndb_struct_na_base_pair_step.i_PDB_ins_code_2 
_ndb_struct_na_base_pair_step.j_auth_asym_id_2 
_ndb_struct_na_base_pair_step.j_auth_seq_id_2 
_ndb_struct_na_base_pair_step.j_PDB_ins_code_2 
1 A DG 3  1_555 D DC 16 1_555 A DC 4  1_555 D DG 15 1_555 -0.064 -0.938 3.292 4.482  0.343  33.768 -1.656 0.826  3.248 0.588  
-7.673  34.058 1  AA_DG3DC4:DG15DC16_DD A 3  ? D 16 ? A 4  ? D 15 ? 
1 A DC 4  1_555 D DG 15 1_555 A DA 5  1_555 D DT 14 1_555 0.000  1.365  3.678 -4.230 2.228  37.789 1.771  -0.609 3.727 3.423  
6.500   38.079 2  AA_DC4DA5:DT14DG15_DD A 4  ? D 15 ? A 5  ? D 14 ? 
1 A DA 5  1_555 D DT 14 1_555 A DG 6  1_555 D DC 13 1_555 -0.796 -0.365 3.189 -1.390 1.733  27.719 -1.166 1.330  3.196 3.611  
2.895   27.806 3  AA_DA5DG6:DC13DT14_DD A 5  ? D 14 ? A 6  ? D 13 ? 
1 A DG 6  1_555 D DC 13 1_555 A DA 7  1_555 D DT 12 1_555 -0.068 -1.043 3.130 -3.372 5.850  33.644 -2.624 -0.379 2.906 9.982  
5.754   34.296 4  AA_DG6DA7:DT12DC13_DD A 6  ? D 13 ? A 7  ? D 12 ? 
1 A DA 7  1_555 D DT 12 1_555 A DC 8  1_555 D DG 11 1_555 0.021  -0.945 3.330 -4.035 -0.826 35.368 -1.424 -0.634 3.327 -1.354 
6.614   35.600 5  AA_DA7DC8:DG11DT12_DD A 7  ? D 12 ? A 8  ? D 11 ? 
1 A DC 8  1_555 D DG 11 1_555 A DA 9  1_555 D DT 10 1_555 -0.418 -1.401 3.633 -6.073 2.667  32.399 -2.962 -0.401 3.528 4.718  
10.743  33.054 6  AA_DC8DA9:DT10DG11_DD A 8  ? D 11 ? A 9  ? D 10 ? 
1 A DA 9  1_555 D DT 10 1_555 A DT 10 1_555 C DA 2  1_555 -0.581 -1.395 3.233 -3.520 -0.763 27.194 -2.753 0.352  3.317 -1.613 
7.444   27.427 7  AA_DA9DT10:DA2DT10_CD A 9  ? D 10 ? A 10 ? C 2  ? 
1 A DT 10 1_555 C DA 2  1_555 A DG 11 1_555 C DC 1  1_555 -0.505 1.093  2.873 -2.054 -2.897 38.971 1.935  0.540  2.809 -4.332 
3.071   39.126 8  AA_DT10DG11:DC1DA2_CC A 10 ? C 2  ? A 11 ? C 1  ? 
1 B DA 1  1_555 C DT 5  1_555 B DC 2  1_555 C DG 4  1_555 1.228  -1.515 3.048 -0.995 -1.109 32.713 -2.508 -2.338 3.058 -1.969 
1.766   32.746 9  BB_DA12DC13:DG4DT5_CC B 12 ? C 5  ? B 13 ? C 4  ? 
1 B DC 2  1_555 C DG 4  1_555 B DT 3  1_555 C DA 3  1_555 -0.084 -1.375 3.077 1.424  -1.006 26.578 -2.736 0.536  3.117 -2.185 
-3.094  26.634 10 BB_DC13DT14:DA3DG4_CC B 13 ? C 4  ? B 14 ? C 3  ? 
1 B DT 3  1_555 C DA 3  1_555 B DG 4  1_555 D DC 9  1_555 -0.421 -1.220 3.147 3.949  5.872  34.002 -2.876 1.265  2.838 9.908  
-6.663  34.709 11 BB_DT14DG15:DC9DA3_DC B 14 ? C 3  ? B 15 ? D 9  ? 
1 B DG 4  1_555 D DC 9  1_555 B DC 5  1_555 D DG 8  1_555 -0.712 1.160  3.497 1.696  1.045  32.760 1.862  1.571  3.491 1.850  
-3.003  32.819 12 BB_DG15DC16:DG8DC9_DD B 15 ? D 9  ? B 16 ? D 8  ? 
1 B DC 5  1_555 D DG 8  1_555 B DA 6  1_555 D DT 7  1_555 0.302  1.828  3.394 -0.878 -5.296 51.809 2.439  -0.404 3.200 -6.043 
1.002   52.067 13 BB_DC16DA17:DT7DG8_DD B 16 ? D 8  ? B 17 ? D 7  ? 
1 B DA 6  1_555 D DT 7  1_555 B DC 7  1_555 D DG 6  1_555 0.433  -1.306 3.277 -0.069 2.635  23.601 -4.026 -1.075 3.113 6.417  
0.169   23.746 14 BB_DA17DC18:DG6DT7_DD B 17 ? D 7  ? B 18 ? D 6  ? 
1 B DC 7  1_555 D DG 6  1_555 B DT 8  1_555 D DA 5  1_555 0.353  -0.350 3.208 6.086  1.395  31.541 -0.879 0.439  3.200 2.536  
-11.060 32.138 15 BB_DC18DT19:DA5DG6_DD B 18 ? D 6  ? B 19 ? D 5  ? 
1 B DT 8  1_555 D DA 5  1_555 B DC 9  1_555 D DG 4  1_555 0.981  1.019  3.206 7.385  6.837  36.003 0.653  -0.519 3.463 10.803 
-11.670 37.338 16 BB_DT19DC20:DG4DA5_DD B 19 ? D 5  ? B 20 ? D 4  ? 
# 
loop_
_pdbx_audit_support.funding_organization 
_pdbx_audit_support.country 
_pdbx_audit_support.grant_number 
_pdbx_audit_support.ordinal 
'National Science Foundation (NSF, United States)'                                         'United States' 1360635     1 
'National Institutes of Health/National Institute of General Medical Sciences (NIH/NIGMS)' 'United States' R01GM104960 2 
'National Science Foundation (NSF, United States)'                                         'United States' NSF2004250  3 
# 
_pdbx_entity_nonpoly.entity_id   5 
_pdbx_entity_nonpoly.name        'CACODYLATE ION' 
_pdbx_entity_nonpoly.comp_id     CAC 
# 
_pdbx_initial_refinement_model.id               1 
_pdbx_initial_refinement_model.entity_id_list   ? 
_pdbx_initial_refinement_model.type             'experimental model' 
_pdbx_initial_refinement_model.source_name      PDB 
_pdbx_initial_refinement_model.accession_code   6X8C 
_pdbx_initial_refinement_model.details          ? 
# 
_pdbx_struct_assembly_auth_evidence.id                     1 
_pdbx_struct_assembly_auth_evidence.assembly_id            1 
_pdbx_struct_assembly_auth_evidence.experimental_support   none 
_pdbx_struct_assembly_auth_evidence.details                ? 
# 
